data_7KAU
#
_entry.id   7KAU
#
_cell.length_a   1.00
_cell.length_b   1.00
_cell.length_c   1.00
_cell.angle_alpha   90.00
_cell.angle_beta   90.00
_cell.angle_gamma   90.00
#
_symmetry.space_group_name_H-M   'P 1'
#
loop_
_entity.id
_entity.type
_entity.pdbx_description
1 polymer 'Protein transport protein SEC61'
2 polymer 'Protein transport protein SSS1'
3 polymer 'Protein transport protein SBH1'
4 polymer 'Protein translocation protein SEC63'
5 polymer 'Translocation protein SEC66'
6 polymer 'Translocation protein SEC72'
7 polymer 'Protein transport protein Sec62'
#
loop_
_entity_poly.entity_id
_entity_poly.type
_entity_poly.pdbx_seq_one_letter_code
_entity_poly.pdbx_strand_id
1 'polypeptide(L)'
;MSSNRVLDLFKPFESFLPEVIAPERKVPYNQKLIWTGVSLLIFLILGQIPLYGIVSSETSDPLYWLRAMLASNRGTLLEL
GVSPIITSSLIFQFLQGTQLLQIRPESKQDRELFQIAQKVCAIILILGQALVVVMTGNYGAPSDLGLPICLLLIFQLMFA
SLIVMLLDELLSKGYGLGSGISLFIATNIAEQIFWRAFAPTTVNSGRGKEFEGAVIAFFHLLAVRKDKKRALVEAFYRTN
LPNMFQVLMTVAIFLFVLYLQGFRYELPIRSTKVRGQIGIYPIKLFYTSNTPIILQSALTSNIFLISQILFQKYPTNPLI
RLIGVWGIRPGTQGPQMALSGLAYYIQPLMSLSEALLDPIKTIVYITFVLGSCAVFSKTWIEISGTSPRDIAKQFKDQGM
VINGKRETSIYRELKKIIPTAAAFGGATIGALSVGSDLLGTLGSGASILLATTTIYGYYEAAAKEGGFTKNLVPGFSDLM
;
A
2 'polypeptide(L)' MARASEKGEEKKQSNNQVEKLVEAPVEFVREGTQFLAKCKKPDLKEYTKIVKAVGIGFIAVGIIGYAIKLIHIPIRYVIV C
3 'polypeptide(L)'
;MSSPTPPGGQRTLQKRKQGSSQKVAASAPKKNTNSNNSILKIYSDEATGLRVDPLVVLFLAVGFIFSVVALHVISKVAGK
LF
;
B
4 'polypeptide(L)'
;GGSGGSGGSGGSGGSPTNYEYDEASETWPSFILTGLLMVVGPMTLLQIYQIFFGANAEDGNSGKSKEFNEEVFKNLNEEY
TSDEIKQFRRKFDKNSNKKSKIWSRRNIIIIVGWILVAILLQRINSNDAIKDAATKLFDPYEILGISTSASDRDIKSAYR
KLSVKFHPDKLAKGLTPDEKSVMEETYVQITKAYESLTDELVRQNYLKYGHPDGPQSTSHGIALPRFLVDGSASPLLVVC
YVALLGLILPYFVSRWWARTQSYTKKGIHNVTASNFVSNLVNYKPSEIVTTDLILHWLSFAHEFKQFFPDLQPTDFEKLL
QDHINRRDSGKLNNAKFRIVAKCHSLLHGLLDIACGFRNLDIALGAINTFKCIVQAVPLTPNCQILQLPNVDKEHFITKT
GDIHTLGKLFTLEDAKIGEVLGIKDQAKLNETLRVASHIPNLKIIKADFLVPGRPYISLKVLVRSAKQPLIPTSLIPEEN
LTEPQDSESQRDPFAMMSKQPLVPYSFAPFFPTKRRGSWCCLVSSQKDGKILQTPIIIEKLSYKNLNDDKDFFDKRIKMD
LTKHEKFDINDWEIGTIKIPLGQPAPETVGDFFFRVIVKSTDYFTTDLDITMNMKVRDSPAVEQVEVYSEEDDEYSTDDD
ETESDDESDASDYTDIDTDTEAEDDESPEGENLYFQ
;
D
5 'polypeptide(L)'
;MSEFNETKFSNNGTFFETEEPIVETKSISVYTPLIYVFILVVSLVMFASSYRKKQAKKISEQPSIFDENDAHDLYFQIKE
MSENEKIHEKVLKAALLNRGAESVRRSLKLKELAPQINLLYKNGSIGEDYWKRFETEVKLIELEFKDTLQEAERLQPGWV
QLFVMVCKEICFNQALSRRYQSILKRKEVCIKEWELKINNDGRLVN
;
E
6 'polypeptide(L)'
;MVTLEYNANSKLITASDAVVALSTETNIDQINVLTTSLIGETNPNFTPQPNEALSKMIKGLFESGMKNLQQKKLNEALKN
VSLAIEMAQRKRAPWEAFAIQLPELHFMLRSKIDLCLILGKHLEALQDLDFLLGTGLIQPDVFVRKADCLLKLRQWEEAR
ATCERGLALAPEDMKLRALLIETARNLAEYNGE
;
F
7 'polypeptide(L)'
;(UNK)(UNK)(UNK)(UNK)(UNK)(UNK)(UNK)(UNK)(UNK)(UNK)(UNK)(UNK)(UNK)(UNK)(UNK)(UNK)
(UNK)(UNK)(UNK)(UNK)(UNK)(UNK)(UNK)(UNK)(UNK)(UNK)(UNK)(UNK)(UNK)(UNK)(UNK)(UNK)
(UNK)(UNK)(UNK)(UNK)(UNK)(UNK)(UNK)(UNK)(UNK)(UNK)(UNK)(UNK)(UNK)(UNK)(UNK)(UNK)
(UNK)(UNK)(UNK)(UNK)(UNK)(UNK)(UNK)(UNK)
;
G
#
# COMPACT_ATOMS: atom_id res chain seq x y z
N PRO A 12 -10.08 -34.43 -11.06
CA PRO A 12 -8.63 -34.24 -10.98
C PRO A 12 -7.94 -34.52 -12.31
N PHE A 13 -7.34 -33.49 -12.91
CA PHE A 13 -6.66 -33.63 -14.19
C PHE A 13 -5.63 -32.51 -14.30
N GLU A 14 -4.88 -32.51 -15.41
CA GLU A 14 -3.89 -31.50 -15.70
C GLU A 14 -4.34 -30.65 -16.87
N SER A 15 -3.92 -29.39 -16.87
CA SER A 15 -4.34 -28.46 -17.91
C SER A 15 -3.38 -27.28 -17.97
N PHE A 16 -3.23 -26.72 -19.17
CA PHE A 16 -2.38 -25.55 -19.40
C PHE A 16 -3.20 -24.56 -20.23
N LEU A 17 -3.81 -23.60 -19.56
CA LEU A 17 -4.70 -22.63 -20.17
C LEU A 17 -4.29 -21.22 -19.79
N PRO A 18 -4.69 -20.22 -20.56
CA PRO A 18 -4.36 -18.83 -20.20
C PRO A 18 -5.17 -18.36 -19.00
N GLU A 19 -4.51 -17.54 -18.19
CA GLU A 19 -5.15 -16.97 -17.00
C GLU A 19 -4.33 -15.76 -16.55
N VAL A 20 -5.00 -14.86 -15.85
CA VAL A 20 -4.35 -13.68 -15.31
C VAL A 20 -3.79 -14.01 -13.94
N ILE A 21 -2.63 -13.44 -13.64
CA ILE A 21 -1.93 -13.72 -12.40
C ILE A 21 -2.27 -12.68 -11.35
N ALA A 22 -2.39 -13.11 -10.11
CA ALA A 22 -2.72 -12.22 -9.01
C ALA A 22 -1.48 -11.45 -8.56
N PRO A 23 -1.66 -10.22 -8.08
CA PRO A 23 -0.52 -9.47 -7.56
C PRO A 23 0.00 -10.08 -6.28
N GLU A 24 1.33 -10.10 -6.14
CA GLU A 24 1.95 -10.65 -4.94
C GLU A 24 1.80 -9.72 -3.74
N ARG A 25 1.65 -8.43 -3.98
CA ARG A 25 1.43 -7.46 -2.93
C ARG A 25 0.09 -6.77 -3.14
N LYS A 26 -0.43 -6.17 -2.07
CA LYS A 26 -1.70 -5.48 -2.15
C LYS A 26 -1.58 -4.26 -3.06
N VAL A 27 -2.59 -4.07 -3.92
CA VAL A 27 -2.59 -2.99 -4.89
C VAL A 27 -3.22 -1.75 -4.26
N PRO A 28 -2.64 -0.56 -4.45
CA PRO A 28 -3.24 0.65 -3.89
C PRO A 28 -4.60 0.97 -4.50
N TYR A 29 -5.22 2.05 -4.03
CA TYR A 29 -6.58 2.35 -4.42
C TYR A 29 -6.64 2.94 -5.84
N ASN A 30 -5.66 3.77 -6.20
CA ASN A 30 -5.75 4.50 -7.46
C ASN A 30 -5.59 3.59 -8.65
N GLN A 31 -4.62 2.68 -8.61
CA GLN A 31 -4.47 1.71 -9.70
C GLN A 31 -5.72 0.86 -9.85
N LYS A 32 -6.32 0.45 -8.73
CA LYS A 32 -7.53 -0.34 -8.79
C LYS A 32 -8.66 0.43 -9.44
N LEU A 33 -8.82 1.71 -9.08
CA LEU A 33 -9.87 2.52 -9.68
C LEU A 33 -9.65 2.70 -11.17
N ILE A 34 -8.41 2.98 -11.57
CA ILE A 34 -8.14 3.19 -12.99
C ILE A 34 -8.38 1.92 -13.79
N TRP A 35 -7.96 0.77 -13.25
CA TRP A 35 -8.18 -0.48 -13.96
C TRP A 35 -9.65 -0.80 -14.06
N THR A 36 -10.42 -0.54 -13.00
CA THR A 36 -11.86 -0.73 -13.07
C THR A 36 -12.47 0.13 -14.17
N GLY A 37 -12.08 1.41 -14.21
CA GLY A 37 -12.61 2.30 -15.23
C GLY A 37 -12.28 1.84 -16.64
N VAL A 38 -11.03 1.43 -16.87
CA VAL A 38 -10.64 1.04 -18.22
C VAL A 38 -11.32 -0.26 -18.64
N SER A 39 -11.40 -1.23 -17.73
CA SER A 39 -12.10 -2.47 -18.04
C SER A 39 -13.56 -2.20 -18.35
N LEU A 40 -14.20 -1.31 -17.59
CA LEU A 40 -15.60 -1.00 -17.85
C LEU A 40 -15.76 -0.33 -19.20
N LEU A 41 -14.86 0.58 -19.55
CA LEU A 41 -14.95 1.23 -20.85
C LEU A 41 -14.80 0.24 -21.99
N ILE A 42 -13.86 -0.70 -21.86
CA ILE A 42 -13.67 -1.70 -22.92
C ILE A 42 -14.90 -2.59 -23.04
N PHE A 43 -15.40 -3.10 -21.91
CA PHE A 43 -16.59 -3.94 -21.97
C PHE A 43 -17.77 -3.18 -22.57
N LEU A 44 -17.90 -1.89 -22.26
CA LEU A 44 -19.04 -1.14 -22.77
C LEU A 44 -18.91 -0.87 -24.26
N ILE A 45 -17.71 -0.56 -24.74
CA ILE A 45 -17.53 -0.38 -26.18
C ILE A 45 -17.76 -1.69 -26.91
N LEU A 46 -17.37 -2.82 -26.32
CA LEU A 46 -17.45 -4.09 -27.03
C LEU A 46 -18.89 -4.45 -27.39
N GLY A 47 -19.86 -3.90 -26.68
CA GLY A 47 -21.24 -4.27 -26.90
C GLY A 47 -22.02 -3.43 -27.87
N GLN A 48 -21.37 -2.54 -28.62
CA GLN A 48 -22.07 -1.64 -29.53
C GLN A 48 -21.69 -1.84 -30.99
N ILE A 49 -20.72 -2.70 -31.29
CA ILE A 49 -20.21 -2.86 -32.65
C ILE A 49 -20.90 -4.03 -33.33
N PRO A 50 -21.38 -3.88 -34.56
CA PRO A 50 -22.08 -4.97 -35.23
C PRO A 50 -21.11 -6.01 -35.79
N LEU A 51 -21.64 -7.21 -36.00
CA LEU A 51 -20.86 -8.30 -36.58
C LEU A 51 -20.57 -8.00 -38.04
N TYR A 52 -19.88 -8.91 -38.72
CA TYR A 52 -19.51 -8.70 -40.11
C TYR A 52 -20.42 -9.41 -41.09
N GLY A 53 -20.62 -10.72 -40.93
CA GLY A 53 -21.39 -11.49 -41.89
C GLY A 53 -22.88 -11.29 -41.84
N ILE A 54 -23.37 -10.46 -40.90
CA ILE A 54 -24.81 -10.27 -40.79
C ILE A 54 -25.34 -9.59 -42.05
N VAL A 55 -26.54 -9.99 -42.46
CA VAL A 55 -27.19 -9.40 -43.62
C VAL A 55 -28.62 -8.96 -43.25
N PRO A 62 -38.64 -12.00 -28.70
CA PRO A 62 -37.87 -12.29 -27.49
C PRO A 62 -38.38 -11.53 -26.27
N LEU A 63 -37.72 -11.72 -25.13
CA LEU A 63 -38.08 -11.04 -23.89
C LEU A 63 -37.01 -10.03 -23.52
N TYR A 64 -37.43 -8.80 -23.24
CA TYR A 64 -36.49 -7.77 -22.81
C TYR A 64 -35.99 -8.04 -21.40
N TRP A 65 -36.76 -8.78 -20.60
CA TRP A 65 -36.36 -9.05 -19.21
C TRP A 65 -35.06 -9.84 -19.16
N LEU A 66 -34.96 -10.91 -19.95
CA LEU A 66 -33.76 -11.74 -19.91
C LEU A 66 -32.55 -11.01 -20.46
N ARG A 67 -32.75 -10.20 -21.51
CA ARG A 67 -31.62 -9.45 -22.06
C ARG A 67 -31.20 -8.31 -21.15
N ALA A 68 -32.12 -7.79 -20.33
CA ALA A 68 -31.76 -6.75 -19.39
C ALA A 68 -31.05 -7.32 -18.16
N MET A 69 -31.53 -8.47 -17.66
CA MET A 69 -30.92 -9.09 -16.49
C MET A 69 -29.61 -9.78 -16.83
N LEU A 70 -29.47 -10.27 -18.06
CA LEU A 70 -28.22 -10.84 -18.52
C LEU A 70 -27.27 -9.79 -19.07
N ALA A 71 -27.72 -8.53 -19.18
CA ALA A 71 -26.89 -7.42 -19.59
C ALA A 71 -26.26 -7.69 -20.96
N SER A 72 -27.12 -8.01 -21.93
CA SER A 72 -26.66 -8.30 -23.27
C SER A 72 -27.72 -7.84 -24.27
N ASN A 73 -27.27 -7.57 -25.49
CA ASN A 73 -28.17 -7.12 -26.56
C ASN A 73 -27.78 -7.82 -27.86
N ARG A 74 -28.78 -8.04 -28.71
CA ARG A 74 -28.58 -8.77 -29.94
C ARG A 74 -28.05 -7.87 -31.05
N GLY A 75 -27.52 -8.50 -32.08
CA GLY A 75 -27.01 -7.78 -33.23
C GLY A 75 -25.65 -7.16 -33.06
N THR A 76 -24.90 -7.54 -32.03
CA THR A 76 -23.60 -6.95 -31.75
C THR A 76 -22.65 -8.04 -31.28
N LEU A 77 -21.37 -7.68 -31.18
CA LEU A 77 -20.33 -8.63 -30.78
C LEU A 77 -20.60 -9.25 -29.42
N LEU A 78 -21.41 -8.61 -28.59
CA LEU A 78 -21.66 -9.05 -27.21
C LEU A 78 -22.98 -9.81 -27.10
N GLU A 79 -23.32 -10.60 -28.12
CA GLU A 79 -24.64 -11.20 -28.16
C GLU A 79 -24.89 -12.13 -26.98
N LEU A 80 -23.89 -12.96 -26.63
CA LEU A 80 -24.08 -13.88 -25.52
C LEU A 80 -24.02 -13.16 -24.17
N GLY A 81 -23.24 -12.09 -24.07
CA GLY A 81 -23.17 -11.36 -22.82
C GLY A 81 -22.46 -12.17 -21.74
N VAL A 82 -22.91 -11.98 -20.51
CA VAL A 82 -22.34 -12.68 -19.36
C VAL A 82 -23.13 -13.95 -19.03
N SER A 83 -23.97 -14.41 -19.97
CA SER A 83 -24.75 -15.63 -19.71
C SER A 83 -23.88 -16.85 -19.45
N PRO A 84 -22.81 -17.12 -20.20
CA PRO A 84 -22.03 -18.33 -19.86
C PRO A 84 -21.36 -18.24 -18.51
N ILE A 85 -20.81 -17.07 -18.16
CA ILE A 85 -20.17 -16.92 -16.86
C ILE A 85 -21.19 -17.13 -15.74
N ILE A 86 -22.36 -16.49 -15.86
CA ILE A 86 -23.33 -16.58 -14.78
C ILE A 86 -23.88 -17.99 -14.67
N THR A 87 -24.08 -18.69 -15.80
CA THR A 87 -24.62 -20.03 -15.71
C THR A 87 -23.57 -21.00 -15.17
N SER A 88 -22.30 -20.81 -15.51
CA SER A 88 -21.25 -21.65 -14.95
C SER A 88 -21.14 -21.44 -13.45
N SER A 89 -21.20 -20.19 -13.00
CA SER A 89 -21.13 -19.92 -11.57
C SER A 89 -22.32 -20.54 -10.84
N LEU A 90 -23.52 -20.41 -11.41
CA LEU A 90 -24.70 -20.98 -10.75
C LEU A 90 -24.64 -22.51 -10.72
N ILE A 91 -24.16 -23.13 -11.80
CA ILE A 91 -24.07 -24.59 -11.83
C ILE A 91 -23.07 -25.08 -10.79
N PHE A 92 -21.92 -24.42 -10.67
CA PHE A 92 -20.95 -24.86 -9.67
C PHE A 92 -21.44 -24.55 -8.25
N GLN A 93 -22.20 -23.47 -8.07
CA GLN A 93 -22.83 -23.24 -6.78
C GLN A 93 -23.79 -24.37 -6.43
N PHE A 94 -24.58 -24.82 -7.40
CA PHE A 94 -25.48 -25.94 -7.16
C PHE A 94 -24.72 -27.22 -6.84
N LEU A 95 -23.63 -27.48 -7.57
CA LEU A 95 -22.83 -28.67 -7.30
C LEU A 95 -22.21 -28.63 -5.91
N GLN A 96 -21.80 -27.45 -5.46
CA GLN A 96 -21.30 -27.33 -4.10
C GLN A 96 -22.43 -27.48 -3.07
N GLY A 97 -23.63 -27.02 -3.42
CA GLY A 97 -24.76 -27.15 -2.51
C GLY A 97 -25.21 -28.58 -2.31
N THR A 98 -25.11 -29.41 -3.35
CA THR A 98 -25.45 -30.83 -3.22
C THR A 98 -24.41 -31.62 -2.44
N GLN A 99 -23.32 -30.98 -2.04
CA GLN A 99 -22.25 -31.66 -1.29
C GLN A 99 -21.70 -32.85 -2.07
N LEU A 100 -21.68 -32.72 -3.40
CA LEU A 100 -21.16 -33.77 -4.26
C LEU A 100 -19.66 -33.66 -4.47
N LEU A 101 -19.14 -32.44 -4.59
CA LEU A 101 -17.70 -32.26 -4.76
C LEU A 101 -16.95 -32.44 -3.45
N GLN A 102 -17.64 -32.38 -2.31
CA GLN A 102 -17.06 -32.54 -0.97
C GLN A 102 -15.71 -31.83 -0.85
N ILE A 103 -15.69 -30.57 -1.28
CA ILE A 103 -14.47 -29.78 -1.23
C ILE A 103 -14.03 -29.59 0.22
N ARG A 104 -12.72 -29.72 0.46
CA ARG A 104 -12.16 -29.52 1.78
C ARG A 104 -11.38 -28.22 1.82
N PRO A 105 -11.68 -27.32 2.76
CA PRO A 105 -10.94 -26.04 2.82
C PRO A 105 -9.49 -26.18 3.23
N GLU A 106 -9.07 -27.36 3.71
CA GLU A 106 -7.70 -27.57 4.12
C GLU A 106 -6.75 -27.78 2.95
N SER A 107 -7.26 -27.81 1.72
CA SER A 107 -6.44 -28.05 0.53
C SER A 107 -6.64 -26.93 -0.47
N LYS A 108 -5.53 -26.34 -0.92
CA LYS A 108 -5.58 -25.28 -1.91
C LYS A 108 -5.49 -25.80 -3.34
N GLN A 109 -4.80 -26.93 -3.54
CA GLN A 109 -4.78 -27.55 -4.86
C GLN A 109 -6.18 -27.98 -5.28
N ASP A 110 -6.99 -28.41 -4.32
CA ASP A 110 -8.37 -28.75 -4.63
C ASP A 110 -9.16 -27.54 -5.10
N ARG A 111 -8.94 -26.38 -4.46
CA ARG A 111 -9.62 -25.17 -4.90
C ARG A 111 -9.13 -24.73 -6.28
N GLU A 112 -7.84 -24.88 -6.55
CA GLU A 112 -7.32 -24.56 -7.88
C GLU A 112 -7.94 -25.48 -8.93
N LEU A 113 -8.08 -26.76 -8.62
CA LEU A 113 -8.73 -27.69 -9.54
C LEU A 113 -10.20 -27.33 -9.73
N PHE A 114 -10.86 -26.91 -8.66
CA PHE A 114 -12.25 -26.47 -8.77
C PHE A 114 -12.38 -25.30 -9.72
N GLN A 115 -11.52 -24.30 -9.57
CA GLN A 115 -11.56 -23.13 -10.44
C GLN A 115 -11.23 -23.49 -11.89
N ILE A 116 -10.26 -24.38 -12.10
CA ILE A 116 -9.91 -24.76 -13.46
C ILE A 116 -11.03 -25.57 -14.10
N ALA A 117 -11.76 -26.35 -13.30
CA ALA A 117 -12.93 -27.04 -13.82
C ALA A 117 -14.03 -26.06 -14.19
N GLN A 118 -14.23 -25.04 -13.35
CA GLN A 118 -15.18 -23.97 -13.69
C GLN A 118 -14.83 -23.35 -15.04
N LYS A 119 -13.56 -23.03 -15.24
CA LYS A 119 -13.16 -22.40 -16.49
C LYS A 119 -13.34 -23.33 -17.68
N VAL A 120 -12.96 -24.61 -17.52
CA VAL A 120 -13.02 -25.52 -18.66
C VAL A 120 -14.45 -25.90 -19.00
N CYS A 121 -15.38 -25.86 -18.04
CA CYS A 121 -16.77 -26.07 -18.40
C CYS A 121 -17.41 -24.81 -18.95
N ALA A 122 -16.99 -23.64 -18.48
CA ALA A 122 -17.52 -22.40 -19.03
C ALA A 122 -17.13 -22.24 -20.50
N ILE A 123 -15.90 -22.58 -20.86
CA ILE A 123 -15.50 -22.45 -22.26
C ILE A 123 -16.28 -23.43 -23.14
N ILE A 124 -16.53 -24.63 -22.63
CA ILE A 124 -17.31 -25.59 -23.39
C ILE A 124 -18.74 -25.10 -23.58
N LEU A 125 -19.32 -24.50 -22.53
CA LEU A 125 -20.66 -23.96 -22.66
C LEU A 125 -20.70 -22.80 -23.64
N ILE A 126 -19.65 -21.97 -23.65
CA ILE A 126 -19.57 -20.89 -24.62
C ILE A 126 -19.59 -21.46 -26.04
N LEU A 127 -18.76 -22.47 -26.29
CA LEU A 127 -18.70 -23.05 -27.62
C LEU A 127 -20.04 -23.65 -28.02
N GLY A 128 -20.67 -24.40 -27.11
CA GLY A 128 -21.95 -25.01 -27.42
C GLY A 128 -23.03 -23.98 -27.72
N GLN A 129 -23.13 -22.95 -26.88
CA GLN A 129 -24.14 -21.92 -27.09
C GLN A 129 -23.89 -21.17 -28.38
N ALA A 130 -22.62 -20.90 -28.72
CA ALA A 130 -22.32 -20.20 -29.95
C ALA A 130 -22.73 -21.03 -31.16
N LEU A 131 -22.39 -22.32 -31.15
CA LEU A 131 -22.79 -23.19 -32.25
C LEU A 131 -24.30 -23.26 -32.37
N VAL A 132 -25.00 -23.34 -31.23
CA VAL A 132 -26.45 -23.40 -31.27
C VAL A 132 -27.03 -22.13 -31.90
N VAL A 133 -26.57 -20.96 -31.44
CA VAL A 133 -27.17 -19.71 -31.89
C VAL A 133 -26.82 -19.44 -33.35
N VAL A 134 -25.67 -19.93 -33.83
CA VAL A 134 -25.36 -19.70 -35.23
C VAL A 134 -26.10 -20.71 -36.12
N MET A 135 -26.40 -21.90 -35.59
CA MET A 135 -27.06 -22.90 -36.42
C MET A 135 -28.57 -22.69 -36.49
N THR A 136 -29.19 -22.22 -35.42
CA THR A 136 -30.63 -22.01 -35.41
C THR A 136 -31.05 -20.55 -35.47
N GLY A 137 -30.13 -19.63 -35.28
CA GLY A 137 -30.46 -18.21 -35.28
C GLY A 137 -31.00 -17.74 -36.62
N ASN A 138 -31.49 -16.51 -36.61
CA ASN A 138 -32.11 -15.90 -37.79
C ASN A 138 -31.10 -15.38 -38.80
N TYR A 139 -29.82 -15.70 -38.63
CA TYR A 139 -28.82 -15.22 -39.59
C TYR A 139 -28.92 -15.97 -40.91
N GLY A 140 -29.34 -17.23 -40.87
CA GLY A 140 -29.53 -18.00 -42.08
C GLY A 140 -28.72 -19.27 -42.13
N ALA A 141 -29.17 -20.26 -42.90
CA ALA A 141 -28.47 -21.52 -43.05
C ALA A 141 -27.23 -21.38 -43.95
N PRO A 142 -27.32 -20.70 -45.11
CA PRO A 142 -26.08 -20.56 -45.88
C PRO A 142 -25.08 -19.62 -45.22
N LEU A 147 -19.97 -20.95 -46.14
CA LEU A 147 -19.44 -21.65 -44.98
C LEU A 147 -18.28 -20.91 -44.29
N PRO A 148 -17.32 -20.36 -45.06
CA PRO A 148 -16.30 -19.52 -44.40
C PRO A 148 -16.89 -18.34 -43.67
N ILE A 149 -17.97 -17.77 -44.19
CA ILE A 149 -18.65 -16.68 -43.47
C ILE A 149 -19.17 -17.18 -42.13
N CYS A 150 -19.75 -18.38 -42.11
CA CYS A 150 -20.22 -18.95 -40.86
C CYS A 150 -19.06 -19.21 -39.90
N LEU A 151 -17.92 -19.67 -40.42
CA LEU A 151 -16.75 -19.90 -39.58
C LEU A 151 -16.28 -18.59 -38.96
N LEU A 152 -16.20 -17.53 -39.77
CA LEU A 152 -15.78 -16.23 -39.25
C LEU A 152 -16.77 -15.71 -38.22
N LEU A 153 -18.06 -15.90 -38.47
CA LEU A 153 -19.09 -15.42 -37.54
C LEU A 153 -19.04 -16.19 -36.23
N ILE A 154 -18.65 -17.47 -36.26
CA ILE A 154 -18.48 -18.22 -35.02
C ILE A 154 -17.23 -17.75 -34.29
N PHE A 155 -16.12 -17.56 -35.01
CA PHE A 155 -14.88 -17.16 -34.39
C PHE A 155 -15.00 -15.79 -33.73
N GLN A 156 -15.77 -14.89 -34.33
CA GLN A 156 -15.95 -13.56 -33.75
C GLN A 156 -16.57 -13.66 -32.35
N LEU A 157 -17.72 -14.34 -32.25
CA LEU A 157 -18.37 -14.48 -30.95
C LEU A 157 -17.50 -15.23 -29.98
N MET A 158 -16.79 -16.27 -30.46
CA MET A 158 -15.88 -17.01 -29.60
C MET A 158 -14.85 -16.09 -28.97
N PHE A 159 -14.15 -15.30 -29.79
CA PHE A 159 -13.09 -14.46 -29.27
C PHE A 159 -13.65 -13.35 -28.38
N ALA A 160 -14.84 -12.84 -28.71
CA ALA A 160 -15.43 -11.77 -27.90
C ALA A 160 -15.78 -12.28 -26.50
N SER A 161 -16.49 -13.41 -26.43
CA SER A 161 -16.85 -13.94 -25.12
C SER A 161 -15.62 -14.40 -24.35
N LEU A 162 -14.59 -14.89 -25.06
CA LEU A 162 -13.34 -15.24 -24.37
C LEU A 162 -12.71 -14.00 -23.73
N ILE A 163 -12.69 -12.89 -24.46
CA ILE A 163 -12.11 -11.67 -23.90
C ILE A 163 -12.94 -11.18 -22.72
N VAL A 164 -14.26 -11.33 -22.78
CA VAL A 164 -15.10 -10.92 -21.66
C VAL A 164 -14.82 -11.79 -20.43
N MET A 165 -14.62 -13.10 -20.65
CA MET A 165 -14.28 -13.97 -19.53
C MET A 165 -12.93 -13.58 -18.93
N LEU A 166 -11.95 -13.28 -19.77
CA LEU A 166 -10.65 -12.84 -19.28
C LEU A 166 -10.78 -11.56 -18.47
N LEU A 167 -11.61 -10.62 -18.93
CA LEU A 167 -11.79 -9.37 -18.21
C LEU A 167 -12.43 -9.60 -16.85
N ASP A 168 -13.43 -10.48 -16.80
CA ASP A 168 -14.06 -10.80 -15.53
C ASP A 168 -13.04 -11.40 -14.57
N GLU A 169 -12.24 -12.36 -15.04
CA GLU A 169 -11.26 -12.98 -14.18
C GLU A 169 -10.20 -11.98 -13.73
N LEU A 170 -9.85 -11.03 -14.60
CA LEU A 170 -8.92 -9.98 -14.22
C LEU A 170 -9.47 -9.13 -13.08
N LEU A 171 -10.71 -8.64 -13.24
CA LEU A 171 -11.31 -7.83 -12.18
C LEU A 171 -11.48 -8.63 -10.90
N SER A 172 -11.67 -9.94 -11.01
CA SER A 172 -11.87 -10.76 -9.82
C SER A 172 -10.58 -11.17 -9.14
N LYS A 173 -9.44 -11.13 -9.85
CA LYS A 173 -8.19 -11.55 -9.24
C LYS A 173 -7.68 -10.56 -8.21
N GLY A 174 -8.08 -9.29 -8.32
CA GLY A 174 -7.66 -8.30 -7.35
C GLY A 174 -7.36 -6.94 -7.93
N TYR A 175 -7.26 -6.84 -9.25
CA TYR A 175 -7.02 -5.56 -9.89
C TYR A 175 -8.25 -4.67 -9.90
N GLY A 176 -9.43 -5.21 -9.58
CA GLY A 176 -10.64 -4.43 -9.62
C GLY A 176 -11.27 -4.22 -8.26
N LEU A 177 -12.25 -3.32 -8.19
CA LEU A 177 -12.87 -3.01 -6.91
C LEU A 177 -13.63 -4.19 -6.33
N GLY A 178 -14.18 -5.04 -7.19
CA GLY A 178 -14.94 -6.18 -6.74
C GLY A 178 -15.33 -7.12 -7.86
N SER A 179 -16.52 -7.69 -7.79
CA SER A 179 -16.99 -8.56 -8.87
C SER A 179 -17.19 -7.74 -10.14
N GLY A 180 -17.28 -8.45 -11.27
CA GLY A 180 -17.42 -7.78 -12.54
C GLY A 180 -18.82 -7.81 -13.09
N ILE A 181 -19.53 -8.93 -12.88
CA ILE A 181 -20.88 -9.05 -13.41
C ILE A 181 -21.80 -8.03 -12.76
N SER A 182 -21.67 -7.85 -11.44
CA SER A 182 -22.45 -6.84 -10.75
C SER A 182 -22.17 -5.45 -11.33
N LEU A 183 -20.91 -5.14 -11.60
CA LEU A 183 -20.56 -3.84 -12.15
C LEU A 183 -21.17 -3.64 -13.53
N PHE A 184 -21.08 -4.66 -14.38
CA PHE A 184 -21.65 -4.54 -15.73
C PHE A 184 -23.15 -4.34 -15.67
N ILE A 185 -23.83 -5.06 -14.77
CA ILE A 185 -25.28 -4.91 -14.66
C ILE A 185 -25.62 -3.51 -14.18
N ALA A 186 -24.89 -3.00 -13.18
CA ALA A 186 -25.13 -1.64 -12.72
C ALA A 186 -24.88 -0.64 -13.83
N THR A 187 -23.88 -0.89 -14.68
CA THR A 187 -23.59 0.03 -15.78
C THR A 187 -24.74 0.07 -16.77
N ASN A 188 -25.23 -1.10 -17.19
CA ASN A 188 -26.37 -1.11 -18.11
C ASN A 188 -27.59 -0.44 -17.50
N ILE A 189 -27.83 -0.66 -16.20
CA ILE A 189 -29.00 -0.05 -15.57
C ILE A 189 -28.87 1.46 -15.56
N ALA A 190 -27.70 1.98 -15.16
CA ALA A 190 -27.50 3.43 -15.13
C ALA A 190 -27.60 4.02 -16.53
N GLU A 191 -27.09 3.32 -17.54
CA GLU A 191 -27.16 3.83 -18.89
C GLU A 191 -28.60 3.91 -19.37
N GLN A 192 -29.40 2.88 -19.10
CA GLN A 192 -30.81 2.94 -19.48
C GLN A 192 -31.53 4.06 -18.74
N ILE A 193 -31.19 4.26 -17.46
CA ILE A 193 -31.85 5.31 -16.68
C ILE A 193 -31.53 6.69 -17.26
N PHE A 194 -30.28 6.91 -17.65
CA PHE A 194 -29.95 8.20 -18.26
C PHE A 194 -30.57 8.34 -19.64
N TRP A 195 -30.66 7.25 -20.40
CA TRP A 195 -31.22 7.37 -21.74
C TRP A 195 -32.72 7.64 -21.68
N ARG A 196 -33.41 7.13 -20.67
CA ARG A 196 -34.82 7.48 -20.52
C ARG A 196 -35.02 8.90 -20.02
N ALA A 197 -33.96 9.69 -19.88
CA ALA A 197 -34.05 11.06 -19.40
C ALA A 197 -33.50 12.08 -20.38
N PHE A 198 -32.36 11.79 -21.01
CA PHE A 198 -31.68 12.74 -21.88
C PHE A 198 -31.55 12.21 -23.30
N ALA A 199 -32.61 11.60 -23.80
CA ALA A 199 -32.55 10.95 -25.11
C ALA A 199 -32.45 12.01 -26.21
N PRO A 200 -31.59 11.82 -27.21
CA PRO A 200 -31.50 12.79 -28.30
C PRO A 200 -32.42 12.44 -29.47
N THR A 201 -32.98 11.24 -29.46
CA THR A 201 -33.84 10.83 -30.55
C THR A 201 -35.13 11.63 -30.56
N THR A 202 -35.79 11.66 -31.71
CA THR A 202 -37.07 12.34 -31.86
C THR A 202 -38.04 11.42 -32.58
N VAL A 203 -39.32 11.64 -32.31
CA VAL A 203 -40.41 10.91 -32.96
C VAL A 203 -41.42 11.93 -33.43
N ASN A 204 -41.68 11.97 -34.75
CA ASN A 204 -42.58 12.92 -35.35
C ASN A 204 -43.90 12.22 -35.63
N SER A 205 -44.90 12.48 -34.78
CA SER A 205 -46.21 11.83 -34.87
C SER A 205 -47.27 12.91 -34.98
N GLY A 206 -47.52 13.37 -36.20
CA GLY A 206 -48.60 14.30 -36.46
C GLY A 206 -48.34 15.72 -36.00
N ARG A 207 -48.18 15.91 -34.69
CA ARG A 207 -48.06 17.27 -34.16
C ARG A 207 -46.72 17.89 -34.49
N GLY A 208 -45.65 17.10 -34.50
CA GLY A 208 -44.33 17.61 -34.79
C GLY A 208 -43.29 16.78 -34.08
N LYS A 209 -42.10 17.35 -33.95
CA LYS A 209 -41.00 16.66 -33.29
C LYS A 209 -41.09 16.84 -31.79
N GLU A 210 -41.13 15.71 -31.08
CA GLU A 210 -41.15 15.70 -29.62
C GLU A 210 -40.04 14.80 -29.12
N PHE A 211 -39.15 15.37 -28.30
CA PHE A 211 -37.97 14.64 -27.86
C PHE A 211 -38.35 13.43 -27.03
N GLU A 212 -37.48 12.42 -27.07
CA GLU A 212 -37.67 11.21 -26.29
C GLU A 212 -37.00 11.28 -24.93
N GLY A 213 -36.37 12.40 -24.60
CA GLY A 213 -35.79 12.57 -23.29
C GLY A 213 -36.68 13.41 -22.41
N ALA A 214 -36.42 13.43 -21.10
CA ALA A 214 -37.21 14.25 -20.20
C ALA A 214 -36.71 15.68 -20.17
N VAL A 215 -35.47 15.88 -19.70
CA VAL A 215 -34.94 17.23 -19.54
C VAL A 215 -34.82 17.93 -20.89
N ILE A 216 -34.40 17.18 -21.91
CA ILE A 216 -34.25 17.76 -23.24
C ILE A 216 -35.58 18.31 -23.73
N ALA A 217 -36.64 17.49 -23.63
CA ALA A 217 -37.95 17.92 -24.10
C ALA A 217 -38.50 19.07 -23.27
N PHE A 218 -38.22 19.06 -21.96
CA PHE A 218 -38.66 20.16 -21.11
C PHE A 218 -38.02 21.47 -21.54
N PHE A 219 -36.69 21.47 -21.73
CA PHE A 219 -36.02 22.69 -22.15
C PHE A 219 -36.46 23.11 -23.55
N HIS A 220 -36.68 22.14 -24.44
CA HIS A 220 -37.11 22.47 -25.79
C HIS A 220 -38.48 23.15 -25.78
N LEU A 221 -39.43 22.60 -25.02
CA LEU A 221 -40.74 23.22 -24.93
C LEU A 221 -40.68 24.57 -24.21
N LEU A 222 -39.72 24.74 -23.29
CA LEU A 222 -39.54 26.04 -22.66
C LEU A 222 -39.00 27.06 -23.66
N ALA A 223 -38.16 26.63 -24.60
CA ALA A 223 -37.51 27.55 -25.52
C ALA A 223 -38.39 27.89 -26.72
N VAL A 224 -38.81 26.89 -27.50
CA VAL A 224 -39.44 27.18 -28.77
C VAL A 224 -40.85 27.70 -28.57
N ARG A 225 -41.56 27.21 -27.55
CA ARG A 225 -42.92 27.68 -27.32
C ARG A 225 -42.95 28.97 -26.52
N LYS A 226 -42.06 29.10 -25.53
CA LYS A 226 -41.86 30.30 -24.73
C LYS A 226 -43.09 30.72 -23.94
N ASP A 227 -44.12 29.87 -23.87
CA ASP A 227 -45.32 30.15 -23.10
C ASP A 227 -45.27 29.31 -21.83
N LYS A 228 -45.05 29.97 -20.70
CA LYS A 228 -44.81 29.26 -19.45
C LYS A 228 -45.98 28.35 -19.08
N LYS A 229 -47.15 28.96 -18.81
CA LYS A 229 -48.28 28.18 -18.34
C LYS A 229 -48.81 27.24 -19.40
N ARG A 230 -48.60 27.56 -20.68
CA ARG A 230 -49.10 26.70 -21.75
C ARG A 230 -48.20 25.48 -21.94
N ALA A 231 -46.89 25.69 -21.94
CA ALA A 231 -45.96 24.60 -22.25
C ALA A 231 -45.66 23.74 -21.02
N LEU A 232 -45.68 24.33 -19.83
CA LEU A 232 -45.31 23.57 -18.64
C LEU A 232 -46.32 22.48 -18.34
N VAL A 233 -47.61 22.78 -18.50
CA VAL A 233 -48.65 21.79 -18.18
C VAL A 233 -48.56 20.60 -19.12
N GLU A 234 -48.13 20.84 -20.36
CA GLU A 234 -47.99 19.74 -21.30
C GLU A 234 -46.70 18.96 -21.05
N ALA A 235 -45.60 19.67 -20.77
CA ALA A 235 -44.33 18.98 -20.54
C ALA A 235 -44.32 18.24 -19.21
N PHE A 236 -45.24 18.57 -18.31
CA PHE A 236 -45.22 17.94 -17.00
C PHE A 236 -45.96 16.60 -16.97
N TYR A 237 -47.01 16.44 -17.77
CA TYR A 237 -47.74 15.17 -17.76
C TYR A 237 -47.19 14.20 -18.82
N ARG A 238 -47.30 14.55 -20.09
CA ARG A 238 -46.79 13.75 -21.20
C ARG A 238 -47.18 12.27 -21.03
N THR A 239 -48.49 12.03 -21.11
CA THR A 239 -49.03 10.70 -20.85
C THR A 239 -48.38 9.61 -21.70
N ASN A 240 -47.78 9.97 -22.84
CA ASN A 240 -47.23 8.99 -23.76
C ASN A 240 -45.72 8.79 -23.62
N LEU A 241 -44.99 9.81 -23.20
CA LEU A 241 -43.53 9.79 -23.17
C LEU A 241 -43.03 10.18 -21.80
N PRO A 242 -41.80 9.82 -21.46
CA PRO A 242 -41.27 10.17 -20.13
C PRO A 242 -41.25 11.68 -19.91
N ASN A 243 -41.54 12.08 -18.66
CA ASN A 243 -41.61 13.49 -18.31
C ASN A 243 -40.79 13.79 -17.06
N MET A 244 -40.92 15.00 -16.52
CA MET A 244 -40.13 15.42 -15.37
C MET A 244 -40.63 14.80 -14.07
N PHE A 245 -41.93 14.53 -13.97
CA PHE A 245 -42.48 13.95 -12.76
C PHE A 245 -41.79 12.65 -12.40
N GLN A 246 -41.55 11.80 -13.41
CA GLN A 246 -40.92 10.52 -13.15
C GLN A 246 -39.47 10.68 -12.73
N VAL A 247 -38.78 11.68 -13.29
CA VAL A 247 -37.40 11.92 -12.89
C VAL A 247 -37.33 12.37 -11.44
N LEU A 248 -38.23 13.27 -11.04
CA LEU A 248 -38.27 13.69 -9.65
C LEU A 248 -38.59 12.51 -8.73
N MET A 249 -39.54 11.67 -9.14
CA MET A 249 -39.88 10.52 -8.30
C MET A 249 -38.71 9.56 -8.17
N THR A 250 -37.96 9.35 -9.25
CA THR A 250 -36.85 8.40 -9.18
C THR A 250 -35.70 8.96 -8.36
N VAL A 251 -35.44 10.27 -8.43
CA VAL A 251 -34.38 10.82 -7.58
C VAL A 251 -34.81 10.80 -6.12
N ALA A 252 -36.10 11.00 -5.85
CA ALA A 252 -36.59 10.92 -4.48
C ALA A 252 -36.45 9.52 -3.93
N ILE A 253 -36.85 8.51 -4.71
CA ILE A 253 -36.76 7.14 -4.22
C ILE A 253 -35.30 6.71 -4.10
N PHE A 254 -34.41 7.26 -4.93
CA PHE A 254 -33.00 6.97 -4.78
C PHE A 254 -32.47 7.52 -3.46
N LEU A 255 -32.82 8.77 -3.14
CA LEU A 255 -32.45 9.32 -1.84
C LEU A 255 -33.00 8.47 -0.71
N PHE A 256 -34.25 8.03 -0.83
CA PHE A 256 -34.86 7.23 0.23
C PHE A 256 -34.13 5.90 0.41
N VAL A 257 -33.79 5.24 -0.70
CA VAL A 257 -33.09 3.96 -0.60
C VAL A 257 -31.72 4.15 0.02
N LEU A 258 -31.02 5.23 -0.33
CA LEU A 258 -29.75 5.52 0.34
C LEU A 258 -29.96 5.74 1.83
N TYR A 259 -31.06 6.39 2.21
CA TYR A 259 -31.33 6.61 3.62
C TYR A 259 -31.57 5.29 4.35
N LEU A 260 -32.28 4.36 3.71
CA LEU A 260 -32.65 3.12 4.39
C LEU A 260 -31.47 2.16 4.56
N GLN A 261 -30.31 2.46 3.96
CA GLN A 261 -29.16 1.58 4.15
C GLN A 261 -28.49 1.79 5.50
N GLY A 262 -28.59 3.00 6.05
CA GLY A 262 -27.94 3.29 7.31
C GLY A 262 -28.56 2.64 8.53
N PHE A 263 -29.78 2.14 8.41
CA PHE A 263 -30.40 1.44 9.52
C PHE A 263 -29.65 0.15 9.82
N ARG A 264 -29.13 0.04 11.04
CA ARG A 264 -28.35 -1.11 11.42
C ARG A 264 -28.37 -1.24 12.94
N TYR A 265 -28.41 -2.47 13.43
CA TYR A 265 -28.37 -2.76 14.86
C TYR A 265 -26.95 -3.18 15.23
N GLU A 266 -26.41 -2.58 16.28
CA GLU A 266 -25.05 -2.83 16.73
C GLU A 266 -25.11 -3.47 18.11
N LEU A 267 -24.50 -4.65 18.24
CA LEU A 267 -24.53 -5.12 19.62
C LEU A 267 -23.12 -5.12 20.21
N PRO A 268 -22.99 -4.78 21.49
CA PRO A 268 -21.66 -4.73 22.11
C PRO A 268 -21.11 -6.13 22.35
N ILE A 269 -19.84 -6.31 21.98
CA ILE A 269 -19.14 -7.58 22.16
C ILE A 269 -17.78 -7.31 22.78
N ARG A 270 -17.26 -8.33 23.46
CA ARG A 270 -15.94 -8.26 24.06
C ARG A 270 -15.27 -9.63 23.94
N SER A 271 -13.95 -9.61 23.94
CA SER A 271 -13.18 -10.83 23.77
C SER A 271 -12.80 -11.43 25.13
N THR A 272 -12.59 -12.74 25.13
CA THR A 272 -12.12 -13.46 26.31
C THR A 272 -10.74 -14.06 26.14
N LYS A 273 -10.31 -14.33 24.90
CA LYS A 273 -8.98 -14.88 24.69
C LYS A 273 -7.90 -13.84 24.94
N VAL A 274 -8.06 -12.65 24.37
CA VAL A 274 -7.13 -11.54 24.54
C VAL A 274 -7.93 -10.37 25.11
N ARG A 275 -7.65 -10.02 26.37
CA ARG A 275 -8.36 -8.95 27.02
C ARG A 275 -7.93 -7.60 26.43
N GLY A 276 -8.68 -6.56 26.77
CA GLY A 276 -8.47 -5.25 26.20
C GLY A 276 -9.00 -5.07 24.80
N GLN A 277 -9.76 -6.04 24.29
CA GLN A 277 -10.31 -5.99 22.94
C GLN A 277 -11.82 -5.75 23.06
N ILE A 278 -12.23 -4.50 22.91
CA ILE A 278 -13.62 -4.10 22.95
C ILE A 278 -14.05 -3.78 21.52
N GLY A 279 -15.13 -4.41 21.07
CA GLY A 279 -15.60 -4.21 19.71
C GLY A 279 -17.11 -4.17 19.60
N ILE A 280 -17.61 -3.98 18.38
CA ILE A 280 -19.03 -3.87 18.11
C ILE A 280 -19.33 -4.62 16.82
N TYR A 281 -20.35 -5.47 16.85
CA TYR A 281 -20.75 -6.21 15.67
C TYR A 281 -22.02 -5.60 15.11
N PRO A 282 -22.01 -5.08 13.88
CA PRO A 282 -23.23 -4.49 13.31
C PRO A 282 -24.10 -5.52 12.61
N ILE A 283 -25.41 -5.27 12.65
CA ILE A 283 -26.40 -6.08 11.97
C ILE A 283 -27.28 -5.14 11.15
N LYS A 284 -27.19 -5.24 9.83
CA LYS A 284 -27.93 -4.35 8.95
C LYS A 284 -29.40 -4.79 8.85
N LEU A 285 -30.19 -3.97 8.15
CA LEU A 285 -31.55 -4.35 7.83
C LEU A 285 -31.61 -5.13 6.52
N PHE A 286 -30.87 -4.67 5.51
CA PHE A 286 -30.72 -5.40 4.25
C PHE A 286 -29.67 -6.49 4.45
N TYR A 287 -30.08 -7.55 5.15
CA TYR A 287 -29.15 -8.63 5.47
C TYR A 287 -28.69 -9.35 4.20
N THR A 288 -29.63 -9.72 3.34
CA THR A 288 -29.34 -10.43 2.10
C THR A 288 -30.11 -9.81 0.95
N SER A 289 -30.04 -8.49 0.85
CA SER A 289 -30.92 -7.70 -0.02
C SER A 289 -31.04 -8.24 -1.44
N ASN A 290 -29.92 -8.61 -2.05
CA ASN A 290 -29.94 -8.93 -3.48
C ASN A 290 -30.71 -10.21 -3.78
N THR A 291 -30.75 -11.15 -2.83
CA THR A 291 -31.27 -12.47 -3.16
C THR A 291 -32.78 -12.50 -3.36
N PRO A 292 -33.62 -12.00 -2.45
CA PRO A 292 -35.07 -12.18 -2.64
C PRO A 292 -35.61 -11.45 -3.85
N ILE A 293 -35.11 -10.24 -4.13
CA ILE A 293 -35.61 -9.49 -5.27
C ILE A 293 -35.30 -10.22 -6.57
N ILE A 294 -34.06 -10.70 -6.72
CA ILE A 294 -33.68 -11.38 -7.94
C ILE A 294 -34.44 -12.70 -8.07
N LEU A 295 -34.59 -13.43 -6.97
CA LEU A 295 -35.29 -14.71 -7.03
C LEU A 295 -36.76 -14.51 -7.39
N GLN A 296 -37.39 -13.49 -6.81
CA GLN A 296 -38.79 -13.20 -7.12
C GLN A 296 -38.94 -12.77 -8.57
N SER A 297 -38.00 -11.95 -9.07
CA SER A 297 -38.06 -11.54 -10.47
C SER A 297 -37.91 -12.73 -11.39
N ALA A 298 -36.98 -13.63 -11.07
CA ALA A 298 -36.80 -14.82 -11.89
C ALA A 298 -38.05 -15.70 -11.86
N LEU A 299 -38.66 -15.85 -10.69
CA LEU A 299 -39.89 -16.61 -10.57
C LEU A 299 -40.98 -16.04 -11.48
N THR A 300 -41.18 -14.72 -11.38
CA THR A 300 -42.23 -14.09 -12.17
C THR A 300 -41.95 -14.19 -13.67
N SER A 301 -40.69 -14.00 -14.06
CA SER A 301 -40.34 -14.06 -15.48
C SER A 301 -40.53 -15.47 -16.03
N ASN A 302 -40.11 -16.48 -15.27
CA ASN A 302 -40.28 -17.86 -15.71
C ASN A 302 -41.76 -18.22 -15.80
N ILE A 303 -42.56 -17.80 -14.81
CA ILE A 303 -43.99 -18.08 -14.85
C ILE A 303 -44.62 -17.46 -16.08
N PHE A 304 -44.31 -16.18 -16.33
CA PHE A 304 -44.88 -15.50 -17.48
C PHE A 304 -44.45 -16.15 -18.79
N LEU A 305 -43.16 -16.53 -18.88
CA LEU A 305 -42.66 -17.13 -20.12
C LEU A 305 -43.34 -18.47 -20.39
N ILE A 306 -43.41 -19.35 -19.38
CA ILE A 306 -44.02 -20.65 -19.60
C ILE A 306 -45.50 -20.51 -19.88
N SER A 307 -46.17 -19.55 -19.23
CA SER A 307 -47.59 -19.34 -19.50
C SER A 307 -47.81 -18.86 -20.93
N GLN A 308 -46.98 -17.93 -21.39
CA GLN A 308 -47.07 -17.47 -22.77
C GLN A 308 -46.84 -18.62 -23.74
N ILE A 309 -45.84 -19.46 -23.46
CA ILE A 309 -45.52 -20.56 -24.36
C ILE A 309 -46.70 -21.54 -24.44
N LEU A 310 -47.24 -21.93 -23.28
CA LEU A 310 -48.33 -22.91 -23.29
C LEU A 310 -49.60 -22.34 -23.90
N PHE A 311 -49.87 -21.05 -23.71
CA PHE A 311 -51.07 -20.47 -24.30
C PHE A 311 -50.88 -20.23 -25.79
N GLN A 312 -49.63 -20.09 -26.25
CA GLN A 312 -49.38 -19.98 -27.68
C GLN A 312 -49.51 -21.33 -28.36
N LYS A 313 -49.02 -22.40 -27.71
CA LYS A 313 -49.08 -23.72 -28.33
C LYS A 313 -50.49 -24.29 -28.27
N TYR A 314 -51.14 -24.22 -27.11
CA TYR A 314 -52.48 -24.76 -26.97
C TYR A 314 -53.51 -23.66 -27.20
N PRO A 315 -54.51 -23.90 -28.06
CA PRO A 315 -55.52 -22.86 -28.31
C PRO A 315 -56.34 -22.54 -27.07
N THR A 316 -56.95 -23.55 -26.47
CA THR A 316 -57.77 -23.35 -25.28
C THR A 316 -57.93 -24.68 -24.54
N ASN A 317 -57.83 -24.63 -23.21
CA ASN A 317 -58.00 -25.78 -22.34
C ASN A 317 -58.52 -25.26 -21.01
N PRO A 318 -59.18 -26.11 -20.21
CA PRO A 318 -59.66 -25.66 -18.90
C PRO A 318 -58.53 -25.17 -18.00
N LEU A 319 -57.53 -26.02 -17.78
CA LEU A 319 -56.40 -25.62 -16.93
C LEU A 319 -55.62 -24.47 -17.55
N ILE A 320 -55.45 -24.48 -18.88
CA ILE A 320 -54.71 -23.42 -19.54
C ILE A 320 -55.42 -22.08 -19.38
N ARG A 321 -56.75 -22.08 -19.50
CA ARG A 321 -57.51 -20.84 -19.31
C ARG A 321 -57.51 -20.41 -17.84
N LEU A 322 -57.53 -21.38 -16.92
CA LEU A 322 -57.57 -21.02 -15.50
C LEU A 322 -56.24 -20.43 -15.04
N ILE A 323 -55.11 -20.97 -15.52
CA ILE A 323 -53.82 -20.50 -15.04
C ILE A 323 -53.48 -19.15 -15.66
N GLY A 324 -53.97 -18.88 -16.87
CA GLY A 324 -53.70 -17.59 -17.48
C GLY A 324 -54.22 -17.45 -18.90
N VAL A 325 -54.83 -16.31 -19.20
CA VAL A 325 -55.28 -15.98 -20.54
C VAL A 325 -54.65 -14.66 -20.95
N TRP A 326 -54.12 -14.61 -22.16
CA TRP A 326 -53.40 -13.45 -22.67
C TRP A 326 -54.31 -12.63 -23.56
N GLY A 327 -54.25 -11.31 -23.42
CA GLY A 327 -55.05 -10.40 -24.21
C GLY A 327 -54.42 -9.03 -24.23
N ILE A 328 -55.10 -8.11 -24.90
CA ILE A 328 -54.63 -6.74 -25.00
C ILE A 328 -55.48 -5.83 -24.13
N GLN A 336 -49.62 -7.16 -25.40
CA GLN A 336 -50.29 -8.33 -24.83
C GLN A 336 -50.07 -8.42 -23.34
N MET A 337 -51.12 -8.79 -22.61
CA MET A 337 -51.07 -8.88 -21.16
C MET A 337 -51.95 -10.04 -20.71
N ALA A 338 -51.64 -10.58 -19.54
CA ALA A 338 -52.41 -11.69 -19.00
C ALA A 338 -53.64 -11.16 -18.25
N LEU A 339 -54.76 -11.85 -18.43
CA LEU A 339 -56.01 -11.45 -17.80
C LEU A 339 -56.88 -12.68 -17.62
N SER A 340 -57.73 -12.63 -16.60
CA SER A 340 -58.65 -13.72 -16.24
C SER A 340 -57.90 -15.05 -16.10
N GLY A 341 -56.99 -15.08 -15.15
CA GLY A 341 -56.23 -16.28 -14.88
C GLY A 341 -55.34 -16.10 -13.67
N LEU A 342 -54.71 -17.19 -13.25
CA LEU A 342 -53.76 -17.12 -12.15
C LEU A 342 -52.55 -16.27 -12.52
N ALA A 343 -52.06 -16.42 -13.76
CA ALA A 343 -50.96 -15.57 -14.21
C ALA A 343 -51.35 -14.11 -14.29
N TYR A 344 -52.65 -13.81 -14.36
CA TYR A 344 -53.09 -12.42 -14.36
C TYR A 344 -52.83 -11.74 -13.02
N TYR A 345 -53.00 -12.47 -11.92
CA TYR A 345 -52.85 -11.87 -10.61
C TYR A 345 -51.40 -11.53 -10.30
N ILE A 346 -50.46 -12.31 -10.83
CA ILE A 346 -49.05 -12.05 -10.54
C ILE A 346 -48.51 -10.88 -11.34
N GLN A 347 -49.27 -10.38 -12.31
CA GLN A 347 -48.79 -9.26 -13.12
C GLN A 347 -48.68 -8.00 -12.27
N PRO A 348 -47.61 -7.23 -12.42
CA PRO A 348 -47.42 -6.04 -11.58
C PRO A 348 -48.40 -4.93 -11.93
N LEU A 349 -48.50 -3.98 -11.01
CA LEU A 349 -49.39 -2.84 -11.21
C LEU A 349 -48.76 -1.85 -12.19
N MET A 350 -49.60 -1.23 -13.01
CA MET A 350 -49.14 -0.25 -13.98
C MET A 350 -49.17 1.17 -13.42
N SER A 351 -50.30 1.59 -12.87
CA SER A 351 -50.44 2.92 -12.30
C SER A 351 -51.64 2.93 -11.35
N LEU A 352 -51.99 4.13 -10.88
CA LEU A 352 -53.04 4.28 -9.90
C LEU A 352 -54.41 3.92 -10.45
N SER A 353 -54.60 4.02 -11.78
CA SER A 353 -55.89 3.71 -12.37
C SER A 353 -56.26 2.24 -12.17
N GLU A 354 -55.40 1.33 -12.65
CA GLU A 354 -55.64 -0.09 -12.43
C GLU A 354 -55.66 -0.41 -10.94
N ALA A 355 -54.91 0.35 -10.14
CA ALA A 355 -54.90 0.14 -8.70
C ALA A 355 -56.29 0.35 -8.11
N LEU A 356 -56.94 1.46 -8.48
CA LEU A 356 -58.28 1.73 -7.96
C LEU A 356 -59.35 0.90 -8.66
N LEU A 357 -59.06 0.38 -9.85
CA LEU A 357 -60.08 -0.39 -10.59
C LEU A 357 -60.40 -1.70 -9.87
N ASP A 358 -59.41 -2.58 -9.72
CA ASP A 358 -59.62 -3.89 -9.10
C ASP A 358 -58.89 -3.93 -7.77
N PRO A 359 -59.55 -3.61 -6.65
CA PRO A 359 -58.85 -3.63 -5.36
C PRO A 359 -58.42 -5.01 -4.93
N ILE A 360 -59.20 -6.05 -5.25
CA ILE A 360 -58.84 -7.40 -4.83
C ILE A 360 -57.54 -7.83 -5.48
N LYS A 361 -57.36 -7.51 -6.77
CA LYS A 361 -56.13 -7.89 -7.46
C LYS A 361 -54.93 -7.19 -6.86
N THR A 362 -55.05 -5.89 -6.56
CA THR A 362 -53.96 -5.16 -5.94
C THR A 362 -53.62 -5.74 -4.58
N ILE A 363 -54.64 -6.03 -3.77
CA ILE A 363 -54.40 -6.55 -2.42
C ILE A 363 -53.71 -7.90 -2.49
N VAL A 364 -54.21 -8.80 -3.35
CA VAL A 364 -53.63 -10.13 -3.44
C VAL A 364 -52.21 -10.06 -3.99
N TYR A 365 -51.95 -9.13 -4.92
CA TYR A 365 -50.62 -8.96 -5.45
C TYR A 365 -49.66 -8.48 -4.37
N ILE A 366 -50.09 -7.51 -3.57
CA ILE A 366 -49.24 -6.97 -2.51
C ILE A 366 -48.92 -8.07 -1.49
N THR A 367 -49.95 -8.76 -0.99
CA THR A 367 -49.70 -9.77 0.02
C THR A 367 -48.86 -10.91 -0.54
N PHE A 368 -49.08 -11.26 -1.81
CA PHE A 368 -48.30 -12.32 -2.42
C PHE A 368 -46.83 -11.95 -2.51
N VAL A 369 -46.54 -10.76 -3.03
CA VAL A 369 -45.14 -10.38 -3.18
C VAL A 369 -44.48 -10.23 -1.82
N LEU A 370 -45.19 -9.72 -0.81
CA LEU A 370 -44.59 -9.55 0.50
C LEU A 370 -44.32 -10.90 1.17
N GLY A 371 -45.30 -11.81 1.13
CA GLY A 371 -45.07 -13.13 1.67
C GLY A 371 -43.94 -13.86 0.98
N SER A 372 -43.89 -13.77 -0.35
CA SER A 372 -42.85 -14.44 -1.11
C SER A 372 -41.48 -13.89 -0.73
N CYS A 373 -41.34 -12.56 -0.69
CA CYS A 373 -40.05 -11.97 -0.34
C CYS A 373 -39.65 -12.33 1.09
N ALA A 374 -40.61 -12.37 2.01
CA ALA A 374 -40.29 -12.71 3.39
C ALA A 374 -39.80 -14.15 3.50
N VAL A 375 -40.54 -15.09 2.91
CA VAL A 375 -40.16 -16.49 3.03
C VAL A 375 -38.86 -16.74 2.26
N PHE A 376 -38.62 -15.99 1.20
CA PHE A 376 -37.37 -16.13 0.46
C PHE A 376 -36.18 -15.65 1.30
N SER A 377 -36.33 -14.50 1.96
CA SER A 377 -35.28 -14.04 2.87
C SER A 377 -35.03 -15.07 3.96
N LYS A 378 -36.10 -15.66 4.50
CA LYS A 378 -35.95 -16.64 5.57
C LYS A 378 -35.18 -17.87 5.08
N THR A 379 -35.63 -18.47 3.97
CA THR A 379 -34.95 -19.68 3.50
C THR A 379 -33.53 -19.38 3.04
N TRP A 380 -33.28 -18.17 2.53
CA TRP A 380 -31.92 -17.87 2.09
C TRP A 380 -30.99 -17.63 3.26
N ILE A 381 -31.46 -16.95 4.31
CA ILE A 381 -30.63 -16.80 5.49
C ILE A 381 -30.45 -18.13 6.20
N GLU A 382 -31.35 -19.10 5.96
CA GLU A 382 -31.18 -20.42 6.54
C GLU A 382 -30.18 -21.26 5.74
N ILE A 383 -30.21 -21.15 4.41
CA ILE A 383 -29.37 -22.01 3.57
C ILE A 383 -27.98 -21.43 3.36
N SER A 384 -27.83 -20.11 3.51
CA SER A 384 -26.56 -19.46 3.24
C SER A 384 -25.54 -19.72 4.34
N GLY A 385 -25.98 -20.37 5.41
CA GLY A 385 -25.09 -20.60 6.54
C GLY A 385 -24.86 -19.38 7.40
N THR A 386 -25.82 -18.46 7.43
CA THR A 386 -25.73 -17.27 8.28
C THR A 386 -26.80 -17.27 9.36
N SER A 387 -27.34 -18.44 9.71
CA SER A 387 -28.34 -18.54 10.76
C SER A 387 -27.76 -18.08 12.08
N PRO A 388 -28.62 -17.72 13.05
CA PRO A 388 -28.11 -17.39 14.39
C PRO A 388 -27.28 -18.49 15.00
N ARG A 389 -27.58 -19.75 14.70
CA ARG A 389 -26.77 -20.84 15.21
C ARG A 389 -25.36 -20.82 14.63
N ASP A 390 -25.25 -20.55 13.33
CA ASP A 390 -23.93 -20.53 12.70
C ASP A 390 -23.10 -19.36 13.20
N ILE A 391 -23.70 -18.18 13.33
CA ILE A 391 -22.94 -17.03 13.81
C ILE A 391 -22.61 -17.20 15.29
N ALA A 392 -23.46 -17.88 16.05
CA ALA A 392 -23.12 -18.18 17.45
C ALA A 392 -21.95 -19.15 17.53
N LYS A 393 -21.92 -20.13 16.63
CA LYS A 393 -20.78 -21.03 16.56
C LYS A 393 -19.51 -20.28 16.19
N GLN A 394 -19.61 -19.35 15.24
CA GLN A 394 -18.45 -18.56 14.85
C GLN A 394 -17.96 -17.70 16.02
N PHE A 395 -18.88 -17.14 16.79
CA PHE A 395 -18.51 -16.36 17.97
C PHE A 395 -17.80 -17.24 18.99
N LYS A 396 -18.37 -18.42 19.27
CA LYS A 396 -17.76 -19.34 20.23
C LYS A 396 -16.36 -19.76 19.76
N ASP A 397 -16.18 -19.91 18.45
CA ASP A 397 -14.87 -20.22 17.92
C ASP A 397 -13.91 -19.05 18.11
N GLN A 398 -14.35 -17.84 17.79
CA GLN A 398 -13.52 -16.67 17.98
C GLN A 398 -13.37 -16.32 19.46
N GLY A 399 -14.37 -16.63 20.28
CA GLY A 399 -14.32 -16.34 21.69
C GLY A 399 -14.96 -15.03 22.11
N MET A 400 -15.60 -14.33 21.18
CA MET A 400 -16.26 -13.08 21.53
C MET A 400 -17.53 -13.35 22.33
N VAL A 401 -17.86 -12.41 23.21
CA VAL A 401 -19.03 -12.53 24.07
C VAL A 401 -19.64 -11.15 24.27
N ILE A 402 -20.95 -11.12 24.51
CA ILE A 402 -21.64 -9.87 24.77
C ILE A 402 -21.13 -9.27 26.08
N ASN A 403 -21.06 -7.94 26.12
CA ASN A 403 -20.53 -7.25 27.30
C ASN A 403 -21.42 -7.49 28.51
N GLY A 404 -22.72 -7.29 28.36
CA GLY A 404 -23.64 -7.40 29.48
C GLY A 404 -24.51 -8.64 29.48
N LYS A 405 -24.03 -9.71 28.87
CA LYS A 405 -24.77 -10.96 28.80
C LYS A 405 -23.84 -12.14 29.06
N ARG A 406 -24.44 -13.29 29.37
CA ARG A 406 -23.69 -14.49 29.69
C ARG A 406 -23.30 -15.22 28.40
N GLU A 407 -22.74 -16.42 28.53
CA GLU A 407 -22.22 -17.17 27.40
C GLU A 407 -23.25 -18.12 26.80
N THR A 408 -24.00 -18.84 27.64
CA THR A 408 -24.94 -19.85 27.17
C THR A 408 -26.25 -19.26 26.64
N SER A 409 -26.32 -17.95 26.47
CA SER A 409 -27.53 -17.30 25.98
C SER A 409 -27.32 -16.55 24.67
N ILE A 410 -26.13 -16.66 24.07
CA ILE A 410 -25.86 -15.91 22.84
C ILE A 410 -26.78 -16.37 21.71
N TYR A 411 -26.95 -17.69 21.58
CA TYR A 411 -27.81 -18.21 20.52
C TYR A 411 -29.27 -17.85 20.78
N ARG A 412 -29.70 -17.92 22.04
CA ARG A 412 -31.07 -17.55 22.36
C ARG A 412 -31.33 -16.08 22.10
N GLU A 413 -30.33 -15.23 22.30
CA GLU A 413 -30.50 -13.81 22.00
C GLU A 413 -30.50 -13.56 20.50
N LEU A 414 -29.62 -14.23 19.75
CA LEU A 414 -29.59 -14.06 18.31
C LEU A 414 -30.88 -14.56 17.66
N LYS A 415 -31.52 -15.57 18.27
CA LYS A 415 -32.81 -16.04 17.77
C LYS A 415 -33.86 -14.94 17.83
N LYS A 416 -33.72 -14.01 18.76
CA LYS A 416 -34.69 -12.94 18.95
C LYS A 416 -34.45 -11.74 18.05
N ILE A 417 -33.37 -11.73 17.29
CA ILE A 417 -33.06 -10.57 16.46
C ILE A 417 -32.89 -10.95 14.99
N ILE A 418 -32.07 -11.96 14.71
CA ILE A 418 -31.66 -12.26 13.34
C ILE A 418 -32.86 -12.59 12.44
N PRO A 419 -33.73 -13.54 12.80
CA PRO A 419 -34.84 -13.85 11.87
C PRO A 419 -35.79 -12.68 11.69
N THR A 420 -36.10 -11.97 12.77
CA THR A 420 -36.97 -10.79 12.66
C THR A 420 -36.36 -9.74 11.75
N ALA A 421 -35.05 -9.49 11.91
CA ALA A 421 -34.38 -8.51 11.07
C ALA A 421 -34.41 -8.91 9.61
N ALA A 422 -34.14 -10.19 9.33
CA ALA A 422 -34.15 -10.67 7.95
C ALA A 422 -35.53 -10.52 7.33
N ALA A 423 -36.57 -10.95 8.06
CA ALA A 423 -37.92 -10.86 7.53
C ALA A 423 -38.34 -9.41 7.31
N PHE A 424 -37.98 -8.52 8.23
CA PHE A 424 -38.34 -7.12 8.08
C PHE A 424 -37.62 -6.47 6.91
N GLY A 425 -36.34 -6.80 6.71
CA GLY A 425 -35.63 -6.30 5.55
C GLY A 425 -36.24 -6.76 4.25
N GLY A 426 -36.57 -8.06 4.17
CA GLY A 426 -37.25 -8.55 2.99
C GLY A 426 -38.56 -7.82 2.74
N ALA A 427 -39.35 -7.64 3.80
CA ALA A 427 -40.66 -7.00 3.65
C ALA A 427 -40.51 -5.56 3.16
N THR A 428 -39.56 -4.81 3.74
CA THR A 428 -39.43 -3.42 3.33
C THR A 428 -38.87 -3.31 1.91
N ILE A 429 -38.00 -4.23 1.52
CA ILE A 429 -37.51 -4.24 0.13
C ILE A 429 -38.66 -4.51 -0.82
N GLY A 430 -39.53 -5.47 -0.49
CA GLY A 430 -40.68 -5.74 -1.33
C GLY A 430 -41.63 -4.57 -1.42
N ALA A 431 -41.88 -3.91 -0.29
CA ALA A 431 -42.75 -2.73 -0.29
C ALA A 431 -42.16 -1.62 -1.16
N LEU A 432 -40.85 -1.41 -1.07
CA LEU A 432 -40.21 -0.40 -1.90
C LEU A 432 -40.31 -0.75 -3.38
N SER A 433 -40.17 -2.03 -3.71
CA SER A 433 -40.31 -2.45 -5.09
C SER A 433 -41.72 -2.18 -5.60
N VAL A 434 -42.73 -2.51 -4.79
CA VAL A 434 -44.11 -2.24 -5.18
C VAL A 434 -44.33 -0.74 -5.39
N GLY A 435 -43.82 0.07 -4.47
CA GLY A 435 -43.98 1.51 -4.60
C GLY A 435 -43.31 2.06 -5.84
N SER A 436 -42.11 1.57 -6.15
CA SER A 436 -41.43 2.01 -7.36
C SER A 436 -42.20 1.62 -8.60
N ASP A 437 -42.70 0.38 -8.65
CA ASP A 437 -43.44 -0.07 -9.82
C ASP A 437 -44.77 0.68 -9.96
N LEU A 438 -45.34 1.14 -8.86
CA LEU A 438 -46.64 1.81 -8.94
C LEU A 438 -46.51 3.29 -9.26
N LEU A 439 -45.62 4.00 -8.55
CA LEU A 439 -45.50 5.44 -8.71
C LEU A 439 -45.02 5.86 -10.09
N GLY A 440 -44.59 4.92 -10.92
CA GLY A 440 -44.18 5.24 -12.28
C GLY A 440 -42.86 5.95 -12.38
N THR A 441 -41.78 5.30 -11.96
CA THR A 441 -40.45 5.84 -12.14
C THR A 441 -39.89 5.38 -13.49
N LEU A 442 -38.69 5.85 -13.82
CA LEU A 442 -38.09 5.49 -15.09
C LEU A 442 -37.66 4.03 -15.13
N GLY A 443 -37.24 3.48 -13.99
CA GLY A 443 -36.86 2.09 -13.92
C GLY A 443 -37.51 1.41 -12.72
N SER A 444 -37.64 0.09 -12.84
CA SER A 444 -38.27 -0.69 -11.79
C SER A 444 -37.46 -0.63 -10.50
N GLY A 445 -38.12 -0.92 -9.39
CA GLY A 445 -37.43 -0.94 -8.12
C GLY A 445 -36.29 -1.96 -8.07
N ALA A 446 -36.42 -3.05 -8.83
CA ALA A 446 -35.40 -4.09 -8.81
C ALA A 446 -34.07 -3.56 -9.34
N SER A 447 -34.09 -2.92 -10.50
CA SER A 447 -32.85 -2.47 -11.12
C SER A 447 -32.17 -1.39 -10.29
N ILE A 448 -32.93 -0.35 -9.92
CA ILE A 448 -32.37 0.74 -9.12
C ILE A 448 -31.86 0.22 -7.79
N LEU A 449 -32.60 -0.70 -7.17
CA LEU A 449 -32.20 -1.25 -5.88
C LEU A 449 -30.91 -2.04 -6.01
N LEU A 450 -30.79 -2.84 -7.08
CA LEU A 450 -29.56 -3.59 -7.31
C LEU A 450 -28.37 -2.65 -7.49
N ALA A 451 -28.55 -1.61 -8.31
CA ALA A 451 -27.46 -0.67 -8.56
C ALA A 451 -27.03 0.01 -7.26
N THR A 452 -28.01 0.49 -6.48
CA THR A 452 -27.69 1.18 -5.25
C THR A 452 -27.00 0.25 -4.26
N THR A 453 -27.47 -1.00 -4.15
CA THR A 453 -26.85 -1.94 -3.24
C THR A 453 -25.40 -2.21 -3.63
N THR A 454 -25.15 -2.42 -4.92
CA THR A 454 -23.79 -2.68 -5.37
C THR A 454 -22.86 -1.50 -5.10
N ILE A 455 -23.32 -0.29 -5.44
CA ILE A 455 -22.46 0.88 -5.25
C ILE A 455 -22.24 1.13 -3.77
N TYR A 456 -23.25 0.91 -2.94
CA TYR A 456 -23.09 1.08 -1.51
C TYR A 456 -22.11 0.07 -0.94
N GLY A 457 -22.15 -1.17 -1.43
CA GLY A 457 -21.16 -2.14 -1.01
C GLY A 457 -19.76 -1.73 -1.38
N TYR A 458 -19.58 -1.26 -2.62
CA TYR A 458 -18.28 -0.75 -3.03
C TYR A 458 -17.79 0.36 -2.12
N TYR A 459 -18.67 1.32 -1.82
CA TYR A 459 -18.27 2.46 -1.01
C TYR A 459 -17.92 2.05 0.41
N GLU A 460 -18.73 1.17 1.02
CA GLU A 460 -18.44 0.76 2.39
C GLU A 460 -17.18 -0.10 2.46
N ALA A 461 -16.92 -0.90 1.43
CA ALA A 461 -15.66 -1.65 1.40
C ALA A 461 -14.47 -0.71 1.32
N ALA A 462 -14.55 0.28 0.42
CA ALA A 462 -13.46 1.25 0.30
C ALA A 462 -13.27 2.04 1.58
N ALA A 463 -14.35 2.33 2.30
CA ALA A 463 -14.25 3.09 3.54
C ALA A 463 -13.62 2.25 4.64
N LYS A 464 -14.13 1.04 4.84
CA LYS A 464 -13.57 0.15 5.87
C LYS A 464 -12.13 -0.23 5.57
N GLU A 465 -11.73 -0.23 4.29
CA GLU A 465 -10.33 -0.46 3.97
C GLU A 465 -9.47 0.75 4.32
N GLY A 466 -9.92 1.94 3.93
CA GLY A 466 -9.19 3.16 4.22
C GLY A 466 -8.42 3.68 3.02
N GLY A 467 -8.96 4.70 2.37
CA GLY A 467 -8.30 5.28 1.22
C GLY A 467 -9.15 6.37 0.63
N PHE A 468 -8.52 7.16 -0.25
CA PHE A 468 -9.21 8.26 -0.92
C PHE A 468 -10.25 7.74 -1.90
N VAL B 26 -50.01 -9.19 14.40
CA VAL B 26 -49.76 -7.81 14.80
C VAL B 26 -48.46 -7.73 15.59
N GLU B 27 -47.98 -8.89 16.03
CA GLU B 27 -46.72 -8.94 16.76
C GLU B 27 -45.51 -8.73 15.85
N PHE B 28 -45.65 -9.03 14.55
CA PHE B 28 -44.52 -8.88 13.64
C PHE B 28 -44.13 -7.42 13.46
N VAL B 29 -45.13 -6.56 13.21
CA VAL B 29 -44.84 -5.15 13.07
C VAL B 29 -44.35 -4.56 14.39
N ARG B 30 -44.80 -5.12 15.52
CA ARG B 30 -44.32 -4.66 16.81
C ARG B 30 -42.84 -4.99 16.99
N GLU B 31 -42.46 -6.23 16.67
CA GLU B 31 -41.05 -6.60 16.76
C GLU B 31 -40.21 -5.79 15.79
N GLY B 32 -40.75 -5.50 14.60
CA GLY B 32 -40.01 -4.68 13.65
C GLY B 32 -39.80 -3.28 14.15
N THR B 33 -40.84 -2.68 14.74
CA THR B 33 -40.70 -1.35 15.32
C THR B 33 -39.69 -1.35 16.46
N GLN B 34 -39.73 -2.38 17.31
CA GLN B 34 -38.75 -2.48 18.39
C GLN B 34 -37.33 -2.58 17.82
N PHE B 35 -37.15 -3.40 16.79
CA PHE B 35 -35.83 -3.56 16.18
C PHE B 35 -35.33 -2.24 15.60
N LEU B 36 -36.16 -1.56 14.81
CA LEU B 36 -35.73 -0.32 14.20
C LEU B 36 -35.45 0.75 15.24
N ALA B 37 -36.24 0.76 16.34
CA ALA B 37 -35.93 1.65 17.44
C ALA B 37 -34.61 1.29 18.10
N LYS B 38 -34.24 0.01 18.05
CA LYS B 38 -32.96 -0.43 18.59
C LYS B 38 -31.81 -0.26 17.61
N CYS B 39 -32.09 0.03 16.34
CA CYS B 39 -31.03 0.27 15.38
C CYS B 39 -30.51 1.71 15.51
N LYS B 40 -29.46 2.01 14.75
CA LYS B 40 -28.80 3.31 14.80
C LYS B 40 -28.99 4.01 13.46
N LYS B 41 -29.73 5.10 13.46
CA LYS B 41 -29.94 5.87 12.25
C LYS B 41 -28.73 6.77 11.99
N PRO B 42 -28.24 6.82 10.76
CA PRO B 42 -27.09 7.69 10.47
C PRO B 42 -27.47 9.15 10.51
N ASP B 43 -26.59 9.97 11.07
CA ASP B 43 -26.85 11.40 11.16
C ASP B 43 -26.35 12.11 9.90
N LEU B 44 -26.50 13.44 9.89
CA LEU B 44 -26.26 14.19 8.66
C LEU B 44 -24.79 14.18 8.27
N LYS B 45 -23.88 14.21 9.25
CA LYS B 45 -22.46 14.34 8.93
C LYS B 45 -21.93 13.14 8.16
N GLU B 46 -22.56 11.97 8.31
CA GLU B 46 -22.19 10.79 7.53
C GLU B 46 -23.16 10.52 6.39
N TYR B 47 -24.43 10.88 6.57
CA TYR B 47 -25.40 10.75 5.49
C TYR B 47 -24.98 11.57 4.28
N THR B 48 -24.44 12.77 4.51
CA THR B 48 -23.98 13.59 3.39
C THR B 48 -22.83 12.93 2.65
N LYS B 49 -21.87 12.37 3.40
CA LYS B 49 -20.76 11.67 2.75
C LYS B 49 -21.24 10.47 1.98
N ILE B 50 -22.19 9.72 2.55
CA ILE B 50 -22.71 8.53 1.88
C ILE B 50 -23.39 8.90 0.57
N VAL B 51 -24.31 9.88 0.63
CA VAL B 51 -25.02 10.27 -0.58
C VAL B 51 -24.06 10.86 -1.60
N LYS B 52 -23.04 11.59 -1.13
CA LYS B 52 -22.04 12.13 -2.04
C LYS B 52 -21.33 11.00 -2.79
N ALA B 53 -20.76 10.05 -2.05
CA ALA B 53 -20.01 8.97 -2.68
C ALA B 53 -20.90 8.18 -3.64
N VAL B 54 -22.10 7.82 -3.20
CA VAL B 54 -22.96 6.97 -4.03
C VAL B 54 -23.42 7.70 -5.28
N GLY B 55 -23.87 8.95 -5.13
CA GLY B 55 -24.28 9.72 -6.29
C GLY B 55 -23.15 9.95 -7.27
N ILE B 56 -21.95 10.24 -6.76
CA ILE B 56 -20.81 10.46 -7.63
C ILE B 56 -20.49 9.19 -8.42
N GLY B 57 -20.44 8.04 -7.73
CA GLY B 57 -20.18 6.80 -8.44
C GLY B 57 -21.25 6.49 -9.48
N PHE B 58 -22.52 6.66 -9.09
CA PHE B 58 -23.62 6.34 -9.99
C PHE B 58 -23.59 7.22 -11.23
N ILE B 59 -23.37 8.53 -11.06
CA ILE B 59 -23.35 9.43 -12.19
C ILE B 59 -22.11 9.19 -13.04
N ALA B 60 -20.98 8.86 -12.41
CA ALA B 60 -19.77 8.58 -13.17
C ALA B 60 -19.93 7.34 -14.03
N VAL B 61 -20.72 6.38 -13.57
CA VAL B 61 -21.00 5.21 -14.41
C VAL B 61 -21.99 5.57 -15.51
N GLY B 62 -23.07 6.27 -15.14
CA GLY B 62 -24.13 6.53 -16.10
C GLY B 62 -23.72 7.43 -17.23
N ILE B 63 -22.88 8.43 -16.94
CA ILE B 63 -22.45 9.34 -17.99
C ILE B 63 -21.60 8.61 -19.02
N ILE B 64 -20.71 7.73 -18.55
CA ILE B 64 -19.93 6.90 -19.47
C ILE B 64 -20.87 6.05 -20.32
N GLY B 65 -21.85 5.41 -19.68
CA GLY B 65 -22.79 4.60 -20.42
C GLY B 65 -23.51 5.40 -21.51
N TYR B 66 -23.99 6.58 -21.15
CA TYR B 66 -24.73 7.42 -22.09
C TYR B 66 -23.85 7.88 -23.23
N ALA B 67 -22.63 8.34 -22.93
CA ALA B 67 -21.76 8.85 -23.98
C ALA B 67 -21.36 7.75 -24.95
N ILE B 68 -21.08 6.55 -24.43
CA ILE B 68 -20.67 5.47 -25.32
C ILE B 68 -21.87 4.98 -26.14
N LYS B 69 -23.07 5.00 -25.57
CA LYS B 69 -24.23 4.62 -26.36
C LYS B 69 -24.56 5.66 -27.40
N LEU B 70 -24.18 6.92 -27.16
CA LEU B 70 -24.51 7.98 -28.10
C LEU B 70 -23.53 8.03 -29.26
N ILE B 71 -22.23 8.12 -28.97
CA ILE B 71 -21.23 8.37 -30.01
C ILE B 71 -21.25 7.27 -31.07
N HIS B 72 -21.69 6.08 -30.71
CA HIS B 72 -21.62 4.94 -31.62
C HIS B 72 -22.77 4.86 -32.61
N ILE B 73 -23.67 5.84 -32.63
CA ILE B 73 -24.73 5.82 -33.64
C ILE B 73 -24.20 6.31 -34.99
N PRO B 74 -23.61 7.51 -35.09
CA PRO B 74 -23.14 7.95 -36.41
C PRO B 74 -22.03 7.09 -36.96
N ILE B 75 -21.19 6.50 -36.10
CA ILE B 75 -20.15 5.62 -36.59
C ILE B 75 -20.75 4.32 -37.12
N ARG B 76 -21.73 3.77 -36.39
CA ARG B 76 -22.42 2.60 -36.90
C ARG B 76 -23.15 2.87 -38.20
N TYR B 77 -23.53 4.13 -38.45
CA TYR B 77 -24.11 4.46 -39.74
C TYR B 77 -23.06 4.58 -40.83
N VAL B 78 -21.96 5.28 -40.54
CA VAL B 78 -20.94 5.54 -41.55
C VAL B 78 -20.26 4.25 -41.98
N ILE B 79 -19.81 3.45 -41.00
CA ILE B 79 -19.08 2.22 -41.32
C ILE B 79 -19.98 1.27 -42.10
N VAL B 80 -21.15 0.97 -41.55
CA VAL B 80 -22.07 0.05 -42.20
C VAL B 80 -22.89 0.79 -43.26
N ARG C 51 1.69 -15.47 -16.15
CA ARG C 51 1.52 -16.06 -17.47
C ARG C 51 0.98 -15.03 -18.46
N VAL C 52 -0.11 -14.36 -18.09
CA VAL C 52 -0.73 -13.33 -18.91
C VAL C 52 -0.77 -12.04 -18.12
N ASP C 53 -0.27 -10.96 -18.72
CA ASP C 53 -0.28 -9.66 -18.08
C ASP C 53 -1.53 -8.88 -18.49
N PRO C 54 -1.99 -7.96 -17.64
CA PRO C 54 -3.21 -7.21 -17.99
C PRO C 54 -3.09 -6.38 -19.25
N LEU C 55 -1.95 -5.73 -19.47
CA LEU C 55 -1.78 -4.97 -20.70
C LEU C 55 -1.89 -5.86 -21.93
N VAL C 56 -1.53 -7.14 -21.79
CA VAL C 56 -1.70 -8.07 -22.90
C VAL C 56 -3.18 -8.28 -23.20
N VAL C 57 -4.01 -8.38 -22.16
CA VAL C 57 -5.45 -8.51 -22.36
C VAL C 57 -6.00 -7.26 -23.05
N LEU C 58 -5.58 -6.09 -22.59
CA LEU C 58 -6.05 -4.86 -23.20
C LEU C 58 -5.63 -4.79 -24.67
N PHE C 59 -4.39 -5.21 -24.97
CA PHE C 59 -3.90 -5.16 -26.34
C PHE C 59 -4.68 -6.13 -27.23
N LEU C 60 -4.99 -7.32 -26.72
CA LEU C 60 -5.81 -8.24 -27.48
C LEU C 60 -7.19 -7.65 -27.76
N ALA C 61 -7.83 -7.06 -26.74
CA ALA C 61 -9.16 -6.50 -26.96
C ALA C 61 -9.13 -5.38 -27.99
N VAL C 62 -8.13 -4.49 -27.89
CA VAL C 62 -8.05 -3.37 -28.82
C VAL C 62 -7.75 -3.86 -30.23
N GLY C 63 -6.86 -4.83 -30.38
CA GLY C 63 -6.60 -5.38 -31.70
C GLY C 63 -7.83 -6.04 -32.31
N PHE C 64 -8.62 -6.72 -31.47
CA PHE C 64 -9.86 -7.34 -31.93
C PHE C 64 -10.82 -6.30 -32.48
N ILE C 65 -11.06 -5.24 -31.69
CA ILE C 65 -11.99 -4.20 -32.12
C ILE C 65 -11.49 -3.54 -33.40
N PHE C 66 -10.19 -3.25 -33.45
CA PHE C 66 -9.61 -2.62 -34.64
C PHE C 66 -9.74 -3.52 -35.86
N SER C 67 -9.56 -4.83 -35.69
CA SER C 67 -9.68 -5.74 -36.83
C SER C 67 -11.12 -5.78 -37.33
N VAL C 68 -12.10 -5.80 -36.41
CA VAL C 68 -13.49 -5.81 -36.85
C VAL C 68 -13.82 -4.53 -37.61
N VAL C 69 -13.40 -3.38 -37.09
CA VAL C 69 -13.68 -2.12 -37.77
C VAL C 69 -13.01 -2.08 -39.14
N ALA C 70 -11.76 -2.56 -39.21
CA ALA C 70 -11.04 -2.53 -40.49
C ALA C 70 -11.71 -3.45 -41.50
N LEU C 71 -12.13 -4.64 -41.08
CA LEU C 71 -12.81 -5.55 -41.98
C LEU C 71 -14.10 -4.92 -42.50
N HIS C 72 -14.86 -4.28 -41.61
CA HIS C 72 -16.08 -3.60 -42.04
C HIS C 72 -15.79 -2.53 -43.08
N VAL C 73 -14.82 -1.65 -42.80
CA VAL C 73 -14.60 -0.53 -43.70
C VAL C 73 -14.04 -1.00 -45.03
N ILE C 74 -13.23 -2.07 -45.02
CA ILE C 74 -12.69 -2.58 -46.28
C ILE C 74 -13.80 -3.25 -47.10
N SER C 75 -14.66 -4.04 -46.45
CA SER C 75 -15.76 -4.65 -47.18
C SER C 75 -16.72 -3.60 -47.71
N LYS C 76 -16.83 -2.45 -47.04
CA LYS C 76 -17.70 -1.39 -47.53
C LYS C 76 -17.07 -0.66 -48.71
N VAL C 77 -15.78 -0.32 -48.61
CA VAL C 77 -15.13 0.38 -49.72
C VAL C 77 -14.97 -0.54 -50.92
N ALA C 78 -14.97 -1.86 -50.72
CA ALA C 78 -14.93 -2.77 -51.86
C ALA C 78 -16.21 -2.70 -52.67
N GLY C 79 -17.36 -2.66 -51.99
CA GLY C 79 -18.61 -2.49 -52.70
C GLY C 79 -18.75 -1.09 -53.28
N LYS C 80 -18.21 -0.09 -52.60
CA LYS C 80 -18.29 1.28 -53.11
C LYS C 80 -17.46 1.45 -54.37
N LEU C 81 -16.23 0.93 -54.40
CA LEU C 81 -15.39 1.08 -55.57
C LEU C 81 -15.75 0.09 -56.67
N PHE C 82 -16.15 -1.12 -56.29
CA PHE C 82 -16.51 -2.14 -57.27
C PHE C 82 -17.85 -2.79 -56.91
N THR D 17 -33.68 0.56 -35.23
CA THR D 17 -34.45 1.06 -36.38
C THR D 17 -33.54 1.80 -37.35
N ASN D 18 -34.15 2.55 -38.26
CA ASN D 18 -33.41 3.32 -39.27
C ASN D 18 -33.83 4.78 -39.15
N TYR D 19 -32.91 5.61 -38.68
CA TYR D 19 -33.16 7.03 -38.46
C TYR D 19 -32.99 7.81 -39.76
N GLU D 20 -33.36 9.09 -39.70
CA GLU D 20 -33.08 10.05 -40.76
C GLU D 20 -32.57 11.33 -40.11
N TYR D 21 -31.37 11.75 -40.47
CA TYR D 21 -30.70 12.84 -39.77
C TYR D 21 -31.43 14.16 -39.98
N ASP D 22 -31.20 15.08 -39.06
CA ASP D 22 -31.75 16.42 -39.17
C ASP D 22 -30.95 17.20 -40.21
N GLU D 23 -31.63 17.67 -41.25
CA GLU D 23 -30.97 18.30 -42.39
C GLU D 23 -31.15 19.81 -42.42
N ALA D 24 -32.14 20.35 -41.70
CA ALA D 24 -32.40 21.77 -41.71
C ALA D 24 -31.88 22.50 -40.47
N SER D 25 -31.11 21.81 -39.62
CA SER D 25 -30.56 22.40 -38.39
C SER D 25 -31.66 22.97 -37.51
N GLU D 26 -32.66 22.16 -37.20
CA GLU D 26 -33.82 22.61 -36.43
C GLU D 26 -33.78 22.13 -34.98
N THR D 27 -33.10 21.02 -34.70
CA THR D 27 -33.18 20.41 -33.37
C THR D 27 -31.88 20.41 -32.58
N TRP D 28 -30.73 20.36 -33.26
CA TRP D 28 -29.46 20.28 -32.54
C TRP D 28 -29.15 21.49 -31.64
N PRO D 29 -29.61 22.71 -31.95
CA PRO D 29 -29.34 23.82 -31.02
C PRO D 29 -29.90 23.58 -29.63
N SER D 30 -31.12 23.03 -29.53
CA SER D 30 -31.68 22.76 -28.21
C SER D 30 -30.87 21.72 -27.46
N PHE D 31 -30.44 20.67 -28.18
CA PHE D 31 -29.60 19.65 -27.56
C PHE D 31 -28.31 20.25 -27.01
N ILE D 32 -27.62 21.04 -27.83
CA ILE D 32 -26.37 21.63 -27.36
C ILE D 32 -26.63 22.59 -26.20
N LEU D 33 -27.73 23.33 -26.25
CA LEU D 33 -28.04 24.28 -25.18
C LEU D 33 -28.24 23.57 -23.85
N THR D 34 -29.05 22.50 -23.84
CA THR D 34 -29.27 21.80 -22.58
C THR D 34 -28.02 21.07 -22.12
N GLY D 35 -27.22 20.55 -23.06
CA GLY D 35 -25.96 19.93 -22.67
C GLY D 35 -25.01 20.90 -22.02
N LEU D 36 -25.01 22.16 -22.49
CA LEU D 36 -24.16 23.16 -21.87
C LEU D 36 -24.74 23.63 -20.54
N LEU D 37 -26.07 23.76 -20.46
CA LEU D 37 -26.68 24.24 -19.22
C LEU D 37 -26.45 23.26 -18.08
N MET D 38 -26.64 21.96 -18.34
CA MET D 38 -26.51 20.98 -17.27
C MET D 38 -25.10 20.96 -16.69
N VAL D 39 -24.09 21.26 -17.51
CA VAL D 39 -22.72 21.24 -17.02
C VAL D 39 -22.35 22.58 -16.39
N VAL D 40 -22.92 23.68 -16.89
CA VAL D 40 -22.53 24.99 -16.41
C VAL D 40 -23.20 25.31 -15.07
N GLY D 41 -24.52 25.19 -15.00
CA GLY D 41 -25.29 25.63 -13.85
C GLY D 41 -24.76 25.19 -12.50
N PRO D 42 -24.68 23.87 -12.28
CA PRO D 42 -24.14 23.38 -11.00
C PRO D 42 -22.75 23.89 -10.70
N MET D 43 -21.91 24.11 -11.71
CA MET D 43 -20.59 24.68 -11.44
C MET D 43 -20.70 26.09 -10.89
N THR D 44 -21.61 26.90 -11.44
CA THR D 44 -21.84 28.24 -10.92
C THR D 44 -22.37 28.18 -9.49
N LEU D 45 -23.28 27.24 -9.21
CA LEU D 45 -23.79 27.12 -7.86
C LEU D 45 -22.69 26.72 -6.88
N LEU D 46 -21.79 25.83 -7.31
CA LEU D 46 -20.68 25.42 -6.46
C LEU D 46 -19.74 26.59 -6.19
N GLN D 47 -19.41 27.35 -7.24
CA GLN D 47 -18.54 28.51 -7.05
C GLN D 47 -19.18 29.54 -6.14
N ILE D 48 -20.51 29.67 -6.22
CA ILE D 48 -21.21 30.60 -5.32
C ILE D 48 -21.14 30.10 -3.88
N TYR D 49 -21.34 28.80 -3.67
CA TYR D 49 -21.30 28.25 -2.32
C TYR D 49 -19.92 28.39 -1.69
N GLN D 50 -18.87 28.43 -2.50
CA GLN D 50 -17.51 28.59 -1.99
C GLN D 50 -17.28 30.00 -1.50
N PHE D 68 -2.33 28.27 13.11
CA PHE D 68 -2.56 28.14 14.55
C PHE D 68 -1.27 28.40 15.33
N ASN D 69 -0.14 28.06 14.72
CA ASN D 69 1.17 28.19 15.36
C ASN D 69 1.85 29.43 14.81
N GLU D 70 2.28 30.32 15.70
CA GLU D 70 2.96 31.54 15.27
C GLU D 70 4.34 31.22 14.74
N GLU D 71 4.64 31.70 13.54
CA GLU D 71 5.92 31.48 12.89
C GLU D 71 6.63 32.82 12.70
N VAL D 72 7.80 32.96 13.32
CA VAL D 72 8.58 34.19 13.23
C VAL D 72 9.72 34.09 12.22
N PHE D 73 9.87 32.96 11.54
CA PHE D 73 10.91 32.80 10.54
C PHE D 73 10.42 33.06 9.12
N LYS D 74 9.11 33.14 8.91
CA LYS D 74 8.57 33.33 7.57
C LYS D 74 9.03 34.64 6.94
N ASN D 75 9.52 35.59 7.74
CA ASN D 75 10.05 36.83 7.21
C ASN D 75 11.58 36.81 7.11
N LEU D 76 12.26 36.33 8.15
CA LEU D 76 13.70 36.39 8.19
C LEU D 76 14.37 35.29 7.36
N ASN D 77 13.61 34.29 6.92
CA ASN D 77 14.18 33.26 6.07
C ASN D 77 14.50 33.82 4.68
N GLU D 78 13.55 34.53 4.08
CA GLU D 78 13.73 35.08 2.74
C GLU D 78 14.71 36.24 2.70
N GLU D 79 15.21 36.70 3.85
CA GLU D 79 16.11 37.84 3.88
C GLU D 79 17.58 37.44 3.79
N TYR D 80 17.95 36.26 4.30
CA TYR D 80 19.34 35.82 4.28
C TYR D 80 19.63 34.78 3.21
N THR D 81 18.62 34.30 2.49
CA THR D 81 18.88 33.38 1.40
C THR D 81 19.56 34.11 0.26
N SER D 82 20.56 33.46 -0.35
CA SER D 82 21.34 34.07 -1.41
C SER D 82 20.47 34.36 -2.63
N ASP D 83 21.00 35.19 -3.53
CA ASP D 83 20.23 35.62 -4.69
C ASP D 83 20.13 34.52 -5.74
N GLU D 84 21.21 33.76 -5.97
CA GLU D 84 21.15 32.68 -6.94
C GLU D 84 20.12 31.63 -6.54
N ILE D 85 20.02 31.33 -5.25
CA ILE D 85 18.99 30.41 -4.78
C ILE D 85 17.60 30.98 -4.99
N LYS D 86 17.43 32.29 -4.80
CA LYS D 86 16.14 32.92 -5.07
C LYS D 86 15.75 32.74 -6.53
N GLN D 87 16.68 33.05 -7.44
CA GLN D 87 16.40 32.92 -8.87
C GLN D 87 16.15 31.48 -9.26
N PHE D 88 16.84 30.53 -8.61
CA PHE D 88 16.58 29.12 -8.88
C PHE D 88 15.19 28.72 -8.44
N ARG D 89 14.88 28.91 -7.14
CA ARG D 89 13.56 28.58 -6.62
C ARG D 89 12.44 29.28 -7.39
N ARG D 90 12.73 30.43 -7.99
CA ARG D 90 11.75 31.09 -8.84
C ARG D 90 11.64 30.38 -10.18
N LYS D 91 12.78 29.98 -10.75
CA LYS D 91 12.78 29.36 -12.08
C LYS D 91 12.01 28.04 -12.08
N PHE D 92 12.53 27.05 -11.36
CA PHE D 92 11.91 25.74 -11.33
C PHE D 92 11.21 25.50 -9.99
N ASN D 107 -10.83 29.06 -14.94
CA ASN D 107 -12.15 29.51 -14.53
C ASN D 107 -12.85 30.23 -15.68
N ILE D 108 -12.11 30.45 -16.76
CA ILE D 108 -12.66 31.08 -17.95
C ILE D 108 -13.73 30.22 -18.62
N ILE D 109 -13.79 28.94 -18.25
CA ILE D 109 -14.79 28.04 -18.83
C ILE D 109 -16.19 28.56 -18.57
N ILE D 110 -16.42 29.13 -17.39
CA ILE D 110 -17.74 29.68 -17.08
C ILE D 110 -18.11 30.77 -18.07
N ILE D 111 -17.20 31.71 -18.31
CA ILE D 111 -17.50 32.84 -19.16
C ILE D 111 -17.70 32.39 -20.60
N VAL D 112 -16.83 31.51 -21.10
CA VAL D 112 -16.99 31.08 -22.49
C VAL D 112 -18.26 30.27 -22.65
N GLY D 113 -18.64 29.49 -21.63
CA GLY D 113 -19.89 28.77 -21.69
C GLY D 113 -21.09 29.70 -21.70
N TRP D 114 -21.01 30.80 -20.94
CA TRP D 114 -22.11 31.75 -20.94
C TRP D 114 -22.23 32.45 -22.29
N ILE D 115 -21.11 32.80 -22.91
CA ILE D 115 -21.17 33.43 -24.22
C ILE D 115 -21.74 32.44 -25.25
N LEU D 116 -21.34 31.18 -25.17
CA LEU D 116 -21.89 30.17 -26.07
C LEU D 116 -23.39 30.00 -25.83
N VAL D 117 -23.82 30.03 -24.57
CA VAL D 117 -25.25 29.95 -24.27
C VAL D 117 -25.99 31.11 -24.91
N ALA D 118 -25.42 32.31 -24.80
CA ALA D 118 -26.06 33.49 -25.37
C ALA D 118 -26.20 33.37 -26.89
N ILE D 119 -25.11 33.03 -27.58
CA ILE D 119 -25.15 32.98 -29.03
C ILE D 119 -26.09 31.86 -29.50
N LEU D 120 -26.11 30.74 -28.77
CA LEU D 120 -26.98 29.65 -29.17
C LEU D 120 -28.44 30.01 -28.94
N LEU D 121 -28.76 30.68 -27.83
CA LEU D 121 -30.12 31.11 -27.59
C LEU D 121 -30.57 32.10 -28.67
N GLN D 122 -29.66 32.99 -29.09
CA GLN D 122 -30.00 33.92 -30.16
C GLN D 122 -30.24 33.18 -31.47
N ARG D 123 -29.42 32.18 -31.76
CA ARG D 123 -29.63 31.40 -32.98
C ARG D 123 -30.95 30.64 -32.96
N ILE D 124 -31.36 30.17 -31.78
CA ILE D 124 -32.66 29.51 -31.67
C ILE D 124 -33.78 30.51 -31.91
N ASN D 125 -33.74 31.64 -31.20
CA ASN D 125 -34.81 32.62 -31.31
C ASN D 125 -34.87 33.25 -32.70
N SER D 126 -33.78 33.22 -33.47
CA SER D 126 -33.82 33.77 -34.81
C SER D 126 -34.53 32.84 -35.79
N ASN D 127 -34.63 31.56 -35.49
CA ASN D 127 -35.27 30.61 -36.38
C ASN D 127 -36.78 30.84 -36.40
N ASP D 128 -37.41 30.41 -37.49
CA ASP D 128 -38.85 30.57 -37.66
C ASP D 128 -39.61 29.36 -37.14
N ALA D 129 -39.20 28.16 -37.57
CA ALA D 129 -39.86 26.93 -37.15
C ALA D 129 -39.52 26.58 -35.71
N GLN D 216 -51.78 8.22 -39.05
CA GLN D 216 -50.50 8.88 -38.87
C GLN D 216 -49.42 7.88 -38.45
N SER D 217 -48.27 7.95 -39.10
CA SER D 217 -47.16 7.06 -38.81
C SER D 217 -46.00 7.84 -38.19
N THR D 218 -45.16 7.11 -37.46
CA THR D 218 -44.02 7.72 -36.77
C THR D 218 -42.80 7.73 -37.68
N SER D 219 -42.05 8.83 -37.62
CA SER D 219 -40.83 9.00 -38.39
C SER D 219 -39.71 9.37 -37.41
N HIS D 220 -38.82 8.43 -37.15
CA HIS D 220 -37.73 8.67 -36.21
C HIS D 220 -36.77 9.72 -36.76
N GLY D 221 -36.13 10.44 -35.84
CA GLY D 221 -35.14 11.43 -36.22
C GLY D 221 -34.19 11.71 -35.07
N ILE D 222 -32.94 11.98 -35.43
CA ILE D 222 -31.90 12.26 -34.46
C ILE D 222 -31.66 13.77 -34.43
N ALA D 223 -31.00 14.22 -33.35
CA ALA D 223 -30.73 15.64 -33.17
C ALA D 223 -29.44 16.10 -33.83
N LEU D 224 -28.48 15.20 -34.04
CA LEU D 224 -27.22 15.57 -34.64
C LEU D 224 -27.42 16.02 -36.08
N PRO D 225 -26.60 16.96 -36.57
CA PRO D 225 -26.85 17.55 -37.89
C PRO D 225 -26.63 16.57 -39.04
N ARG D 226 -26.81 17.05 -40.27
CA ARG D 226 -26.75 16.18 -41.44
C ARG D 226 -25.33 16.08 -42.00
N PHE D 227 -24.59 17.18 -42.00
CA PHE D 227 -23.27 17.18 -42.63
C PHE D 227 -22.29 16.28 -41.91
N LEU D 228 -22.51 16.01 -40.63
CA LEU D 228 -21.58 15.21 -39.85
C LEU D 228 -21.47 13.78 -40.33
N VAL D 229 -22.45 13.29 -41.10
CA VAL D 229 -22.49 11.89 -41.48
C VAL D 229 -22.61 11.65 -42.97
N ASP D 230 -22.97 12.65 -43.79
CA ASP D 230 -23.24 12.40 -45.19
C ASP D 230 -22.45 13.25 -46.16
N GLY D 231 -21.85 14.35 -45.71
CA GLY D 231 -21.12 15.21 -46.62
C GLY D 231 -19.73 14.70 -46.98
N SER D 232 -18.81 15.62 -47.23
CA SER D 232 -17.43 15.26 -47.53
C SER D 232 -16.59 15.06 -46.28
N ALA D 233 -17.09 15.44 -45.11
CA ALA D 233 -16.39 15.23 -43.84
C ALA D 233 -16.77 13.92 -43.18
N SER D 234 -17.21 12.94 -43.97
CA SER D 234 -17.67 11.66 -43.44
C SER D 234 -16.50 10.79 -42.97
N PRO D 235 -15.45 10.58 -43.78
CA PRO D 235 -14.33 9.77 -43.28
C PRO D 235 -13.52 10.45 -42.20
N LEU D 236 -13.67 11.76 -42.03
CA LEU D 236 -12.92 12.47 -41.00
C LEU D 236 -13.28 11.96 -39.61
N LEU D 237 -14.57 11.80 -39.34
CA LEU D 237 -14.99 11.29 -38.04
C LEU D 237 -14.46 9.88 -37.79
N VAL D 238 -14.58 9.01 -38.79
CA VAL D 238 -14.16 7.63 -38.57
C VAL D 238 -12.65 7.53 -38.41
N VAL D 239 -11.89 8.39 -39.09
CA VAL D 239 -10.43 8.32 -38.93
C VAL D 239 -10.02 8.92 -37.60
N CYS D 240 -10.71 9.96 -37.15
CA CYS D 240 -10.46 10.48 -35.80
C CYS D 240 -10.77 9.44 -34.75
N TYR D 241 -11.82 8.65 -34.97
CA TYR D 241 -12.16 7.59 -34.03
C TYR D 241 -11.11 6.48 -34.06
N VAL D 242 -10.67 6.07 -35.25
CA VAL D 242 -9.60 5.09 -35.35
C VAL D 242 -8.39 5.55 -34.56
N ALA D 243 -7.99 6.81 -34.75
CA ALA D 243 -6.86 7.35 -34.01
C ALA D 243 -7.10 7.27 -32.51
N LEU D 244 -8.17 7.94 -32.03
CA LEU D 244 -8.41 8.06 -30.61
C LEU D 244 -8.61 6.71 -29.93
N LEU D 245 -8.97 5.67 -30.68
CA LEU D 245 -9.12 4.36 -30.06
C LEU D 245 -7.88 3.50 -30.16
N GLY D 246 -7.10 3.62 -31.23
CA GLY D 246 -5.99 2.70 -31.41
C GLY D 246 -4.64 3.22 -30.97
N LEU D 247 -4.41 4.52 -31.09
CA LEU D 247 -3.08 5.07 -30.86
C LEU D 247 -2.97 5.95 -29.63
N ILE D 248 -4.09 6.40 -29.07
CA ILE D 248 -4.01 7.26 -27.89
C ILE D 248 -4.24 6.46 -26.61
N LEU D 249 -5.24 5.58 -26.60
CA LEU D 249 -5.56 4.87 -25.36
C LEU D 249 -4.50 3.83 -24.99
N PRO D 250 -4.12 2.89 -25.86
CA PRO D 250 -3.12 1.90 -25.44
C PRO D 250 -1.78 2.53 -25.09
N TYR D 251 -1.33 3.50 -25.87
CA TYR D 251 -0.04 4.14 -25.61
C TYR D 251 -0.03 4.80 -24.24
N PHE D 252 -1.04 5.63 -23.96
CA PHE D 252 -1.08 6.34 -22.68
C PHE D 252 -1.24 5.37 -21.52
N VAL D 253 -2.09 4.35 -21.67
CA VAL D 253 -2.28 3.40 -20.59
C VAL D 253 -0.98 2.65 -20.30
N SER D 254 -0.28 2.23 -21.36
CA SER D 254 0.98 1.51 -21.16
C SER D 254 2.02 2.39 -20.49
N ARG D 255 2.15 3.64 -20.94
CA ARG D 255 3.11 4.55 -20.32
C ARG D 255 2.79 4.75 -18.84
N TRP D 256 1.53 5.03 -18.53
CA TRP D 256 1.16 5.27 -17.14
C TRP D 256 1.39 4.02 -16.29
N TRP D 257 1.08 2.85 -16.83
CA TRP D 257 1.28 1.62 -16.07
C TRP D 257 2.76 1.38 -15.81
N ALA D 258 3.61 1.59 -16.80
CA ALA D 258 5.04 1.43 -16.59
C ALA D 258 5.54 2.41 -15.53
N ARG D 259 5.10 3.67 -15.61
CA ARG D 259 5.55 4.68 -14.66
C ARG D 259 5.14 4.32 -13.24
N THR D 260 3.88 3.91 -13.05
CA THR D 260 3.41 3.61 -11.70
C THR D 260 3.94 2.27 -11.19
N GLN D 261 4.33 1.36 -12.08
CA GLN D 261 4.88 0.09 -11.64
C GLN D 261 6.35 0.22 -11.25
N SER D 262 7.09 1.09 -11.95
CA SER D 262 8.52 1.21 -11.66
C SER D 262 8.75 1.75 -10.26
N TYR D 263 7.96 2.72 -9.82
CA TYR D 263 8.23 3.39 -8.55
C TYR D 263 7.92 2.50 -7.36
N THR D 264 8.76 2.61 -6.34
CA THR D 264 8.55 1.92 -5.07
C THR D 264 7.54 2.68 -4.23
N LYS D 265 6.90 1.96 -3.29
CA LYS D 265 5.83 2.56 -2.50
C LYS D 265 6.28 3.78 -1.72
N LYS D 266 7.55 3.81 -1.29
CA LYS D 266 8.02 4.94 -0.49
C LYS D 266 8.14 6.21 -1.32
N GLY D 267 8.47 6.07 -2.61
CA GLY D 267 8.59 7.23 -3.47
C GLY D 267 9.94 7.33 -4.14
N ILE D 268 10.68 6.23 -4.19
CA ILE D 268 12.00 6.20 -4.80
C ILE D 268 12.02 5.12 -5.88
N HIS D 269 12.95 5.28 -6.82
CA HIS D 269 13.06 4.34 -7.92
C HIS D 269 13.54 2.99 -7.40
N ASN D 270 13.25 1.93 -8.17
CA ASN D 270 13.58 0.58 -7.71
C ASN D 270 15.06 0.29 -7.79
N VAL D 271 15.76 0.86 -8.77
CA VAL D 271 17.20 0.65 -8.87
C VAL D 271 17.92 1.22 -7.65
N THR D 272 17.44 2.37 -7.15
CA THR D 272 18.05 2.96 -5.97
C THR D 272 17.85 2.08 -4.75
N ALA D 273 16.65 1.54 -4.57
CA ALA D 273 16.40 0.65 -3.43
C ALA D 273 17.26 -0.61 -3.54
N SER D 274 17.37 -1.15 -4.76
CA SER D 274 18.21 -2.33 -4.95
C SER D 274 19.66 -2.05 -4.61
N ASN D 275 20.16 -0.87 -5.01
CA ASN D 275 21.54 -0.51 -4.70
C ASN D 275 21.72 -0.33 -3.19
N PHE D 276 20.76 0.30 -2.53
CA PHE D 276 20.86 0.48 -1.08
C PHE D 276 20.92 -0.86 -0.37
N VAL D 277 20.04 -1.79 -0.75
CA VAL D 277 20.04 -3.09 -0.08
C VAL D 277 21.31 -3.87 -0.40
N SER D 278 21.77 -3.81 -1.65
CA SER D 278 23.00 -4.52 -2.01
C SER D 278 24.21 -3.94 -1.30
N ASN D 279 24.17 -2.65 -0.96
CA ASN D 279 25.28 -2.07 -0.21
C ASN D 279 25.19 -2.36 1.27
N LEU D 280 23.97 -2.44 1.82
CA LEU D 280 23.83 -2.79 3.23
C LEU D 280 24.08 -4.27 3.50
N VAL D 281 23.93 -5.13 2.50
CA VAL D 281 24.13 -6.57 2.74
C VAL D 281 25.59 -6.86 2.98
N ASN D 282 26.46 -6.53 2.02
CA ASN D 282 27.89 -6.77 2.16
C ASN D 282 28.55 -5.52 2.73
N TYR D 283 28.25 -5.25 4.00
CA TYR D 283 28.79 -4.13 4.74
C TYR D 283 29.51 -4.66 5.96
N LYS D 284 30.82 -4.48 6.00
CA LYS D 284 31.62 -4.99 7.10
C LYS D 284 31.31 -4.19 8.37
N PRO D 285 31.02 -4.84 9.49
CA PRO D 285 30.81 -4.09 10.74
C PRO D 285 32.05 -3.37 11.23
N SER D 286 33.21 -3.61 10.61
CA SER D 286 34.44 -3.01 11.09
C SER D 286 34.52 -1.53 10.74
N GLU D 287 34.13 -1.16 9.52
CA GLU D 287 34.22 0.23 9.10
C GLU D 287 33.21 1.08 9.84
N ILE D 288 33.71 2.12 10.51
CA ILE D 288 32.84 3.02 11.27
C ILE D 288 32.13 3.94 10.29
N VAL D 289 30.83 4.14 10.51
CA VAL D 289 30.03 4.96 9.61
C VAL D 289 30.31 6.43 9.90
N THR D 290 30.63 7.18 8.85
CA THR D 290 30.83 8.62 8.96
C THR D 290 29.92 9.32 7.97
N THR D 291 30.12 10.62 7.78
CA THR D 291 29.32 11.33 6.78
C THR D 291 29.77 10.97 5.37
N ASP D 292 31.09 10.87 5.15
CA ASP D 292 31.60 10.63 3.80
C ASP D 292 31.12 9.29 3.26
N LEU D 293 30.96 8.29 4.13
CA LEU D 293 30.48 7.00 3.65
C LEU D 293 29.05 7.11 3.16
N ILE D 294 28.20 7.83 3.90
CA ILE D 294 26.81 7.97 3.45
C ILE D 294 26.74 8.80 2.18
N LEU D 295 27.62 9.79 2.03
CA LEU D 295 27.64 10.52 0.77
C LEU D 295 28.07 9.63 -0.38
N HIS D 296 29.07 8.78 -0.15
CA HIS D 296 29.51 7.84 -1.17
C HIS D 296 28.40 6.88 -1.55
N TRP D 297 27.56 6.50 -0.59
CA TRP D 297 26.40 5.66 -0.92
C TRP D 297 25.38 6.43 -1.73
N LEU D 298 25.13 7.70 -1.37
CA LEU D 298 24.12 8.48 -2.08
C LEU D 298 24.55 8.82 -3.50
N SER D 299 25.86 8.82 -3.77
CA SER D 299 26.32 9.17 -5.10
C SER D 299 25.96 8.13 -6.15
N PHE D 300 25.38 7.00 -5.77
CA PHE D 300 25.06 5.93 -6.70
C PHE D 300 23.58 5.86 -7.03
N ALA D 301 22.78 6.84 -6.64
CA ALA D 301 21.35 6.79 -6.89
C ALA D 301 21.06 6.85 -8.38
N HIS D 302 20.00 6.16 -8.80
CA HIS D 302 19.64 6.15 -10.21
C HIS D 302 18.85 7.39 -10.61
N GLU D 303 18.07 7.96 -9.68
CA GLU D 303 17.31 9.16 -10.00
C GLU D 303 18.21 10.34 -10.32
N PHE D 304 19.48 10.30 -9.93
CA PHE D 304 20.41 11.35 -10.30
C PHE D 304 20.84 11.25 -11.75
N LYS D 305 20.68 10.08 -12.37
CA LYS D 305 21.11 9.90 -13.75
C LYS D 305 20.12 10.49 -14.75
N GLN D 306 18.81 10.32 -14.50
CA GLN D 306 17.81 10.88 -15.41
C GLN D 306 17.90 12.39 -15.47
N PHE D 307 18.33 13.04 -14.39
CA PHE D 307 18.46 14.48 -14.39
C PHE D 307 19.59 14.95 -15.30
N PHE D 308 20.70 14.23 -15.28
CA PHE D 308 21.89 14.61 -16.05
C PHE D 308 22.51 13.36 -16.64
N PRO D 309 22.05 12.93 -17.82
CA PRO D 309 22.54 11.67 -18.38
C PRO D 309 24.01 11.67 -18.76
N ASP D 310 24.71 12.79 -18.63
CA ASP D 310 26.12 12.85 -19.01
C ASP D 310 27.06 12.66 -17.84
N LEU D 311 26.69 13.13 -16.65
CA LEU D 311 27.61 13.16 -15.53
C LEU D 311 27.79 11.78 -14.92
N GLN D 312 28.82 11.67 -14.08
CA GLN D 312 29.20 10.44 -13.40
C GLN D 312 29.03 10.57 -11.90
N PRO D 313 28.91 9.45 -11.17
CA PRO D 313 28.75 9.54 -9.71
C PRO D 313 29.83 10.34 -9.01
N THR D 314 31.05 10.35 -9.54
CA THR D 314 32.11 11.15 -8.92
C THR D 314 31.77 12.62 -8.94
N ASP D 315 31.17 13.11 -10.03
CA ASP D 315 30.74 14.50 -10.08
C ASP D 315 29.68 14.78 -9.03
N PHE D 316 28.78 13.83 -8.80
CA PHE D 316 27.75 14.03 -7.77
C PHE D 316 28.36 14.09 -6.38
N GLU D 317 29.32 13.20 -6.09
CA GLU D 317 30.00 13.26 -4.81
C GLU D 317 30.72 14.59 -4.63
N LYS D 318 31.40 15.06 -5.68
CA LYS D 318 32.12 16.33 -5.56
C LYS D 318 31.17 17.50 -5.39
N LEU D 319 30.04 17.48 -6.08
CA LEU D 319 29.05 18.54 -5.91
C LEU D 319 28.52 18.57 -4.48
N LEU D 320 28.11 17.42 -3.97
CA LEU D 320 27.60 17.38 -2.60
C LEU D 320 28.66 17.80 -1.60
N GLN D 321 29.92 17.46 -1.86
CA GLN D 321 30.99 17.88 -0.97
C GLN D 321 31.16 19.39 -0.99
N ASP D 322 31.13 20.00 -2.19
CA ASP D 322 31.22 21.44 -2.26
C ASP D 322 30.02 22.12 -1.60
N HIS D 323 28.87 21.45 -1.59
CA HIS D 323 27.72 22.00 -0.90
C HIS D 323 27.90 21.94 0.62
N ILE D 324 28.30 20.78 1.13
CA ILE D 324 28.46 20.63 2.57
C ILE D 324 29.54 21.56 3.08
N ASN D 325 30.64 21.69 2.36
CA ASN D 325 31.70 22.60 2.77
C ASN D 325 31.39 24.06 2.44
N ARG D 326 30.19 24.35 1.95
CA ARG D 326 29.80 25.71 1.56
C ARG D 326 30.79 26.29 0.53
N ARG D 327 30.96 25.55 -0.55
CA ARG D 327 31.85 25.93 -1.64
C ARG D 327 31.05 26.13 -2.91
N ASP D 328 31.65 26.81 -3.87
CA ASP D 328 30.99 27.14 -5.13
C ASP D 328 31.33 26.09 -6.18
N SER D 329 30.30 25.57 -6.84
CA SER D 329 30.50 24.59 -7.90
C SER D 329 31.09 25.20 -9.16
N GLY D 330 30.96 26.51 -9.34
CA GLY D 330 31.55 27.17 -10.49
C GLY D 330 30.62 27.31 -11.67
N LYS D 331 30.13 26.18 -12.19
CA LYS D 331 29.31 26.20 -13.39
C LYS D 331 28.05 25.36 -13.23
N LEU D 332 28.10 24.37 -12.34
CA LEU D 332 27.02 23.40 -12.18
C LEU D 332 26.12 23.71 -10.99
N ASN D 333 25.86 24.99 -10.74
CA ASN D 333 25.00 25.35 -9.61
C ASN D 333 23.59 24.84 -9.81
N ASN D 334 23.07 24.92 -11.03
CA ASN D 334 21.72 24.43 -11.30
C ASN D 334 21.61 22.92 -11.20
N ALA D 335 22.73 22.21 -11.16
CA ALA D 335 22.73 20.78 -10.88
C ALA D 335 22.88 20.49 -9.39
N LYS D 336 23.77 21.23 -8.72
CA LYS D 336 23.96 21.06 -7.29
C LYS D 336 22.67 21.34 -6.54
N PHE D 337 21.96 22.40 -6.90
CA PHE D 337 20.71 22.72 -6.23
C PHE D 337 19.67 21.63 -6.47
N ARG D 338 19.61 21.09 -7.69
CA ARG D 338 18.66 20.03 -7.99
C ARG D 338 18.93 18.79 -7.14
N ILE D 339 20.18 18.34 -7.10
CA ILE D 339 20.48 17.12 -6.38
C ILE D 339 20.32 17.32 -4.88
N VAL D 340 20.66 18.51 -4.36
CA VAL D 340 20.46 18.77 -2.95
C VAL D 340 18.97 18.80 -2.61
N ALA D 341 18.16 19.35 -3.51
CA ALA D 341 16.72 19.34 -3.27
C ALA D 341 16.15 17.93 -3.32
N LYS D 342 16.74 17.06 -4.13
CA LYS D 342 16.23 15.69 -4.24
C LYS D 342 16.78 14.76 -3.15
N CYS D 343 17.85 15.16 -2.47
CA CYS D 343 18.47 14.31 -1.45
C CYS D 343 17.51 13.89 -0.34
N HIS D 344 16.43 14.64 -0.13
CA HIS D 344 15.58 14.41 1.04
C HIS D 344 14.92 13.03 1.00
N SER D 345 14.15 12.75 -0.04
CA SER D 345 13.46 11.47 -0.12
C SER D 345 14.44 10.31 -0.17
N LEU D 346 15.59 10.51 -0.79
CA LEU D 346 16.61 9.46 -0.81
C LEU D 346 17.07 9.12 0.60
N LEU D 347 17.38 10.15 1.40
CA LEU D 347 17.80 9.86 2.77
C LEU D 347 16.68 9.26 3.59
N HIS D 348 15.43 9.63 3.32
CA HIS D 348 14.33 9.00 4.03
C HIS D 348 14.24 7.51 3.70
N GLY D 349 14.37 7.18 2.42
CA GLY D 349 14.39 5.77 2.05
C GLY D 349 15.53 5.01 2.68
N LEU D 350 16.72 5.62 2.71
CA LEU D 350 17.86 4.95 3.34
C LEU D 350 17.63 4.73 4.82
N LEU D 351 17.08 5.73 5.51
CA LEU D 351 16.78 5.57 6.93
C LEU D 351 15.79 4.43 7.15
N ASP D 352 14.73 4.39 6.34
CA ASP D 352 13.74 3.34 6.52
C ASP D 352 14.34 1.96 6.29
N ILE D 353 15.15 1.82 5.25
CA ILE D 353 15.73 0.51 4.96
C ILE D 353 16.71 0.09 6.06
N ALA D 354 17.54 1.03 6.52
CA ALA D 354 18.49 0.70 7.58
C ALA D 354 17.76 0.29 8.86
N CYS D 355 16.66 0.98 9.19
CA CYS D 355 15.86 0.54 10.32
C CYS D 355 15.23 -0.82 10.06
N GLY D 356 14.93 -1.12 8.80
CA GLY D 356 14.42 -2.45 8.47
C GLY D 356 15.42 -3.53 8.77
N PHE D 357 16.70 -3.30 8.43
CA PHE D 357 17.73 -4.31 8.68
C PHE D 357 18.13 -4.45 10.13
N ARG D 358 17.46 -3.74 11.05
CA ARG D 358 17.80 -3.80 12.48
C ARG D 358 19.26 -3.44 12.71
N ASN D 359 19.64 -2.27 12.23
CA ASN D 359 20.98 -1.73 12.37
C ASN D 359 20.88 -0.28 12.79
N LEU D 360 21.49 0.06 13.92
CA LEU D 360 21.30 1.38 14.51
C LEU D 360 22.30 2.42 14.03
N ASP D 361 23.56 2.04 13.89
CA ASP D 361 24.60 3.01 13.53
C ASP D 361 24.28 3.69 12.21
N ILE D 362 23.80 2.94 11.22
CA ILE D 362 23.54 3.52 9.92
C ILE D 362 22.37 4.50 9.98
N ALA D 363 21.33 4.17 10.75
CA ALA D 363 20.22 5.10 10.91
C ALA D 363 20.67 6.38 11.59
N LEU D 364 21.48 6.26 12.63
CA LEU D 364 21.94 7.45 13.33
C LEU D 364 22.82 8.31 12.42
N GLY D 365 23.72 7.68 11.67
CA GLY D 365 24.50 8.42 10.69
C GLY D 365 23.64 9.07 9.63
N ALA D 366 22.55 8.42 9.25
CA ALA D 366 21.65 8.99 8.26
C ALA D 366 20.98 10.26 8.79
N ILE D 367 20.50 10.21 10.03
CA ILE D 367 19.92 11.41 10.63
C ILE D 367 20.95 12.53 10.69
N ASN D 368 22.18 12.20 11.09
CA ASN D 368 23.20 13.23 11.19
C ASN D 368 23.53 13.84 9.83
N THR D 369 23.65 13.00 8.80
CA THR D 369 23.91 13.52 7.46
C THR D 369 22.76 14.38 6.96
N PHE D 370 21.52 14.01 7.29
CA PHE D 370 20.38 14.83 6.90
C PHE D 370 20.46 16.21 7.57
N LYS D 371 20.79 16.23 8.86
CA LYS D 371 21.01 17.50 9.54
C LYS D 371 22.09 18.32 8.81
N CYS D 372 23.23 17.69 8.54
CA CYS D 372 24.36 18.42 7.96
C CYS D 372 23.99 18.98 6.59
N ILE D 373 23.23 18.24 5.80
CA ILE D 373 22.88 18.72 4.46
C ILE D 373 21.85 19.85 4.55
N VAL D 374 20.82 19.68 5.39
CA VAL D 374 19.78 20.70 5.44
C VAL D 374 20.31 21.99 6.04
N GLN D 375 21.36 21.91 6.85
CA GLN D 375 21.87 23.12 7.48
C GLN D 375 23.13 23.66 6.81
N ALA D 376 23.78 22.89 5.93
CA ALA D 376 24.98 23.30 5.22
C ALA D 376 26.11 23.66 6.19
N VAL D 377 26.56 22.64 6.91
CA VAL D 377 27.66 22.76 7.86
C VAL D 377 28.32 21.39 8.02
N PRO D 378 29.64 21.31 8.10
CA PRO D 378 30.28 20.00 8.31
C PRO D 378 30.18 19.55 9.75
N LEU D 379 30.05 18.23 9.92
CA LEU D 379 29.83 17.64 11.24
C LEU D 379 31.10 17.73 12.06
N THR D 380 31.06 18.49 13.15
CA THR D 380 32.19 18.72 14.04
C THR D 380 31.67 18.76 15.47
N PRO D 381 32.54 18.83 16.50
CA PRO D 381 32.04 18.91 17.87
C PRO D 381 31.19 20.14 18.14
N ASN D 382 31.73 21.34 17.90
CA ASN D 382 30.99 22.57 18.15
C ASN D 382 30.37 23.05 16.83
N CYS D 383 29.27 22.41 16.47
CA CYS D 383 28.54 22.76 15.26
C CYS D 383 27.26 23.53 15.54
N GLN D 384 26.61 23.26 16.67
CA GLN D 384 25.38 23.96 17.02
C GLN D 384 25.60 25.46 17.12
N ILE D 385 26.85 25.90 17.32
CA ILE D 385 27.16 27.32 17.38
C ILE D 385 27.71 27.85 16.07
N LEU D 386 28.06 26.97 15.12
CA LEU D 386 28.44 27.38 13.77
C LEU D 386 27.27 27.39 12.81
N GLN D 387 26.14 26.79 13.19
CA GLN D 387 24.94 26.85 12.36
C GLN D 387 24.27 28.20 12.38
N LEU D 388 24.68 29.10 13.27
CA LEU D 388 24.07 30.42 13.37
C LEU D 388 24.31 31.23 12.09
N PRO D 389 23.48 32.25 11.85
CA PRO D 389 23.55 32.93 10.53
C PRO D 389 24.91 33.51 10.18
N ASN D 390 25.47 34.40 11.01
CA ASN D 390 26.67 35.15 10.64
C ASN D 390 27.75 34.95 11.70
N VAL D 391 28.54 33.90 11.55
CA VAL D 391 29.70 33.68 12.39
C VAL D 391 30.91 33.45 11.49
N ASP D 392 32.06 33.96 11.94
CA ASP D 392 33.31 33.83 11.20
C ASP D 392 34.18 32.79 11.89
N LYS D 393 34.43 31.68 11.19
CA LYS D 393 35.13 30.57 11.80
C LYS D 393 36.56 30.94 12.17
N GLU D 394 37.25 31.65 11.29
CA GLU D 394 38.64 32.02 11.52
C GLU D 394 38.82 32.85 12.79
N HIS D 395 37.75 33.41 13.32
CA HIS D 395 37.79 34.12 14.59
C HIS D 395 37.38 33.21 15.75
N PHE D 396 36.27 32.51 15.61
CA PHE D 396 35.73 31.72 16.71
C PHE D 396 36.65 30.55 17.08
N ILE D 397 37.07 29.79 16.07
CA ILE D 397 37.89 28.61 16.35
C ILE D 397 39.21 29.02 16.99
N THR D 398 39.80 30.12 16.53
CA THR D 398 41.11 30.51 17.02
C THR D 398 41.03 31.17 18.40
N LYS D 399 39.99 31.95 18.65
CA LYS D 399 39.91 32.67 19.93
C LYS D 399 39.39 31.77 21.05
N THR D 400 38.17 31.28 20.93
CA THR D 400 37.54 30.51 21.99
C THR D 400 37.61 29.02 21.68
N GLY D 401 37.62 28.22 22.75
CA GLY D 401 37.67 26.78 22.61
C GLY D 401 36.87 26.04 23.65
N ASP D 402 36.07 26.78 24.44
CA ASP D 402 35.31 26.18 25.52
C ASP D 402 33.80 26.32 25.36
N ILE D 403 33.33 27.21 24.48
CA ILE D 403 31.91 27.37 24.23
C ILE D 403 31.50 26.32 23.20
N HIS D 404 30.61 25.42 23.59
CA HIS D 404 30.30 24.26 22.77
C HIS D 404 28.85 24.15 22.34
N THR D 405 27.92 24.83 23.01
CA THR D 405 26.52 24.72 22.64
C THR D 405 25.78 25.97 23.07
N LEU D 406 24.45 25.92 22.93
CA LEU D 406 23.64 27.13 23.07
C LEU D 406 23.65 27.66 24.51
N GLY D 407 23.47 26.77 25.48
CA GLY D 407 23.35 27.24 26.85
C GLY D 407 24.60 27.92 27.35
N LYS D 408 25.76 27.27 27.19
CA LYS D 408 27.02 27.88 27.56
C LYS D 408 27.21 29.22 26.87
N LEU D 409 26.65 29.38 25.67
CA LEU D 409 26.74 30.65 24.98
C LEU D 409 25.85 31.70 25.63
N PHE D 410 24.59 31.36 25.88
CA PHE D 410 23.66 32.29 26.52
C PHE D 410 24.07 32.64 27.94
N THR D 411 24.97 31.87 28.55
CA THR D 411 25.45 32.21 29.88
C THR D 411 26.13 33.59 29.89
N LEU D 412 26.71 33.99 28.76
CA LEU D 412 27.41 35.26 28.69
C LEU D 412 26.42 36.41 28.49
N GLU D 413 26.91 37.63 28.68
CA GLU D 413 26.08 38.82 28.57
C GLU D 413 25.81 39.13 27.10
N ASP D 414 25.18 40.28 26.86
CA ASP D 414 24.79 40.66 25.50
C ASP D 414 25.96 41.18 24.69
N ALA D 415 26.84 41.98 25.28
CA ALA D 415 27.99 42.50 24.56
C ALA D 415 29.10 41.47 24.41
N LYS D 416 29.27 40.62 25.43
CA LYS D 416 30.25 39.54 25.32
C LYS D 416 29.89 38.57 24.20
N ILE D 417 28.61 38.38 23.94
CA ILE D 417 28.19 37.52 22.82
C ILE D 417 28.74 38.06 21.51
N GLY D 418 28.56 39.36 21.27
CA GLY D 418 29.10 39.96 20.07
C GLY D 418 30.63 39.94 20.05
N GLU D 419 31.25 40.16 21.20
CA GLU D 419 32.70 40.15 21.26
C GLU D 419 33.27 38.77 20.95
N VAL D 420 32.56 37.71 21.33
CA VAL D 420 33.03 36.36 21.06
C VAL D 420 32.75 35.96 19.62
N LEU D 421 31.51 36.17 19.16
CA LEU D 421 31.16 35.81 17.80
C LEU D 421 31.91 36.63 16.76
N GLY D 422 32.35 37.83 17.10
CA GLY D 422 33.05 38.66 16.15
C GLY D 422 32.19 39.10 14.99
N ILE D 423 31.12 39.84 15.28
CA ILE D 423 30.27 40.39 14.23
C ILE D 423 30.17 41.90 14.36
N LYS D 424 30.24 42.40 15.59
CA LYS D 424 30.26 43.83 15.94
C LYS D 424 29.33 44.65 15.05
N ASP D 425 28.05 44.28 15.08
CA ASP D 425 27.03 44.98 14.31
C ASP D 425 25.69 44.79 15.01
N GLN D 426 25.19 45.83 15.65
CA GLN D 426 23.98 45.72 16.46
C GLN D 426 22.77 45.33 15.61
N ALA D 427 22.60 46.02 14.48
CA ALA D 427 21.47 45.73 13.60
C ALA D 427 21.50 44.31 13.08
N LYS D 428 22.67 43.69 13.00
CA LYS D 428 22.78 42.29 12.64
C LYS D 428 22.92 41.39 13.85
N LEU D 429 23.36 41.93 15.00
CA LEU D 429 23.41 41.13 16.22
C LEU D 429 22.01 40.80 16.72
N ASN D 430 21.06 41.72 16.57
CA ASN D 430 19.69 41.42 16.96
C ASN D 430 19.13 40.24 16.16
N GLU D 431 19.44 40.18 14.87
CA GLU D 431 18.94 39.10 14.03
C GLU D 431 19.51 37.76 14.46
N THR D 432 20.83 37.68 14.65
CA THR D 432 21.43 36.41 15.04
C THR D 432 20.99 35.97 16.42
N LEU D 433 20.80 36.91 17.36
CA LEU D 433 20.29 36.51 18.67
C LEU D 433 18.85 36.03 18.58
N ARG D 434 18.03 36.67 17.76
CA ARG D 434 16.65 36.23 17.59
C ARG D 434 16.55 34.88 16.90
N VAL D 435 17.56 34.51 16.09
CA VAL D 435 17.55 33.15 15.57
C VAL D 435 18.11 32.16 16.59
N ALA D 436 19.09 32.56 17.38
CA ALA D 436 19.66 31.66 18.37
C ALA D 436 18.78 31.47 19.58
N SER D 437 17.72 32.26 19.73
CA SER D 437 16.79 32.09 20.83
C SER D 437 15.45 31.55 20.35
N HIS D 438 15.44 30.78 19.25
CA HIS D 438 14.19 30.26 18.73
C HIS D 438 14.29 28.84 18.20
N ILE D 439 15.40 28.15 18.39
CA ILE D 439 15.51 26.76 17.92
C ILE D 439 15.14 25.83 19.06
N PRO D 440 14.27 24.85 18.82
CA PRO D 440 13.62 24.15 19.94
C PRO D 440 14.46 23.06 20.57
N ASN D 441 14.61 23.12 21.88
CA ASN D 441 15.19 22.04 22.67
C ASN D 441 14.08 21.32 23.43
N LEU D 442 14.24 20.01 23.59
CA LEU D 442 13.23 19.18 24.23
C LEU D 442 13.67 18.81 25.64
N LYS D 443 12.75 18.19 26.37
CA LYS D 443 12.99 17.79 27.76
C LYS D 443 11.86 16.87 28.18
N ILE D 444 12.19 15.82 28.92
CA ILE D 444 11.23 14.79 29.30
C ILE D 444 10.54 15.19 30.61
N ILE D 445 9.32 14.68 30.79
CA ILE D 445 8.56 14.88 32.01
C ILE D 445 8.10 13.56 32.61
N LYS D 446 7.42 12.73 31.83
CA LYS D 446 6.94 11.44 32.33
C LYS D 446 6.89 10.45 31.18
N ALA D 447 7.43 9.26 31.41
CA ALA D 447 7.52 8.23 30.37
C ALA D 447 7.21 6.87 31.01
N ASP D 448 6.22 6.17 30.47
CA ASP D 448 5.86 4.86 30.98
C ASP D 448 5.07 4.11 29.93
N PHE D 449 4.95 2.81 30.13
CA PHE D 449 4.20 1.96 29.22
C PHE D 449 2.70 2.12 29.41
N LEU D 450 1.95 1.65 28.42
CA LEU D 450 0.51 1.50 28.51
C LEU D 450 0.15 0.17 27.86
N VAL D 451 -0.76 -0.57 28.48
CA VAL D 451 -1.04 -1.93 28.02
C VAL D 451 -2.49 -2.08 27.58
N PRO D 452 -2.85 -1.61 26.39
CA PRO D 452 -4.07 -2.09 25.75
C PRO D 452 -3.80 -3.40 25.04
N GLY D 453 -4.74 -3.87 24.22
CA GLY D 453 -4.48 -5.05 23.40
C GLY D 453 -3.16 -5.00 22.67
N ARG D 454 -2.73 -3.82 22.24
CA ARG D 454 -1.40 -3.61 21.70
C ARG D 454 -0.70 -2.54 22.53
N PRO D 455 0.48 -2.81 23.09
CA PRO D 455 1.15 -1.79 23.92
C PRO D 455 1.62 -0.63 23.07
N TYR D 456 1.50 0.58 23.63
CA TYR D 456 1.97 1.78 22.96
C TYR D 456 2.53 2.73 24.00
N ILE D 457 3.68 3.33 23.68
CA ILE D 457 4.39 4.19 24.63
C ILE D 457 3.82 5.59 24.58
N SER D 458 3.89 6.28 25.71
CA SER D 458 3.42 7.65 25.84
C SER D 458 4.53 8.51 26.40
N LEU D 459 4.69 9.71 25.86
CA LEU D 459 5.72 10.64 26.28
C LEU D 459 5.11 12.01 26.55
N LYS D 460 5.72 12.72 27.50
CA LYS D 460 5.32 14.08 27.85
C LYS D 460 6.56 14.96 27.77
N VAL D 461 6.65 15.75 26.71
CA VAL D 461 7.82 16.56 26.43
C VAL D 461 7.50 18.02 26.70
N LEU D 462 8.54 18.82 26.96
CA LEU D 462 8.40 20.25 27.21
C LEU D 462 9.25 20.98 26.17
N VAL D 463 8.62 21.42 25.09
CA VAL D 463 9.34 22.15 24.05
C VAL D 463 9.71 23.53 24.59
N ARG D 464 11.01 23.77 24.74
CA ARG D 464 11.51 25.01 25.33
C ARG D 464 12.57 25.61 24.42
N SER D 465 12.81 26.90 24.62
CA SER D 465 13.90 27.57 23.92
C SER D 465 15.20 27.40 24.68
N ALA D 466 16.29 27.78 24.04
CA ALA D 466 17.60 27.63 24.66
C ALA D 466 17.89 28.70 25.71
N LYS D 467 16.91 29.50 26.10
CA LYS D 467 17.13 30.60 27.04
C LYS D 467 16.47 30.41 28.39
N GLN D 468 15.37 29.69 28.48
CA GLN D 468 14.68 29.56 29.75
C GLN D 468 15.47 28.67 30.70
N PRO D 469 15.58 29.06 31.98
CA PRO D 469 16.25 28.19 32.97
C PRO D 469 15.45 26.92 33.26
N LEU D 470 16.00 26.05 34.09
CA LEU D 470 15.37 24.77 34.37
C LEU D 470 14.22 24.95 35.35
N ILE D 471 13.04 24.50 34.97
CA ILE D 471 11.85 24.54 35.82
C ILE D 471 11.65 23.15 36.43
N PRO D 472 11.38 23.06 37.73
CA PRO D 472 11.21 21.74 38.34
C PRO D 472 9.92 21.08 37.91
N THR D 473 9.93 19.74 37.96
CA THR D 473 8.74 18.99 37.56
C THR D 473 7.68 19.01 38.65
N SER D 474 8.07 19.27 39.90
CA SER D 474 7.11 19.23 41.00
C SER D 474 6.05 20.31 40.89
N LEU D 475 6.36 21.46 40.28
CA LEU D 475 5.39 22.53 40.15
C LEU D 475 4.28 22.20 39.15
N ILE D 476 4.39 21.11 38.42
CA ILE D 476 3.36 20.76 37.44
C ILE D 476 2.06 20.46 38.17
N PRO D 477 0.92 21.05 37.77
CA PRO D 477 -0.34 20.79 38.47
C PRO D 477 -0.88 19.40 38.29
N GLU D 478 -0.22 18.55 37.49
CA GLU D 478 -0.57 17.16 37.29
C GLU D 478 -1.89 17.02 36.53
N GLU D 479 -2.55 18.14 36.23
CA GLU D 479 -3.79 18.07 35.47
C GLU D 479 -3.54 17.83 34.00
N ASN D 480 -2.50 18.47 33.45
CA ASN D 480 -2.24 18.34 32.02
C ASN D 480 -1.71 16.95 31.68
N LEU D 481 -0.98 16.33 32.59
CA LEU D 481 -0.32 15.06 32.28
C LEU D 481 -1.33 13.93 32.18
N THR D 482 -2.39 13.95 32.97
CA THR D 482 -3.39 12.90 32.93
C THR D 482 -4.24 12.99 31.67
N GLU D 483 -4.81 11.85 31.28
CA GLU D 483 -5.63 11.72 30.09
C GLU D 483 -7.09 11.49 30.45
N PRO D 484 -8.03 12.06 29.69
CA PRO D 484 -9.44 11.74 29.90
C PRO D 484 -9.77 10.37 29.36
N GLN D 485 -10.49 9.59 30.17
CA GLN D 485 -10.82 8.20 29.82
C GLN D 485 -12.26 8.15 29.32
N ASP D 486 -12.42 8.16 28.00
CA ASP D 486 -13.72 8.05 27.36
C ASP D 486 -13.68 6.92 26.34
N SER D 487 -14.87 6.55 25.84
CA SER D 487 -14.96 5.46 24.88
C SER D 487 -14.26 5.83 23.58
N GLU D 488 -14.50 7.04 23.07
CA GLU D 488 -13.86 7.47 21.82
C GLU D 488 -12.35 7.57 22.00
N SER D 489 -11.89 8.06 23.15
CA SER D 489 -10.46 8.17 23.39
C SER D 489 -9.83 6.79 23.55
N GLN D 490 -10.55 5.86 24.20
CA GLN D 490 -10.03 4.50 24.34
C GLN D 490 -9.99 3.78 23.00
N ARG D 491 -10.91 4.10 22.09
CA ARG D 491 -10.93 3.45 20.79
C ARG D 491 -9.71 3.82 19.97
N ASP D 492 -9.46 5.12 19.80
CA ASP D 492 -8.32 5.61 19.03
C ASP D 492 -7.63 6.69 19.86
N PRO D 493 -6.63 6.33 20.67
CA PRO D 493 -5.97 7.35 21.49
C PRO D 493 -5.20 8.37 20.69
N PHE D 494 -4.79 8.05 19.47
CA PHE D 494 -4.03 8.98 18.65
C PHE D 494 -4.86 10.15 18.15
N ALA D 495 -6.18 10.14 18.39
CA ALA D 495 -7.02 11.25 17.96
C ALA D 495 -6.63 12.54 18.66
N MET D 496 -6.29 12.45 19.95
CA MET D 496 -5.89 13.66 20.68
C MET D 496 -4.56 14.21 20.17
N MET D 497 -3.64 13.30 19.81
CA MET D 497 -2.38 13.76 19.22
C MET D 497 -2.61 14.40 17.87
N SER D 498 -3.56 13.88 17.08
CA SER D 498 -3.84 14.41 15.77
C SER D 498 -4.40 15.84 15.80
N LYS D 499 -4.62 16.41 16.98
CA LYS D 499 -5.20 17.74 17.08
C LYS D 499 -4.16 18.85 17.17
N GLN D 500 -2.93 18.51 17.55
CA GLN D 500 -1.91 19.53 17.74
C GLN D 500 -1.58 20.23 16.42
N PRO D 501 -1.16 21.49 16.48
CA PRO D 501 -0.89 22.23 15.25
C PRO D 501 0.39 21.78 14.59
N LEU D 502 0.65 22.36 13.41
CA LEU D 502 1.86 22.06 12.67
C LEU D 502 3.03 22.90 13.18
N VAL D 503 4.22 22.57 12.70
CA VAL D 503 5.45 23.24 13.10
C VAL D 503 5.76 24.33 12.09
N PRO D 504 6.47 25.40 12.47
CA PRO D 504 6.73 26.48 11.51
C PRO D 504 7.71 26.09 10.42
N TYR D 505 7.89 26.96 9.44
CA TYR D 505 8.89 26.71 8.40
C TYR D 505 10.29 26.86 8.97
N SER D 506 11.18 25.94 8.59
CA SER D 506 12.50 25.89 9.17
C SER D 506 13.33 27.10 8.74
N PHE D 507 14.56 27.15 9.26
CA PHE D 507 15.52 28.20 8.93
C PHE D 507 16.60 27.55 8.07
N ALA D 508 16.39 27.54 6.77
CA ALA D 508 17.27 26.87 5.81
C ALA D 508 17.85 27.90 4.86
N PRO D 509 18.89 28.64 5.27
CA PRO D 509 19.48 29.66 4.40
C PRO D 509 20.16 29.10 3.17
N PHE D 510 20.34 27.78 3.08
CA PHE D 510 21.00 27.20 1.92
C PHE D 510 20.27 26.01 1.31
N PHE D 511 19.28 25.45 1.98
CA PHE D 511 18.45 24.46 1.34
C PHE D 511 17.56 25.15 0.31
N PRO D 512 17.56 24.69 -0.95
CA PRO D 512 16.85 25.44 -2.00
C PRO D 512 15.38 25.66 -1.71
N THR D 513 14.61 24.61 -1.46
CA THR D 513 13.18 24.75 -1.21
C THR D 513 12.96 25.17 0.24
N LYS D 514 11.69 25.27 0.64
CA LYS D 514 11.32 25.56 2.01
C LYS D 514 10.95 24.27 2.71
N ARG D 515 11.48 24.07 3.92
CA ARG D 515 11.24 22.85 4.67
C ARG D 515 10.54 23.16 5.98
N ARG D 516 9.70 22.22 6.41
CA ARG D 516 9.09 22.27 7.72
C ARG D 516 9.88 21.41 8.70
N GLY D 517 9.92 21.84 9.95
CA GLY D 517 10.57 21.05 10.98
C GLY D 517 9.94 19.66 11.09
N SER D 518 10.72 18.75 11.65
CA SER D 518 10.24 17.39 11.82
C SER D 518 10.94 16.77 13.02
N TRP D 519 10.41 15.63 13.46
CA TRP D 519 11.01 14.88 14.55
C TRP D 519 10.84 13.40 14.25
N CYS D 520 11.96 12.70 14.10
CA CYS D 520 11.97 11.28 13.77
C CYS D 520 12.31 10.50 15.03
N CYS D 521 11.39 9.64 15.45
CA CYS D 521 11.55 8.84 16.67
C CYS D 521 11.72 7.38 16.30
N LEU D 522 12.75 6.76 16.85
CA LEU D 522 13.06 5.35 16.60
C LEU D 522 13.43 4.68 17.91
N VAL D 523 13.08 3.40 18.02
CA VAL D 523 13.23 2.65 19.25
C VAL D 523 14.09 1.42 19.00
N SER D 524 14.93 1.09 19.97
CA SER D 524 15.75 -0.11 19.92
C SER D 524 15.75 -0.78 21.28
N SER D 525 16.32 -1.98 21.34
CA SER D 525 16.42 -2.73 22.58
C SER D 525 17.76 -2.43 23.25
N GLN D 526 17.83 -2.76 24.54
CA GLN D 526 19.02 -2.49 25.34
C GLN D 526 19.81 -3.74 25.69
N LYS D 527 19.27 -4.93 25.44
CA LYS D 527 19.99 -6.15 25.76
C LYS D 527 21.01 -6.50 24.69
N ASP D 528 20.66 -6.30 23.42
CA ASP D 528 21.55 -6.57 22.31
C ASP D 528 21.92 -5.35 21.50
N GLY D 529 21.02 -4.38 21.33
CA GLY D 529 21.34 -3.17 20.62
C GLY D 529 20.96 -3.18 19.15
N LYS D 530 19.70 -3.52 18.85
CA LYS D 530 19.22 -3.56 17.49
C LYS D 530 17.89 -2.82 17.40
N ILE D 531 17.67 -2.18 16.25
CA ILE D 531 16.38 -1.55 15.99
C ILE D 531 15.33 -2.63 15.78
N LEU D 532 14.14 -2.44 16.34
CA LEU D 532 13.11 -3.47 16.33
C LEU D 532 11.82 -3.04 15.66
N GLN D 533 11.80 -1.89 14.98
CA GLN D 533 10.62 -1.49 14.23
C GLN D 533 11.00 -0.34 13.29
N THR D 534 10.07 -0.01 12.40
CA THR D 534 10.25 1.12 11.52
C THR D 534 10.16 2.42 12.33
N PRO D 535 10.89 3.46 11.91
CA PRO D 535 10.87 4.73 12.66
C PRO D 535 9.58 5.49 12.40
N ILE D 536 8.98 6.00 13.46
CA ILE D 536 7.76 6.81 13.36
C ILE D 536 8.17 8.27 13.22
N ILE D 537 7.56 8.96 12.26
CA ILE D 537 7.91 10.34 11.93
C ILE D 537 6.75 11.22 12.36
N ILE D 538 6.91 11.93 13.47
CA ILE D 538 5.87 12.82 13.97
C ILE D 538 6.12 14.22 13.44
N GLU D 539 5.03 14.92 13.14
CA GLU D 539 5.11 16.23 12.52
C GLU D 539 4.36 17.32 13.25
N LYS D 540 3.36 16.99 14.06
CA LYS D 540 2.51 17.98 14.71
C LYS D 540 3.00 18.18 16.14
N LEU D 541 3.33 19.41 16.48
CA LEU D 541 3.79 19.74 17.82
C LEU D 541 3.58 21.23 18.05
N SER D 542 3.22 21.58 19.28
CA SER D 542 2.87 22.94 19.63
C SER D 542 4.12 23.67 20.12
N TYR D 543 4.54 24.69 19.36
CA TYR D 543 5.72 25.48 19.72
C TYR D 543 5.33 26.77 20.45
N LYS D 544 4.25 26.74 21.22
CA LYS D 544 3.75 27.96 21.84
C LYS D 544 4.71 28.50 22.89
N ASN D 545 5.43 27.63 23.59
CA ASN D 545 6.33 28.05 24.65
C ASN D 545 7.51 28.87 24.17
N LEU D 546 7.66 29.07 22.85
CA LEU D 546 8.81 29.76 22.29
C LEU D 546 8.56 31.22 21.98
N ASN D 547 7.29 31.66 21.98
CA ASN D 547 6.95 33.00 21.52
C ASN D 547 7.62 34.07 22.38
N ASP D 548 7.66 35.29 21.84
CA ASP D 548 8.35 36.41 22.47
C ASP D 548 7.54 37.02 23.62
N ASP D 549 6.50 36.35 24.09
CA ASP D 549 5.69 36.90 25.17
C ASP D 549 6.36 36.75 26.53
N LYS D 550 6.92 35.58 26.83
CA LYS D 550 7.57 35.34 28.11
C LYS D 550 9.09 35.46 27.97
N ASP D 551 9.54 36.67 27.64
CA ASP D 551 10.97 36.95 27.54
C ASP D 551 11.58 37.35 28.87
N PHE D 552 10.76 37.66 29.88
CA PHE D 552 11.26 37.94 31.21
C PHE D 552 11.94 36.73 31.83
N PHE D 553 11.58 35.53 31.41
CA PHE D 553 12.03 34.29 32.05
C PHE D 553 13.40 33.94 31.49
N ASP D 554 14.42 34.62 32.01
CA ASP D 554 15.77 34.54 31.48
C ASP D 554 16.70 33.85 32.46
N LYS D 555 17.81 33.34 31.94
CA LYS D 555 18.81 32.67 32.76
C LYS D 555 19.82 33.64 33.37
N ARG D 556 20.06 34.77 32.71
CA ARG D 556 21.08 35.70 33.20
C ARG D 556 20.59 36.58 34.33
N ILE D 557 19.31 36.51 34.70
CA ILE D 557 18.82 37.33 35.80
C ILE D 557 19.15 36.70 37.14
N LYS D 558 19.02 35.37 37.23
CA LYS D 558 19.34 34.55 38.41
C LYS D 558 18.87 35.21 39.71
N MET D 559 17.55 35.39 39.81
CA MET D 559 16.93 35.85 41.05
C MET D 559 15.68 35.03 41.36
N ASP D 560 15.66 33.77 40.93
CA ASP D 560 14.55 32.84 41.18
C ASP D 560 13.25 33.39 40.59
N LEU D 561 13.23 33.50 39.27
CA LEU D 561 12.06 33.99 38.54
C LEU D 561 10.87 33.04 38.60
N THR D 562 10.99 31.89 39.28
CA THR D 562 9.83 31.01 39.43
C THR D 562 8.75 31.67 40.27
N LYS D 563 9.13 32.44 41.28
CA LYS D 563 8.18 33.18 42.11
C LYS D 563 7.98 34.58 41.56
N HIS D 564 7.48 34.64 40.32
CA HIS D 564 7.23 35.89 39.63
C HIS D 564 5.73 36.14 39.52
N GLU D 565 5.37 37.40 39.32
CA GLU D 565 3.96 37.75 39.18
C GLU D 565 3.38 37.26 37.87
N LYS D 566 4.20 37.16 36.83
CA LYS D 566 3.74 36.74 35.52
C LYS D 566 3.88 35.24 35.29
N PHE D 567 4.42 34.51 36.27
CA PHE D 567 4.59 33.07 36.13
C PHE D 567 3.25 32.39 36.41
N ASP D 568 2.69 31.75 35.38
CA ASP D 568 1.42 31.05 35.49
C ASP D 568 1.61 29.64 34.95
N ILE D 569 1.66 28.65 35.84
CA ILE D 569 1.95 27.28 35.46
C ILE D 569 0.90 26.68 34.54
N ASN D 570 -0.23 27.35 34.35
CA ASN D 570 -1.29 26.85 33.50
C ASN D 570 -1.18 27.33 32.06
N ASP D 571 -0.25 28.26 31.78
CA ASP D 571 -0.11 28.78 30.42
C ASP D 571 0.83 27.94 29.57
N TRP D 572 1.87 27.36 30.16
CA TRP D 572 2.84 26.57 29.40
C TRP D 572 2.19 25.27 28.95
N GLU D 573 2.07 25.09 27.65
CA GLU D 573 1.47 23.88 27.11
C GLU D 573 2.51 22.79 26.97
N ILE D 574 2.08 21.55 27.20
CA ILE D 574 2.96 20.39 27.22
C ILE D 574 2.47 19.44 26.13
N GLY D 575 3.21 19.36 25.03
CA GLY D 575 2.84 18.48 23.95
C GLY D 575 2.85 17.02 24.38
N THR D 576 2.34 16.17 23.48
CA THR D 576 2.25 14.74 23.73
C THR D 576 2.72 13.97 22.51
N ILE D 577 3.31 12.80 22.75
CA ILE D 577 3.81 11.94 21.68
C ILE D 577 3.42 10.50 22.00
N LYS D 578 2.81 9.82 21.04
CA LYS D 578 2.38 8.43 21.20
C LYS D 578 3.13 7.58 20.19
N ILE D 579 3.79 6.54 20.68
CA ILE D 579 4.60 5.64 19.85
C ILE D 579 4.04 4.22 20.02
N PRO D 580 3.48 3.62 18.98
CA PRO D 580 3.06 2.22 19.10
C PRO D 580 4.26 1.30 19.12
N LEU D 581 4.19 0.28 19.98
CA LEU D 581 5.35 -0.60 20.16
C LEU D 581 5.53 -1.54 18.98
N GLY D 582 4.46 -1.84 18.24
CA GLY D 582 4.56 -2.63 17.03
C GLY D 582 4.88 -4.09 17.22
N GLN D 583 5.29 -4.51 18.42
CA GLN D 583 5.59 -5.91 18.67
C GLN D 583 4.89 -6.32 19.96
N PRO D 584 4.38 -7.54 20.05
CA PRO D 584 3.69 -7.97 21.27
C PRO D 584 4.68 -8.12 22.43
N ALA D 585 4.14 -7.98 23.64
CA ALA D 585 4.95 -8.13 24.82
C ALA D 585 5.41 -9.58 24.98
N PRO D 586 6.60 -9.82 25.50
CA PRO D 586 7.06 -11.20 25.67
C PRO D 586 6.22 -11.94 26.69
N GLU D 587 6.07 -13.25 26.47
CA GLU D 587 5.26 -14.08 27.35
C GLU D 587 5.94 -14.37 28.68
N THR D 588 7.20 -14.00 28.85
CA THR D 588 7.90 -14.25 30.10
C THR D 588 7.51 -13.19 31.13
N VAL D 589 8.07 -13.33 32.33
CA VAL D 589 7.81 -12.40 33.44
C VAL D 589 9.15 -11.85 33.92
N GLY D 590 9.28 -10.54 33.94
CA GLY D 590 10.51 -9.92 34.38
C GLY D 590 10.60 -8.49 33.87
N ASP D 591 11.83 -8.00 33.80
CA ASP D 591 12.11 -6.66 33.31
C ASP D 591 12.80 -6.74 31.96
N PHE D 592 12.37 -5.90 31.02
CA PHE D 592 12.99 -5.78 29.71
C PHE D 592 13.13 -4.31 29.38
N PHE D 593 14.37 -3.86 29.19
CA PHE D 593 14.64 -2.45 29.00
C PHE D 593 14.49 -2.04 27.55
N PHE D 594 14.17 -0.77 27.34
CA PHE D 594 14.01 -0.19 26.02
C PHE D 594 14.76 1.13 25.95
N ARG D 595 14.80 1.70 24.76
CA ARG D 595 15.53 2.95 24.53
C ARG D 595 14.91 3.64 23.34
N VAL D 596 14.28 4.80 23.57
CA VAL D 596 13.64 5.58 22.54
C VAL D 596 14.42 6.87 22.35
N ILE D 597 14.71 7.20 21.10
CA ILE D 597 15.46 8.41 20.74
C ILE D 597 14.58 9.26 19.85
N VAL D 598 14.54 10.55 20.12
CA VAL D 598 13.78 11.51 19.32
C VAL D 598 14.77 12.58 18.87
N LYS D 599 15.31 12.42 17.67
CA LYS D 599 16.28 13.37 17.13
C LYS D 599 15.58 14.34 16.19
N SER D 600 16.12 15.56 16.13
CA SER D 600 15.60 16.54 15.20
C SER D 600 16.11 16.25 13.79
N THR D 601 15.51 16.91 12.81
CA THR D 601 15.89 16.70 11.42
C THR D 601 16.29 17.98 10.71
N ASP D 602 16.25 19.11 11.37
CA ASP D 602 16.61 20.34 10.68
C ASP D 602 17.65 21.18 11.41
N TYR D 603 17.66 21.15 12.73
CA TYR D 603 18.58 21.96 13.51
C TYR D 603 19.59 21.05 14.22
N PHE D 604 20.44 21.67 15.03
CA PHE D 604 21.42 20.94 15.81
C PHE D 604 21.12 21.10 17.29
N THR D 605 19.85 20.98 17.65
CA THR D 605 19.41 21.22 19.01
C THR D 605 19.72 20.02 19.90
N THR D 606 19.22 20.06 21.14
CA THR D 606 19.41 18.99 22.10
C THR D 606 18.22 18.03 22.01
N ASP D 607 18.51 16.73 21.98
CA ASP D 607 17.48 15.73 21.79
C ASP D 607 17.42 14.80 23.00
N LEU D 608 16.60 13.75 22.89
CA LEU D 608 16.31 12.85 23.98
C LEU D 608 17.02 11.51 23.78
N ASP D 609 17.47 10.92 24.88
CA ASP D 609 18.01 9.56 24.86
C ASP D 609 17.76 8.97 26.24
N ILE D 610 16.68 8.20 26.37
CA ILE D 610 16.25 7.68 27.65
C ILE D 610 16.14 6.16 27.59
N THR D 611 16.11 5.55 28.77
CA THR D 611 15.92 4.12 28.91
C THR D 611 14.70 3.86 29.76
N MET D 612 13.73 3.14 29.21
CA MET D 612 12.54 2.74 29.92
C MET D 612 12.41 1.22 29.88
N ASN D 613 11.83 0.65 30.92
CA ASN D 613 11.71 -0.79 31.04
C ASN D 613 10.26 -1.17 31.24
N MET D 614 9.90 -2.35 30.75
CA MET D 614 8.56 -2.89 30.90
C MET D 614 8.54 -3.89 32.06
N LYS D 615 7.60 -3.69 32.97
CA LYS D 615 7.43 -4.60 34.11
C LYS D 615 6.24 -5.51 33.83
N VAL D 616 6.49 -6.56 33.06
CA VAL D 616 5.48 -7.57 32.82
C VAL D 616 5.31 -8.38 34.10
N ARG D 617 4.07 -8.41 34.62
CA ARG D 617 3.79 -9.05 35.90
C ARG D 617 2.70 -10.10 35.84
N ASP D 618 1.71 -9.94 34.96
CA ASP D 618 0.58 -10.86 34.86
C ASP D 618 -0.15 -10.99 36.19
N ASN E 69 33.50 -8.41 -6.34
CA ASN E 69 33.55 -8.62 -4.90
C ASN E 69 33.40 -10.09 -4.56
N ASP E 70 34.37 -10.90 -4.98
CA ASP E 70 34.32 -12.34 -4.72
C ASP E 70 35.72 -12.91 -4.80
N ALA E 71 35.90 -14.05 -4.13
CA ALA E 71 37.15 -14.79 -4.14
C ALA E 71 37.09 -16.05 -4.99
N HIS E 72 36.18 -16.08 -5.97
CA HIS E 72 36.00 -17.28 -6.78
C HIS E 72 37.00 -17.36 -7.92
N ASP E 73 36.97 -16.38 -8.82
CA ASP E 73 37.78 -16.43 -10.04
C ASP E 73 39.27 -16.42 -9.75
N LEU E 74 39.68 -15.92 -8.58
CA LEU E 74 41.10 -15.88 -8.25
C LEU E 74 41.66 -17.29 -8.14
N TYR E 75 40.87 -18.22 -7.61
CA TYR E 75 41.33 -19.61 -7.53
C TYR E 75 41.53 -20.20 -8.92
N PHE E 76 40.61 -19.96 -9.84
CA PHE E 76 40.79 -20.44 -11.21
C PHE E 76 42.00 -19.80 -11.85
N GLN E 77 42.24 -18.53 -11.58
CA GLN E 77 43.41 -17.86 -12.14
C GLN E 77 44.70 -18.49 -11.62
N ILE E 78 44.74 -18.81 -10.32
CA ILE E 78 45.91 -19.47 -9.76
C ILE E 78 46.08 -20.85 -10.39
N LYS E 79 44.97 -21.55 -10.63
CA LYS E 79 45.05 -22.86 -11.26
C LYS E 79 45.64 -22.76 -12.67
N GLU E 80 45.17 -21.79 -13.45
CA GLU E 80 45.69 -21.61 -14.79
C GLU E 80 47.15 -21.23 -14.77
N MET E 81 47.57 -20.43 -13.79
CA MET E 81 48.99 -20.11 -13.69
C MET E 81 49.81 -21.33 -13.28
N SER E 82 49.26 -22.18 -12.43
CA SER E 82 49.94 -23.42 -12.06
C SER E 82 50.09 -24.33 -13.26
N GLU E 83 49.10 -24.34 -14.15
CA GLU E 83 49.15 -25.21 -15.32
C GLU E 83 50.33 -24.92 -16.24
N ASN E 84 51.01 -23.80 -16.07
CA ASN E 84 52.13 -23.43 -16.94
C ASN E 84 53.41 -23.09 -16.20
N GLU E 85 53.35 -22.46 -15.03
CA GLU E 85 54.53 -21.92 -14.37
C GLU E 85 55.15 -22.89 -13.35
N LYS E 86 54.51 -24.04 -13.12
CA LYS E 86 55.00 -25.05 -12.17
C LYS E 86 55.21 -24.43 -10.79
N ILE E 87 54.09 -24.02 -10.21
CA ILE E 87 54.07 -23.62 -8.81
C ILE E 87 53.90 -24.86 -7.93
N HIS E 88 54.09 -24.67 -6.63
CA HIS E 88 54.01 -25.80 -5.71
C HIS E 88 52.58 -26.34 -5.64
N GLU E 89 52.41 -27.44 -4.92
CA GLU E 89 51.13 -28.12 -4.84
C GLU E 89 50.25 -27.64 -3.69
N LYS E 90 50.81 -26.92 -2.72
CA LYS E 90 50.04 -26.48 -1.58
C LYS E 90 49.28 -25.18 -1.83
N VAL E 91 49.70 -24.40 -2.82
CA VAL E 91 49.02 -23.14 -3.12
C VAL E 91 47.61 -23.40 -3.60
N LEU E 92 47.42 -24.46 -4.38
CA LEU E 92 46.08 -24.83 -4.81
C LEU E 92 45.20 -25.17 -3.63
N LYS E 93 45.70 -25.97 -2.69
CA LYS E 93 44.92 -26.31 -1.51
C LYS E 93 44.59 -25.08 -0.69
N ALA E 94 45.53 -24.14 -0.59
CA ALA E 94 45.28 -22.90 0.15
C ALA E 94 44.13 -22.12 -0.50
N ALA E 95 44.23 -21.90 -1.81
CA ALA E 95 43.17 -21.17 -2.50
C ALA E 95 41.83 -21.89 -2.36
N LEU E 96 41.85 -23.22 -2.36
CA LEU E 96 40.61 -23.98 -2.25
C LEU E 96 39.99 -23.82 -0.87
N LEU E 97 40.79 -23.90 0.18
CA LEU E 97 40.28 -23.65 1.53
C LEU E 97 39.70 -22.24 1.62
N ASN E 98 40.35 -21.27 0.98
CA ASN E 98 39.84 -19.90 1.02
C ASN E 98 38.48 -19.81 0.34
N ARG E 99 38.35 -20.42 -0.83
CA ARG E 99 37.06 -20.39 -1.53
C ARG E 99 35.97 -21.05 -0.69
N GLY E 100 36.30 -22.19 -0.06
CA GLY E 100 35.33 -22.84 0.81
C GLY E 100 34.90 -21.95 1.97
N ALA E 101 35.86 -21.28 2.60
CA ALA E 101 35.55 -20.40 3.72
C ALA E 101 34.61 -19.29 3.27
N GLU E 102 34.91 -18.66 2.13
CA GLU E 102 34.06 -17.60 1.64
C GLU E 102 32.65 -18.10 1.35
N SER E 103 32.55 -19.30 0.76
CA SER E 103 31.23 -19.84 0.45
C SER E 103 30.42 -20.08 1.72
N VAL E 104 31.06 -20.63 2.75
CA VAL E 104 30.33 -20.88 4.01
C VAL E 104 29.91 -19.58 4.67
N ARG E 105 30.78 -18.57 4.65
CA ARG E 105 30.41 -17.28 5.20
C ARG E 105 29.19 -16.72 4.51
N ARG E 106 29.18 -16.77 3.17
CA ARG E 106 28.03 -16.24 2.44
C ARG E 106 26.78 -17.05 2.73
N SER E 107 26.91 -18.37 2.86
CA SER E 107 25.75 -19.19 3.15
C SER E 107 25.13 -18.82 4.49
N LEU E 108 25.95 -18.68 5.53
CA LEU E 108 25.43 -18.31 6.84
C LEU E 108 24.81 -16.92 6.81
N LYS E 109 25.46 -15.97 6.12
CA LYS E 109 24.92 -14.63 6.03
C LYS E 109 23.54 -14.64 5.40
N LEU E 110 23.40 -15.34 4.28
CA LEU E 110 22.10 -15.39 3.60
C LEU E 110 21.06 -16.09 4.45
N LYS E 111 21.44 -17.18 5.12
CA LYS E 111 20.49 -17.90 5.94
C LYS E 111 19.95 -17.02 7.06
N GLU E 112 20.82 -16.26 7.72
CA GLU E 112 20.35 -15.42 8.82
C GLU E 112 19.73 -14.11 8.34
N LEU E 113 19.92 -13.74 7.07
CA LEU E 113 19.33 -12.51 6.56
C LEU E 113 18.00 -12.72 5.84
N ALA E 114 17.69 -13.95 5.44
CA ALA E 114 16.45 -14.21 4.69
C ALA E 114 15.19 -13.65 5.33
N PRO E 115 14.92 -13.83 6.63
CA PRO E 115 13.62 -13.39 7.16
C PRO E 115 13.39 -11.89 7.07
N GLN E 116 14.42 -11.08 7.32
CA GLN E 116 14.25 -9.64 7.26
C GLN E 116 14.03 -9.17 5.84
N ILE E 117 14.74 -9.77 4.87
CA ILE E 117 14.49 -9.48 3.47
C ILE E 117 13.05 -9.82 3.11
N ASN E 118 12.56 -10.97 3.59
CA ASN E 118 11.19 -11.36 3.29
C ASN E 118 10.19 -10.38 3.89
N LEU E 119 10.45 -9.93 5.12
CA LEU E 119 9.58 -8.96 5.74
C LEU E 119 9.55 -7.65 4.96
N LEU E 120 10.72 -7.15 4.57
CA LEU E 120 10.77 -5.92 3.78
C LEU E 120 10.08 -6.09 2.44
N TYR E 121 10.16 -7.29 1.85
CA TYR E 121 9.48 -7.53 0.58
C TYR E 121 7.97 -7.52 0.76
N LYS E 122 7.47 -8.19 1.80
CA LYS E 122 6.03 -8.19 2.07
C LYS E 122 5.53 -6.80 2.42
N ASN E 123 6.39 -5.97 3.02
CA ASN E 123 5.98 -4.61 3.34
C ASN E 123 5.87 -3.76 2.07
N GLY E 124 6.53 -4.15 1.00
CA GLY E 124 6.41 -3.45 -0.26
C GLY E 124 7.32 -2.24 -0.37
N SER E 125 8.60 -2.41 -0.04
CA SER E 125 9.57 -1.33 -0.12
C SER E 125 10.90 -1.77 -0.69
N ILE E 126 10.94 -2.88 -1.43
CA ILE E 126 12.20 -3.41 -1.94
C ILE E 126 12.09 -3.67 -3.43
N GLY E 127 10.86 -3.71 -3.94
CA GLY E 127 10.62 -4.04 -5.34
C GLY E 127 10.19 -5.49 -5.50
N GLU E 128 10.30 -5.98 -6.73
CA GLU E 128 9.92 -7.34 -7.06
C GLU E 128 11.05 -8.20 -7.56
N ASP E 129 11.82 -7.73 -8.54
CA ASP E 129 12.84 -8.57 -9.15
C ASP E 129 13.99 -8.88 -8.20
N TYR E 130 14.20 -8.04 -7.19
CA TYR E 130 15.25 -8.30 -6.22
C TYR E 130 14.95 -9.56 -5.44
N TRP E 131 13.68 -9.81 -5.14
CA TRP E 131 13.32 -11.03 -4.44
C TRP E 131 13.67 -12.27 -5.27
N LYS E 132 13.40 -12.22 -6.57
CA LYS E 132 13.73 -13.34 -7.44
C LYS E 132 15.24 -13.52 -7.55
N ARG E 133 15.98 -12.42 -7.68
CA ARG E 133 17.44 -12.51 -7.72
C ARG E 133 17.98 -13.13 -6.45
N PHE E 134 17.43 -12.75 -5.30
CA PHE E 134 17.85 -13.31 -4.02
C PHE E 134 17.56 -14.81 -3.97
N GLU E 135 16.35 -15.21 -4.36
CA GLU E 135 16.00 -16.62 -4.36
C GLU E 135 16.91 -17.43 -5.27
N THR E 136 17.28 -16.88 -6.42
CA THR E 136 18.23 -17.56 -7.30
C THR E 136 19.59 -17.69 -6.64
N GLU E 137 20.06 -16.64 -5.98
CA GLU E 137 21.35 -16.69 -5.31
C GLU E 137 21.37 -17.75 -4.22
N VAL E 138 20.23 -17.95 -3.54
CA VAL E 138 20.16 -18.95 -2.47
C VAL E 138 20.69 -20.30 -2.96
N LYS E 139 20.22 -20.75 -4.12
CA LYS E 139 20.63 -22.05 -4.63
C LYS E 139 21.91 -21.98 -5.45
N LEU E 140 22.22 -20.83 -6.06
CA LEU E 140 23.49 -20.73 -6.77
C LEU E 140 24.66 -20.86 -5.82
N ILE E 141 24.53 -20.33 -4.60
CA ILE E 141 25.59 -20.47 -3.61
C ILE E 141 25.79 -21.94 -3.25
N GLU E 142 24.70 -22.68 -3.09
CA GLU E 142 24.80 -24.09 -2.75
C GLU E 142 25.45 -24.88 -3.88
N LEU E 143 25.09 -24.55 -5.13
CA LEU E 143 25.71 -25.21 -6.27
C LEU E 143 27.21 -24.92 -6.32
N GLU E 144 27.59 -23.67 -6.06
CA GLU E 144 29.01 -23.33 -6.01
C GLU E 144 29.73 -24.12 -4.92
N PHE E 145 29.10 -24.25 -3.75
CA PHE E 145 29.71 -25.01 -2.67
C PHE E 145 29.87 -26.48 -3.04
N LYS E 146 28.87 -27.05 -3.70
CA LYS E 146 28.98 -28.44 -4.13
C LYS E 146 30.10 -28.63 -5.15
N ASP E 147 30.24 -27.67 -6.07
CA ASP E 147 31.34 -27.72 -7.03
C ASP E 147 32.68 -27.66 -6.32
N THR E 148 32.80 -26.77 -5.32
CA THR E 148 34.05 -26.69 -4.57
C THR E 148 34.34 -27.99 -3.85
N LEU E 149 33.32 -28.63 -3.28
CA LEU E 149 33.54 -29.89 -2.59
C LEU E 149 33.96 -30.98 -3.56
N GLN E 150 33.38 -31.00 -4.76
CA GLN E 150 33.80 -31.96 -5.77
C GLN E 150 35.25 -31.74 -6.17
N GLU E 151 35.64 -30.48 -6.36
CA GLU E 151 37.04 -30.18 -6.66
C GLU E 151 37.96 -30.64 -5.54
N ALA E 152 37.53 -30.44 -4.29
CA ALA E 152 38.34 -30.87 -3.16
C ALA E 152 38.51 -32.40 -3.16
N GLU E 153 37.42 -33.12 -3.42
CA GLU E 153 37.51 -34.58 -3.52
C GLU E 153 38.47 -34.99 -4.63
N ARG E 154 38.41 -34.29 -5.77
CA ARG E 154 39.31 -34.60 -6.87
C ARG E 154 40.77 -34.36 -6.48
N LEU E 155 41.03 -33.30 -5.70
CA LEU E 155 42.41 -32.92 -5.42
C LEU E 155 43.08 -33.90 -4.46
N GLN E 156 42.32 -34.43 -3.49
CA GLN E 156 42.87 -35.36 -2.53
C GLN E 156 41.86 -36.47 -2.27
N PRO E 157 42.27 -37.73 -2.32
CA PRO E 157 41.33 -38.83 -2.14
C PRO E 157 40.89 -38.96 -0.69
N GLY E 158 39.60 -39.24 -0.50
CA GLY E 158 39.02 -39.42 0.82
C GLY E 158 39.29 -38.25 1.74
N TRP E 159 39.04 -37.04 1.26
CA TRP E 159 39.43 -35.83 1.96
C TRP E 159 38.26 -34.85 2.00
N VAL E 160 37.07 -35.33 2.34
CA VAL E 160 35.89 -34.48 2.38
C VAL E 160 35.34 -34.39 3.79
N GLN E 161 35.49 -35.46 4.57
CA GLN E 161 34.97 -35.46 5.93
C GLN E 161 35.73 -34.52 6.85
N LEU E 162 36.93 -34.10 6.45
CA LEU E 162 37.71 -33.12 7.20
C LEU E 162 37.56 -31.72 6.65
N PHE E 163 37.26 -31.62 5.35
CA PHE E 163 37.24 -30.33 4.69
C PHE E 163 36.16 -29.41 5.25
N VAL E 164 34.97 -29.95 5.50
CA VAL E 164 33.86 -29.12 5.98
C VAL E 164 34.20 -28.54 7.36
N MET E 165 34.78 -29.36 8.24
CA MET E 165 35.11 -28.86 9.57
C MET E 165 36.24 -27.84 9.51
N VAL E 166 37.28 -28.10 8.70
CA VAL E 166 38.38 -27.14 8.60
C VAL E 166 37.86 -25.81 8.06
N CYS E 167 36.96 -25.87 7.09
CA CYS E 167 36.37 -24.63 6.56
C CYS E 167 35.53 -23.92 7.60
N LYS E 168 34.70 -24.67 8.34
CA LYS E 168 33.87 -24.06 9.37
C LYS E 168 34.69 -23.39 10.44
N GLU E 169 35.92 -23.87 10.68
CA GLU E 169 36.78 -23.17 11.63
C GLU E 169 37.44 -21.94 11.01
N ILE E 170 38.03 -22.08 9.82
CA ILE E 170 38.77 -20.95 9.25
C ILE E 170 37.85 -19.77 8.98
N CYS E 171 36.57 -20.03 8.66
CA CYS E 171 35.65 -18.93 8.44
C CYS E 171 35.61 -17.99 9.64
N PHE E 172 35.20 -18.51 10.80
CA PHE E 172 35.13 -17.68 12.00
C PHE E 172 36.49 -17.14 12.38
N ASN E 173 37.54 -17.94 12.24
CA ASN E 173 38.86 -17.50 12.69
C ASN E 173 39.31 -16.27 11.91
N GLN E 174 39.27 -16.32 10.58
CA GLN E 174 39.71 -15.17 9.83
C GLN E 174 38.72 -14.01 9.93
N ALA E 175 37.44 -14.29 10.20
CA ALA E 175 36.52 -13.19 10.47
C ALA E 175 36.97 -12.39 11.68
N LEU E 176 37.25 -13.10 12.79
CA LEU E 176 37.78 -12.42 13.97
C LEU E 176 39.09 -11.71 13.67
N SER E 177 39.95 -12.34 12.87
CA SER E 177 41.23 -11.71 12.55
C SER E 177 41.05 -10.37 11.85
N ARG E 178 40.16 -10.32 10.87
CA ARG E 178 39.91 -9.05 10.17
C ARG E 178 39.28 -8.02 11.11
N ARG E 179 38.29 -8.44 11.91
CA ARG E 179 37.66 -7.51 12.82
C ARG E 179 38.67 -6.90 13.78
N TYR E 180 39.66 -7.68 14.20
CA TYR E 180 40.69 -7.13 15.08
C TYR E 180 41.66 -6.25 14.31
N GLN E 181 42.03 -6.64 13.09
CA GLN E 181 43.00 -5.86 12.33
C GLN E 181 42.47 -4.51 11.92
N SER E 182 41.15 -4.33 11.88
CA SER E 182 40.62 -3.04 11.44
C SER E 182 40.89 -1.88 12.40
N ILE E 183 41.33 -2.15 13.63
CA ILE E 183 41.40 -1.06 14.61
C ILE E 183 42.55 -0.10 14.31
N LEU E 184 43.62 -0.59 13.67
CA LEU E 184 44.76 0.28 13.40
C LEU E 184 44.37 1.45 12.51
N LYS E 185 43.40 1.23 11.62
CA LYS E 185 42.83 2.33 10.85
C LYS E 185 41.70 3.01 11.60
N ARG E 186 40.84 2.22 12.27
CA ARG E 186 39.69 2.78 12.95
C ARG E 186 40.07 3.78 14.03
N LYS E 187 41.32 3.73 14.51
CA LYS E 187 41.73 4.58 15.62
C LYS E 187 41.82 6.05 15.22
N GLU E 188 42.22 6.36 13.99
CA GLU E 188 42.44 7.75 13.61
C GLU E 188 41.18 8.46 13.13
N VAL E 189 40.14 7.72 12.74
CA VAL E 189 38.90 8.36 12.34
C VAL E 189 38.29 9.14 13.50
N CYS E 190 38.33 8.56 14.71
CA CYS E 190 37.85 9.28 15.87
C CYS E 190 38.71 10.51 16.16
N ILE E 191 40.03 10.37 15.99
CA ILE E 191 40.92 11.53 16.15
C ILE E 191 40.48 12.66 15.24
N LYS E 192 40.27 12.36 13.97
CA LYS E 192 39.94 13.40 13.01
C LYS E 192 38.55 13.99 13.27
N GLU E 193 37.59 13.15 13.68
CA GLU E 193 36.23 13.64 13.84
C GLU E 193 35.98 14.32 15.17
N TRP E 194 36.86 14.15 16.16
CA TRP E 194 36.70 14.86 17.43
C TRP E 194 37.82 15.86 17.69
N GLU E 195 38.76 16.02 16.75
CA GLU E 195 39.74 17.11 16.79
C GLU E 195 40.61 17.04 18.03
N LEU E 196 41.08 15.84 18.37
CA LEU E 196 41.97 15.68 19.50
C LEU E 196 43.39 16.10 19.15
N LYS E 197 44.14 16.45 20.19
CA LYS E 197 45.58 16.72 20.08
C LYS E 197 46.27 15.70 21.00
N ILE E 198 46.76 14.62 20.42
CA ILE E 198 47.38 13.53 21.17
C ILE E 198 48.86 13.48 20.82
N ASN E 199 49.71 13.61 21.84
CA ASN E 199 51.14 13.48 21.67
C ASN E 199 51.51 11.99 21.65
N ASN E 200 52.80 11.70 21.77
CA ASN E 200 53.21 10.31 21.88
C ASN E 200 52.75 9.73 23.22
N ASP E 201 53.01 8.44 23.40
CA ASP E 201 52.67 7.67 24.59
C ASP E 201 51.16 7.55 24.81
N GLY E 202 50.35 7.88 23.81
CA GLY E 202 48.91 7.70 23.92
C GLY E 202 48.22 8.55 24.98
N ARG E 203 48.92 9.52 25.57
CA ARG E 203 48.32 10.38 26.57
C ARG E 203 47.62 11.56 25.91
N LEU E 204 46.78 12.24 26.68
CA LEU E 204 46.09 13.43 26.21
C LEU E 204 46.84 14.67 26.68
N VAL E 205 47.09 15.58 25.74
CA VAL E 205 47.67 16.88 26.06
C VAL E 205 46.70 17.98 25.69
N ASN E 206 45.42 17.62 25.61
CA ASN E 206 44.35 18.53 25.25
C ASN E 206 44.62 19.20 23.91
N THR F 3 46.30 -9.25 -12.50
CA THR F 3 47.45 -10.14 -12.63
C THR F 3 48.09 -10.39 -11.27
N LEU F 4 49.01 -11.35 -11.22
CA LEU F 4 49.67 -11.74 -9.98
C LEU F 4 50.90 -12.60 -10.24
N GLU F 5 52.00 -12.30 -9.56
CA GLU F 5 53.24 -13.04 -9.74
C GLU F 5 53.45 -14.03 -8.60
N TYR F 6 53.94 -15.21 -8.94
CA TYR F 6 54.21 -16.26 -7.96
C TYR F 6 55.70 -16.27 -7.64
N ASN F 7 56.04 -15.99 -6.39
CA ASN F 7 57.45 -15.96 -6.00
C ASN F 7 58.07 -17.35 -6.15
N ALA F 8 59.38 -17.35 -6.36
CA ALA F 8 60.11 -18.59 -6.65
C ALA F 8 60.39 -19.40 -5.38
N ASN F 9 61.16 -18.82 -4.46
CA ASN F 9 61.62 -19.57 -3.29
C ASN F 9 60.72 -19.40 -2.08
N SER F 10 60.19 -18.21 -1.85
CA SER F 10 59.37 -17.96 -0.67
C SER F 10 57.95 -18.48 -0.81
N LYS F 11 57.51 -18.79 -2.04
CA LYS F 11 56.18 -19.34 -2.29
C LYS F 11 55.09 -18.39 -1.82
N LEU F 12 55.27 -17.11 -2.06
CA LEU F 12 54.31 -16.08 -1.69
C LEU F 12 53.75 -15.44 -2.96
N ILE F 13 52.44 -15.25 -3.00
CA ILE F 13 51.78 -14.62 -4.14
C ILE F 13 51.70 -13.13 -3.89
N THR F 14 52.19 -12.35 -4.85
CA THR F 14 52.15 -10.90 -4.78
C THR F 14 51.62 -10.34 -6.10
N ALA F 15 50.76 -9.33 -6.00
CA ALA F 15 50.17 -8.73 -7.18
C ALA F 15 51.13 -7.71 -7.78
N SER F 16 51.50 -7.92 -9.03
CA SER F 16 52.42 -7.02 -9.72
C SER F 16 51.73 -5.78 -10.29
N ASP F 17 50.42 -5.66 -10.15
CA ASP F 17 49.70 -4.51 -10.66
C ASP F 17 50.10 -3.24 -9.93
N ALA F 18 49.70 -2.10 -10.50
CA ALA F 18 50.03 -0.82 -9.92
C ALA F 18 49.00 -0.37 -8.89
N VAL F 19 47.71 -0.44 -9.23
CA VAL F 19 46.63 -0.10 -8.31
C VAL F 19 45.67 -1.28 -8.26
N VAL F 20 45.26 -1.66 -7.05
CA VAL F 20 44.34 -2.77 -6.84
C VAL F 20 43.37 -2.37 -5.74
N ALA F 21 42.16 -2.93 -5.80
CA ALA F 21 41.17 -2.65 -4.76
C ALA F 21 41.61 -3.30 -3.45
N LEU F 22 40.81 -3.07 -2.40
CA LEU F 22 41.19 -3.56 -1.08
C LEU F 22 40.80 -5.02 -0.88
N SER F 23 39.69 -5.44 -1.49
CA SER F 23 39.24 -6.82 -1.33
C SER F 23 40.28 -7.81 -1.84
N THR F 24 40.83 -7.55 -3.02
CA THR F 24 41.84 -8.43 -3.58
C THR F 24 43.08 -8.48 -2.70
N GLU F 25 43.46 -7.34 -2.11
CA GLU F 25 44.62 -7.32 -1.23
C GLU F 25 44.38 -8.17 0.01
N THR F 26 43.20 -8.03 0.62
CA THR F 26 42.88 -8.85 1.78
C THR F 26 42.92 -10.32 1.44
N ASN F 27 42.34 -10.70 0.30
CA ASN F 27 42.29 -12.11 -0.07
C ASN F 27 43.69 -12.66 -0.35
N ILE F 28 44.53 -11.87 -1.02
CA ILE F 28 45.89 -12.33 -1.31
C ILE F 28 46.70 -12.47 -0.03
N ASP F 29 46.52 -11.55 0.92
CA ASP F 29 47.21 -11.67 2.20
C ASP F 29 46.75 -12.92 2.94
N GLN F 30 45.45 -13.19 2.91
CA GLN F 30 44.95 -14.40 3.58
C GLN F 30 45.52 -15.65 2.94
N ILE F 31 45.61 -15.68 1.61
CA ILE F 31 46.18 -16.85 0.94
C ILE F 31 47.66 -17.00 1.28
N ASN F 32 48.38 -15.89 1.39
CA ASN F 32 49.77 -15.96 1.81
C ASN F 32 49.89 -16.55 3.22
N VAL F 33 49.03 -16.12 4.13
CA VAL F 33 49.07 -16.63 5.49
C VAL F 33 48.78 -18.13 5.50
N LEU F 34 47.73 -18.54 4.79
CA LEU F 34 47.38 -19.96 4.73
C LEU F 34 48.52 -20.79 4.14
N THR F 35 49.17 -20.28 3.10
CA THR F 35 50.25 -21.04 2.47
C THR F 35 51.45 -21.15 3.40
N THR F 36 51.84 -20.04 4.02
CA THR F 36 52.95 -20.08 4.96
C THR F 36 52.67 -20.99 6.14
N SER F 37 51.42 -21.11 6.57
CA SER F 37 51.12 -21.99 7.69
C SER F 37 51.08 -23.45 7.26
N LEU F 38 50.51 -23.73 6.09
CA LEU F 38 50.53 -25.09 5.56
C LEU F 38 51.94 -25.57 5.31
N ILE F 39 52.86 -24.67 4.94
CA ILE F 39 54.25 -25.07 4.75
C ILE F 39 54.82 -25.59 6.06
N GLY F 40 54.53 -24.92 7.16
CA GLY F 40 55.02 -25.38 8.45
C GLY F 40 54.34 -26.66 8.91
N GLU F 41 53.03 -26.76 8.71
CA GLU F 41 52.30 -27.95 9.09
C GLU F 41 52.57 -29.05 8.06
N THR F 42 53.45 -29.99 8.42
CA THR F 42 53.91 -31.00 7.46
C THR F 42 52.94 -32.16 7.31
N ASN F 43 52.03 -32.35 8.26
CA ASN F 43 51.13 -33.49 8.19
C ASN F 43 50.18 -33.34 7.00
N PRO F 44 49.94 -34.41 6.24
CA PRO F 44 49.00 -34.31 5.12
C PRO F 44 47.56 -34.12 5.59
N ASN F 45 47.12 -34.87 6.59
CA ASN F 45 45.78 -34.71 7.16
C ASN F 45 45.90 -33.98 8.49
N PHE F 46 45.90 -32.66 8.40
CA PHE F 46 45.96 -31.82 9.58
C PHE F 46 44.68 -31.95 10.40
N THR F 47 44.82 -31.94 11.71
CA THR F 47 43.67 -32.05 12.59
C THR F 47 43.42 -30.73 13.32
N PRO F 48 42.16 -30.41 13.60
CA PRO F 48 41.85 -29.14 14.27
C PRO F 48 42.39 -29.03 15.70
N GLN F 49 43.15 -30.01 16.15
CA GLN F 49 43.73 -29.94 17.48
C GLN F 49 44.71 -28.78 17.57
N PRO F 50 44.64 -27.97 18.62
CA PRO F 50 45.58 -26.85 18.77
C PRO F 50 46.99 -27.34 19.06
N ASN F 51 47.94 -26.43 18.90
CA ASN F 51 49.35 -26.74 19.13
C ASN F 51 49.67 -26.65 20.62
N GLU F 52 50.86 -27.13 20.97
CA GLU F 52 51.31 -27.17 22.36
C GLU F 52 52.51 -26.28 22.63
N ALA F 53 53.58 -26.41 21.85
CA ALA F 53 54.78 -25.60 22.08
C ALA F 53 54.49 -24.13 21.86
N LEU F 54 53.65 -23.81 20.86
CA LEU F 54 53.25 -22.43 20.64
C LEU F 54 52.52 -21.87 21.84
N SER F 55 51.58 -22.64 22.40
CA SER F 55 50.90 -22.20 23.61
C SER F 55 51.88 -22.03 24.76
N LYS F 56 52.88 -22.90 24.84
CA LYS F 56 53.87 -22.81 25.91
C LYS F 56 54.65 -21.51 25.82
N MET F 57 55.14 -21.17 24.63
CA MET F 57 55.92 -19.94 24.50
C MET F 57 55.04 -18.71 24.67
N ILE F 58 53.78 -18.77 24.22
CA ILE F 58 52.86 -17.65 24.44
C ILE F 58 52.65 -17.43 25.92
N LYS F 59 52.40 -18.50 26.67
CA LYS F 59 52.20 -18.37 28.10
C LYS F 59 53.47 -17.89 28.80
N GLY F 60 54.63 -18.34 28.31
CA GLY F 60 55.88 -17.87 28.87
C GLY F 60 56.05 -16.36 28.71
N LEU F 61 55.77 -15.86 27.51
CA LEU F 61 55.85 -14.42 27.29
C LEU F 61 54.83 -13.68 28.15
N PHE F 62 53.62 -14.22 28.25
CA PHE F 62 52.59 -13.57 29.07
C PHE F 62 53.03 -13.49 30.52
N GLU F 63 53.61 -14.57 31.06
CA GLU F 63 54.02 -14.57 32.45
C GLU F 63 55.23 -13.68 32.68
N SER F 64 56.16 -13.63 31.71
CA SER F 64 57.29 -12.73 31.84
C SER F 64 56.84 -11.28 31.82
N GLY F 65 55.78 -10.97 31.07
CA GLY F 65 55.21 -9.63 31.14
C GLY F 65 54.47 -9.37 32.43
N MET F 66 53.78 -10.40 32.94
CA MET F 66 53.03 -10.26 34.19
C MET F 66 53.94 -10.03 35.38
N LYS F 67 55.13 -10.66 35.37
CA LYS F 67 56.04 -10.53 36.50
C LYS F 67 56.50 -9.11 36.72
N ASN F 68 56.39 -8.25 35.71
CA ASN F 68 56.80 -6.86 35.88
C ASN F 68 55.90 -6.09 36.82
N LEU F 69 54.66 -6.56 37.04
CA LEU F 69 53.77 -5.88 37.96
C LEU F 69 54.23 -6.06 39.41
N GLN F 70 54.62 -7.28 39.77
CA GLN F 70 55.19 -7.51 41.10
C GLN F 70 56.46 -6.70 41.29
N GLN F 71 57.26 -6.57 40.23
CA GLN F 71 58.44 -5.72 40.26
C GLN F 71 58.09 -4.24 40.15
N LYS F 72 56.79 -3.90 40.09
CA LYS F 72 56.33 -2.52 39.97
C LYS F 72 56.88 -1.84 38.73
N LYS F 73 57.13 -2.61 37.67
CA LYS F 73 57.60 -2.09 36.40
C LYS F 73 56.41 -2.08 35.44
N LEU F 74 55.85 -0.89 35.22
CA LEU F 74 54.60 -0.77 34.48
C LEU F 74 54.79 -0.48 33.00
N ASN F 75 56.00 -0.11 32.57
CA ASN F 75 56.20 0.28 31.19
C ASN F 75 56.54 -0.89 30.27
N GLU F 76 57.47 -1.75 30.68
CA GLU F 76 57.85 -2.88 29.84
C GLU F 76 56.80 -3.97 29.81
N ALA F 77 55.95 -4.04 30.83
CA ALA F 77 54.89 -5.04 30.83
C ALA F 77 53.94 -4.83 29.66
N LEU F 78 53.67 -3.57 29.31
CA LEU F 78 52.81 -3.29 28.16
C LEU F 78 53.44 -3.80 26.87
N LYS F 79 54.73 -3.53 26.68
CA LYS F 79 55.41 -4.04 25.48
C LYS F 79 55.39 -5.56 25.45
N ASN F 80 55.62 -6.20 26.60
CA ASN F 80 55.64 -7.66 26.64
C ASN F 80 54.27 -8.24 26.29
N VAL F 81 53.20 -7.68 26.87
CA VAL F 81 51.86 -8.18 26.58
C VAL F 81 51.51 -7.94 25.12
N SER F 82 51.91 -6.78 24.58
CA SER F 82 51.65 -6.51 23.17
C SER F 82 52.35 -7.51 22.28
N LEU F 83 53.61 -7.82 22.58
CA LEU F 83 54.35 -8.79 21.78
C LEU F 83 53.73 -10.18 21.90
N ALA F 84 53.27 -10.55 23.09
CA ALA F 84 52.62 -11.85 23.25
C ALA F 84 51.36 -11.93 22.41
N ILE F 85 50.54 -10.89 22.44
CA ILE F 85 49.32 -10.89 21.62
C ILE F 85 49.67 -10.94 20.14
N GLU F 86 50.70 -10.20 19.73
CA GLU F 86 51.09 -10.19 18.32
C GLU F 86 51.54 -11.58 17.87
N MET F 87 52.33 -12.26 18.71
CA MET F 87 52.79 -13.60 18.33
C MET F 87 51.63 -14.59 18.29
N ALA F 88 50.74 -14.53 19.29
CA ALA F 88 49.59 -15.43 19.28
C ALA F 88 48.66 -15.12 18.12
N GLN F 89 48.71 -13.90 17.59
CA GLN F 89 47.91 -13.55 16.43
C GLN F 89 48.55 -14.04 15.14
N ARG F 90 49.87 -13.95 15.02
CA ARG F 90 50.55 -14.27 13.77
C ARG F 90 50.84 -15.76 13.64
N LYS F 91 51.57 -16.34 14.60
CA LYS F 91 52.07 -17.69 14.47
C LYS F 91 51.11 -18.74 15.01
N ARG F 92 49.82 -18.45 15.04
CA ARG F 92 48.79 -19.45 15.33
C ARG F 92 47.97 -19.64 14.07
N ALA F 93 47.96 -20.87 13.55
CA ALA F 93 47.35 -21.13 12.27
C ALA F 93 45.84 -20.87 12.32
N PRO F 94 45.24 -20.45 11.21
CA PRO F 94 43.81 -20.12 11.24
C PRO F 94 42.90 -21.34 11.38
N TRP F 95 43.29 -22.50 10.86
CA TRP F 95 42.40 -23.65 10.95
C TRP F 95 42.37 -24.28 12.34
N GLU F 96 43.02 -23.68 13.32
CA GLU F 96 42.97 -24.23 14.67
C GLU F 96 41.60 -23.98 15.30
N ALA F 97 41.43 -24.52 16.50
CA ALA F 97 40.11 -24.48 17.15
C ALA F 97 39.72 -23.04 17.48
N PHE F 98 38.40 -22.82 17.52
CA PHE F 98 37.87 -21.48 17.74
C PHE F 98 37.70 -21.19 19.23
N ALA F 99 37.05 -22.10 19.96
CA ALA F 99 36.76 -21.91 21.37
C ALA F 99 37.97 -22.02 22.27
N ILE F 100 39.16 -22.21 21.71
CA ILE F 100 40.40 -22.12 22.47
C ILE F 100 41.23 -20.91 22.07
N GLN F 101 41.08 -20.41 20.85
CA GLN F 101 41.77 -19.20 20.42
C GLN F 101 41.03 -17.95 20.83
N LEU F 102 39.73 -18.02 21.05
CA LEU F 102 38.97 -16.84 21.44
C LEU F 102 39.18 -16.49 22.91
N PRO F 103 38.95 -17.40 23.86
CA PRO F 103 39.01 -17.00 25.27
C PRO F 103 40.39 -16.61 25.74
N GLU F 104 41.45 -17.23 25.22
CA GLU F 104 42.79 -16.80 25.58
C GLU F 104 43.04 -15.36 25.13
N LEU F 105 42.62 -15.03 23.91
CA LEU F 105 42.73 -13.66 23.44
C LEU F 105 41.96 -12.70 24.33
N HIS F 106 40.73 -13.07 24.70
CA HIS F 106 39.93 -12.19 25.57
C HIS F 106 40.61 -11.99 26.92
N PHE F 107 41.12 -13.06 27.51
CA PHE F 107 41.74 -12.95 28.83
C PHE F 107 43.00 -12.10 28.77
N MET F 108 43.82 -12.25 27.73
CA MET F 108 45.00 -11.40 27.63
C MET F 108 44.61 -9.95 27.36
N LEU F 109 43.57 -9.74 26.55
CA LEU F 109 43.16 -8.39 26.21
C LEU F 109 42.63 -7.65 27.42
N ARG F 110 41.96 -8.35 28.33
CA ARG F 110 41.45 -7.69 29.53
C ARG F 110 42.59 -7.18 30.40
N SER F 111 43.63 -8.00 30.59
CA SER F 111 44.79 -7.55 31.34
C SER F 111 45.47 -6.38 30.65
N LYS F 112 45.58 -6.45 29.31
CA LYS F 112 46.18 -5.34 28.59
C LYS F 112 45.37 -4.06 28.77
N ILE F 113 44.04 -4.16 28.76
CA ILE F 113 43.19 -3.00 28.94
C ILE F 113 43.40 -2.38 30.32
N ASP F 114 43.37 -3.22 31.35
CA ASP F 114 43.58 -2.72 32.71
C ASP F 114 44.94 -2.03 32.85
N LEU F 115 45.99 -2.66 32.32
CA LEU F 115 47.32 -2.10 32.44
C LEU F 115 47.44 -0.77 31.70
N CYS F 116 46.90 -0.72 30.47
CA CYS F 116 46.96 0.50 29.68
C CYS F 116 46.18 1.62 30.32
N LEU F 117 45.05 1.31 30.95
CA LEU F 117 44.27 2.35 31.62
C LEU F 117 44.96 2.83 32.88
N ILE F 118 45.66 1.93 33.58
CA ILE F 118 46.39 2.35 34.78
C ILE F 118 47.58 3.21 34.39
N LEU F 119 48.24 2.89 33.27
CA LEU F 119 49.45 3.61 32.90
C LEU F 119 49.16 5.07 32.56
N GLY F 120 48.14 5.32 31.75
CA GLY F 120 47.79 6.68 31.39
C GLY F 120 47.45 6.86 29.92
N LYS F 121 47.44 5.77 29.16
CA LYS F 121 47.04 5.81 27.76
C LYS F 121 45.55 5.51 27.68
N HIS F 122 44.80 6.37 26.99
CA HIS F 122 43.34 6.29 27.01
C HIS F 122 42.72 5.84 25.70
N LEU F 123 43.13 6.43 24.56
CA LEU F 123 42.44 6.13 23.31
C LEU F 123 42.62 4.67 22.91
N GLU F 124 43.84 4.13 23.07
CA GLU F 124 44.07 2.73 22.78
C GLU F 124 43.22 1.84 23.68
N ALA F 125 43.10 2.20 24.96
CA ALA F 125 42.27 1.41 25.87
C ALA F 125 40.81 1.45 25.44
N LEU F 126 40.31 2.62 25.04
CA LEU F 126 38.92 2.71 24.60
C LEU F 126 38.68 1.87 23.35
N GLN F 127 39.62 1.92 22.39
CA GLN F 127 39.44 1.11 21.18
C GLN F 127 39.47 -0.37 21.49
N ASP F 128 40.38 -0.79 22.39
CA ASP F 128 40.42 -2.19 22.77
C ASP F 128 39.13 -2.62 23.46
N LEU F 129 38.60 -1.78 24.36
CA LEU F 129 37.35 -2.10 25.02
C LEU F 129 36.21 -2.20 24.02
N ASP F 130 36.22 -1.33 23.01
CA ASP F 130 35.16 -1.37 22.01
C ASP F 130 35.22 -2.66 21.20
N PHE F 131 36.43 -3.07 20.80
CA PHE F 131 36.56 -4.35 20.10
C PHE F 131 36.10 -5.51 20.97
N LEU F 132 36.49 -5.50 22.24
CA LEU F 132 36.12 -6.59 23.13
C LEU F 132 34.62 -6.63 23.35
N LEU F 133 33.96 -5.47 23.38
CA LEU F 133 32.51 -5.44 23.54
C LEU F 133 31.80 -5.87 22.27
N GLY F 134 32.38 -5.56 21.11
CA GLY F 134 31.73 -5.94 19.86
C GLY F 134 31.93 -7.39 19.48
N THR F 135 33.00 -8.03 19.95
CA THR F 135 33.26 -9.40 19.55
C THR F 135 32.43 -10.42 20.32
N GLY F 136 31.50 -10.00 21.18
CA GLY F 136 30.56 -10.92 21.76
C GLY F 136 30.72 -11.23 23.24
N LEU F 137 31.09 -10.24 24.04
CA LEU F 137 31.23 -10.42 25.48
C LEU F 137 30.72 -9.16 26.18
N ILE F 138 29.62 -9.30 26.91
CA ILE F 138 28.97 -8.18 27.60
C ILE F 138 28.93 -8.50 29.08
N GLN F 139 29.59 -7.67 29.88
CA GLN F 139 29.62 -7.80 31.33
C GLN F 139 29.71 -6.43 31.96
N PRO F 140 29.22 -6.26 33.19
CA PRO F 140 29.37 -4.97 33.88
C PRO F 140 30.80 -4.62 34.25
N ASP F 141 31.75 -5.54 34.11
CA ASP F 141 33.15 -5.20 34.34
C ASP F 141 33.80 -4.50 33.16
N VAL F 142 33.05 -4.26 32.08
CA VAL F 142 33.56 -3.60 30.88
C VAL F 142 32.97 -2.21 30.73
N PHE F 143 31.67 -2.07 30.95
CA PHE F 143 31.00 -0.80 30.77
C PHE F 143 31.57 0.28 31.69
N VAL F 144 31.94 -0.09 32.91
CA VAL F 144 32.50 0.90 33.84
C VAL F 144 33.77 1.50 33.26
N ARG F 145 34.69 0.65 32.79
CA ARG F 145 35.93 1.15 32.23
C ARG F 145 35.71 1.93 30.95
N LYS F 146 34.76 1.50 30.12
CA LYS F 146 34.50 2.26 28.89
C LYS F 146 33.95 3.64 29.19
N ALA F 147 33.00 3.73 30.13
CA ALA F 147 32.47 5.02 30.53
C ALA F 147 33.56 5.90 31.15
N ASP F 148 34.47 5.29 31.92
CA ASP F 148 35.58 6.04 32.47
C ASP F 148 36.44 6.62 31.37
N CYS F 149 36.74 5.83 30.33
CA CYS F 149 37.55 6.33 29.23
C CYS F 149 36.86 7.49 28.53
N LEU F 150 35.56 7.34 28.24
CA LEU F 150 34.84 8.43 27.56
C LEU F 150 34.82 9.70 28.40
N LEU F 151 34.56 9.58 29.70
CA LEU F 151 34.54 10.77 30.54
C LEU F 151 35.91 11.40 30.66
N LYS F 152 36.97 10.57 30.63
CA LYS F 152 38.31 11.13 30.71
C LYS F 152 38.68 11.90 29.45
N LEU F 153 38.34 11.37 28.28
CA LEU F 153 38.71 12.04 27.03
C LEU F 153 37.61 12.94 26.50
N ARG F 154 36.72 13.42 27.37
CA ARG F 154 35.79 14.51 27.09
C ARG F 154 34.85 14.17 25.92
N GLN F 155 33.99 13.19 26.19
CA GLN F 155 32.84 12.89 25.34
C GLN F 155 31.69 12.54 26.27
N TRP F 156 30.63 13.34 26.25
CA TRP F 156 29.61 13.23 27.30
C TRP F 156 28.37 12.46 26.86
N GLU F 157 27.86 12.69 25.65
CA GLU F 157 26.64 12.01 25.22
C GLU F 157 26.82 10.50 25.20
N GLU F 158 27.87 10.03 24.55
CA GLU F 158 28.13 8.60 24.53
C GLU F 158 28.45 8.07 25.92
N ALA F 159 29.01 8.92 26.79
CA ALA F 159 29.25 8.49 28.17
C ALA F 159 27.92 8.18 28.87
N ARG F 160 26.95 9.08 28.74
CA ARG F 160 25.64 8.83 29.35
C ARG F 160 24.97 7.62 28.74
N ALA F 161 25.06 7.47 27.42
CA ALA F 161 24.43 6.32 26.76
C ALA F 161 25.06 5.01 27.24
N THR F 162 26.39 4.97 27.37
CA THR F 162 27.07 3.77 27.81
C THR F 162 26.74 3.45 29.26
N CYS F 163 26.74 4.46 30.14
CA CYS F 163 26.36 4.21 31.52
C CYS F 163 24.94 3.68 31.62
N GLU F 164 24.03 4.21 30.81
CA GLU F 164 22.65 3.73 30.84
C GLU F 164 22.56 2.28 30.36
N ARG F 165 23.25 1.95 29.27
CA ARG F 165 23.26 0.57 28.82
C ARG F 165 23.84 -0.36 29.88
N GLY F 166 24.88 0.10 30.58
CA GLY F 166 25.46 -0.72 31.64
C GLY F 166 24.50 -0.96 32.78
N LEU F 167 23.83 0.09 33.24
CA LEU F 167 22.82 -0.08 34.28
C LEU F 167 21.64 -0.91 33.82
N ALA F 168 21.41 -0.98 32.51
CA ALA F 168 20.29 -1.77 31.97
C ALA F 168 20.51 -3.27 32.03
N LEU F 169 21.62 -3.73 32.62
CA LEU F 169 21.87 -5.16 32.73
C LEU F 169 22.04 -5.66 34.16
N ALA F 170 22.72 -4.89 35.01
CA ALA F 170 22.89 -5.24 36.43
C ALA F 170 22.57 -4.01 37.25
N PRO F 171 21.27 -3.69 37.39
CA PRO F 171 20.89 -2.41 38.03
C PRO F 171 21.29 -2.30 39.48
N GLU F 172 21.73 -3.39 40.12
CA GLU F 172 22.11 -3.37 41.53
C GLU F 172 23.57 -2.98 41.76
N ASP F 173 24.25 -2.50 40.72
CA ASP F 173 25.65 -2.11 40.88
C ASP F 173 25.76 -0.86 41.75
N MET F 174 26.95 -0.65 42.30
CA MET F 174 27.23 0.50 43.15
C MET F 174 28.13 1.53 42.51
N LYS F 175 28.85 1.17 41.44
CA LYS F 175 29.72 2.12 40.75
C LYS F 175 29.06 2.75 39.53
N LEU F 176 28.20 2.01 38.85
CA LEU F 176 27.51 2.56 37.68
C LEU F 176 26.64 3.75 38.07
N ARG F 177 26.03 3.73 39.25
CA ARG F 177 25.21 4.85 39.67
C ARG F 177 26.05 6.09 39.94
N ALA F 178 27.22 5.91 40.56
CA ALA F 178 28.12 7.04 40.75
C ALA F 178 28.59 7.61 39.41
N LEU F 179 28.92 6.72 38.47
CA LEU F 179 29.32 7.18 37.14
C LEU F 179 28.20 7.94 36.46
N LEU F 180 26.96 7.45 36.59
CA LEU F 180 25.83 8.12 35.98
C LEU F 180 25.61 9.49 36.60
N ILE F 181 25.76 9.60 37.92
CA ILE F 181 25.60 10.89 38.58
C ILE F 181 26.67 11.88 38.11
N GLU F 182 27.92 11.41 38.02
CA GLU F 182 28.99 12.28 37.56
C GLU F 182 28.74 12.73 36.13
N THR F 183 28.28 11.81 35.27
CA THR F 183 27.99 12.17 33.89
C THR F 183 26.86 13.19 33.81
N ALA F 184 25.81 13.01 34.62
CA ALA F 184 24.69 13.96 34.61
C ALA F 184 25.15 15.35 35.04
N ARG F 185 25.95 15.43 36.10
CA ARG F 185 26.44 16.73 36.53
C ARG F 185 27.33 17.38 35.47
N ASN F 186 28.26 16.60 34.91
CA ASN F 186 29.15 17.16 33.90
C ASN F 186 28.39 17.59 32.65
N LEU F 187 27.31 16.90 32.30
CA LEU F 187 26.53 17.30 31.14
C LEU F 187 25.70 18.55 31.44
N ALA F 188 25.12 18.65 32.63
CA ALA F 188 24.45 19.88 33.02
C ALA F 188 25.40 21.07 33.01
N GLU F 189 26.69 20.81 33.24
CA GLU F 189 27.68 21.86 33.04
C GLU F 189 27.99 22.07 31.56
N TYR F 190 28.00 21.00 30.77
CA TYR F 190 28.29 21.08 29.35
C TYR F 190 27.30 21.96 28.62
N ASN F 191 26.03 21.92 29.03
CA ASN F 191 25.06 22.84 28.46
C ASN F 191 24.88 24.08 29.33
N GLY F 192 24.46 23.91 30.57
CA GLY F 192 24.21 25.02 31.46
C GLY F 192 25.49 25.62 32.03
N UNK G 1 -5.66 -44.29 -14.46
CA UNK G 1 -4.71 -43.92 -15.49
C UNK G 1 -5.06 -42.56 -16.09
N UNK G 2 -4.03 -41.83 -16.56
CA UNK G 2 -4.26 -40.53 -17.17
C UNK G 2 -5.05 -40.65 -18.46
N UNK G 3 -4.84 -41.74 -19.21
CA UNK G 3 -5.63 -41.96 -20.42
C UNK G 3 -7.10 -42.16 -20.09
N UNK G 4 -7.38 -42.90 -19.01
CA UNK G 4 -8.76 -43.07 -18.57
C UNK G 4 -9.38 -41.73 -18.16
N UNK G 5 -8.61 -40.88 -17.49
CA UNK G 5 -9.11 -39.57 -17.12
C UNK G 5 -9.39 -38.72 -18.35
N UNK G 6 -8.51 -38.78 -19.35
CA UNK G 6 -8.74 -38.03 -20.57
C UNK G 6 -9.97 -38.53 -21.32
N UNK G 7 -10.16 -39.85 -21.35
CA UNK G 7 -11.34 -40.41 -22.00
C UNK G 7 -12.61 -40.00 -21.27
N UNK G 8 -12.59 -40.02 -19.94
CA UNK G 8 -13.76 -39.58 -19.17
C UNK G 8 -14.04 -38.10 -19.39
N UNK G 9 -12.99 -37.29 -19.49
CA UNK G 9 -13.17 -35.87 -19.77
C UNK G 9 -13.78 -35.65 -21.14
N UNK G 10 -13.29 -36.38 -22.15
CA UNK G 10 -13.85 -36.27 -23.48
C UNK G 10 -15.31 -36.72 -23.51
N UNK G 11 -15.64 -37.78 -22.77
CA UNK G 11 -17.01 -38.25 -22.72
C UNK G 11 -17.92 -37.22 -22.06
N UNK G 12 -17.47 -36.61 -20.96
CA UNK G 12 -18.25 -35.59 -20.30
C UNK G 12 -18.43 -34.36 -21.19
N UNK G 13 -17.38 -33.99 -21.94
CA UNK G 13 -17.50 -32.86 -22.86
C UNK G 13 -18.50 -33.17 -23.96
N UNK G 14 -18.48 -34.38 -24.52
CA UNK G 14 -19.44 -34.74 -25.54
C UNK G 14 -20.86 -34.76 -24.98
N UNK G 15 -21.03 -35.26 -23.76
CA UNK G 15 -22.35 -35.29 -23.14
C UNK G 15 -22.88 -33.88 -22.92
N UNK G 16 -22.03 -32.96 -22.45
CA UNK G 16 -22.45 -31.58 -22.25
C UNK G 16 -22.78 -30.90 -23.56
N UNK G 17 -21.98 -31.16 -24.61
CA UNK G 17 -22.26 -30.57 -25.91
C UNK G 17 -23.57 -31.09 -26.48
N UNK G 18 -23.88 -32.37 -26.25
CA UNK G 18 -25.15 -32.91 -26.70
C UNK G 18 -26.31 -32.34 -25.91
N UNK G 19 -26.12 -32.14 -24.60
CA UNK G 19 -27.18 -31.55 -23.79
C UNK G 19 -27.40 -30.09 -24.12
N UNK G 20 -26.39 -29.40 -24.65
CA UNK G 20 -26.56 -27.99 -24.99
C UNK G 20 -27.50 -27.79 -26.17
N UNK G 21 -27.53 -28.73 -27.11
CA UNK G 21 -28.39 -28.59 -28.28
C UNK G 21 -29.85 -28.63 -27.88
N UNK G 22 -30.67 -27.83 -28.58
CA UNK G 22 -32.09 -27.72 -28.28
C UNK G 22 -32.97 -28.51 -29.24
N UNK G 23 -32.37 -29.32 -30.11
CA UNK G 23 -33.11 -30.13 -31.07
C UNK G 23 -32.98 -31.60 -30.70
N UNK G 24 -34.11 -32.26 -30.48
CA UNK G 24 -34.12 -33.67 -30.11
C UNK G 24 -35.47 -34.28 -30.45
N UNK G 25 -35.46 -35.59 -30.69
CA UNK G 25 -36.69 -36.30 -31.01
C UNK G 25 -37.45 -36.73 -29.74
N UNK G 26 -36.73 -36.95 -28.64
CA UNK G 26 -37.33 -37.34 -27.38
C UNK G 26 -37.85 -36.15 -26.58
N UNK G 27 -38.09 -35.01 -27.24
CA UNK G 27 -38.55 -33.82 -26.54
C UNK G 27 -39.89 -34.06 -25.84
N UNK G 28 -40.75 -34.90 -26.44
CA UNK G 28 -42.06 -35.15 -25.86
C UNK G 28 -41.94 -35.86 -24.51
N UNK G 29 -41.11 -36.90 -24.44
CA UNK G 29 -40.94 -37.62 -23.17
C UNK G 29 -40.28 -36.73 -22.12
N UNK G 30 -39.33 -35.89 -22.53
CA UNK G 30 -38.70 -34.97 -21.60
C UNK G 30 -39.71 -33.96 -21.05
N UNK G 31 -40.59 -33.44 -21.93
CA UNK G 31 -41.61 -32.51 -21.47
C UNK G 31 -42.62 -33.19 -20.54
N UNK G 32 -42.95 -34.45 -20.83
CA UNK G 32 -43.86 -35.18 -19.95
C UNK G 32 -43.23 -35.41 -18.58
N UNK G 33 -41.94 -35.77 -18.55
CA UNK G 33 -41.26 -35.96 -17.27
C UNK G 33 -41.15 -34.65 -16.50
N UNK G 34 -40.89 -33.55 -17.21
CA UNK G 34 -40.84 -32.24 -16.54
C UNK G 34 -42.19 -31.85 -15.97
N UNK G 35 -43.27 -32.11 -16.72
CA UNK G 35 -44.60 -31.83 -16.21
C UNK G 35 -44.93 -32.69 -15.00
N UNK G 36 -44.50 -33.96 -15.01
CA UNK G 36 -44.75 -34.83 -13.86
C UNK G 36 -43.99 -34.34 -12.63
N UNK G 37 -42.73 -33.94 -12.81
CA UNK G 37 -41.96 -33.41 -11.68
C UNK G 37 -42.57 -32.13 -11.15
N UNK G 38 -43.01 -31.24 -12.04
CA UNK G 38 -43.65 -30.00 -11.59
C UNK G 38 -44.95 -30.29 -10.86
N UNK G 39 -45.70 -31.30 -11.32
CA UNK G 39 -46.94 -31.67 -10.64
C UNK G 39 -46.66 -32.24 -9.25
N UNK G 40 -45.60 -33.05 -9.13
CA UNK G 40 -45.22 -33.56 -7.82
C UNK G 40 -44.82 -32.43 -6.87
N UNK G 41 -44.04 -31.48 -7.38
CA UNK G 41 -43.63 -30.34 -6.54
C UNK G 41 -44.83 -29.50 -6.13
N UNK G 42 -45.77 -29.28 -7.06
CA UNK G 42 -46.97 -28.51 -6.74
C UNK G 42 -47.84 -29.24 -5.73
N UNK G 43 -47.93 -30.57 -5.83
CA UNK G 43 -48.70 -31.33 -4.86
C UNK G 43 -48.05 -31.26 -3.48
N UNK G 44 -46.71 -31.32 -3.43
CA UNK G 44 -46.02 -31.17 -2.15
C UNK G 44 -46.28 -29.80 -1.55
N UNK G 45 -46.21 -28.74 -2.38
CA UNK G 45 -46.46 -27.40 -1.89
C UNK G 45 -47.90 -27.24 -1.40
N UNK G 46 -48.86 -27.85 -2.12
CA UNK G 46 -50.26 -27.75 -1.71
C UNK G 46 -50.50 -28.50 -0.40
N UNK G 47 -49.88 -29.67 -0.22
CA UNK G 47 -50.01 -30.38 1.04
C UNK G 47 -49.38 -29.60 2.18
N UNK G 48 -48.24 -28.95 1.92
CA UNK G 48 -47.62 -28.12 2.95
C UNK G 48 -48.51 -26.94 3.32
N UNK G 49 -49.13 -26.30 2.32
CA UNK G 49 -50.04 -25.19 2.61
C UNK G 49 -51.26 -25.65 3.38
N UNK G 50 -51.79 -26.82 3.05
CA UNK G 50 -52.94 -27.35 3.77
C UNK G 50 -52.58 -27.67 5.22
N UNK G 51 -51.39 -28.25 5.44
CA UNK G 51 -50.95 -28.52 6.80
C UNK G 51 -50.75 -27.24 7.59
N UNK G 52 -50.20 -26.20 6.94
CA UNK G 52 -50.00 -24.93 7.62
C UNK G 52 -51.33 -24.25 7.95
N UNK G 53 -52.32 -24.39 7.07
CA UNK G 53 -53.63 -23.82 7.35
C UNK G 53 -54.34 -24.58 8.47
N UNK G 54 -54.21 -25.91 8.49
CA UNK G 54 -54.83 -26.69 9.55
C UNK G 54 -54.16 -26.47 10.90
N UNK G 55 -52.85 -26.22 10.90
CA UNK G 55 -52.15 -25.97 12.16
C UNK G 55 -52.54 -24.61 12.73
N UNK G 56 -52.82 -23.64 11.86
CA UNK G 56 -53.19 -22.30 12.32
C UNK G 56 -54.70 -22.18 12.50
#